data_2W6U
#
_entry.id   2W6U
#
_cell.length_a   194.774
_cell.length_b   129.928
_cell.length_c   141.565
_cell.angle_alpha   90.00
_cell.angle_beta   130.36
_cell.angle_gamma   90.00
#
_symmetry.space_group_name_H-M   'C 1 2 1'
#
loop_
_entity.id
_entity.type
_entity.pdbx_description
1 polymer 'FERRIPYOVERDINE RECEPTOR'
2 polymer 'PYOVERDIN G173'
3 non-polymer 3,6,9,12,15-PENTAOXATRICOSAN-1-OL
4 non-polymer 'PHOSPHATE ION'
5 non-polymer (1S)-1-CARBOXY-5-[(3-CARBOXYPROPANOYL)AMINO]-8,9-DIHYDROXY-1,2,3,4-TETRAHYDROPYRIMIDO[1,2-A]QUINOLIN-11-IUM
6 non-polymer 'FE (III) ION'
#
loop_
_entity_poly.entity_id
_entity_poly.type
_entity_poly.pdbx_seq_one_letter_code
_entity_poly.pdbx_strand_id
1 'polypeptide(L)'
;QEVEFDIPPQALGSALQEFGRQADIQVLYRPEEVRNKRSSAIKGKLEPNQAITELLRGTGASVDFQGNAITISVAEAADS
SVDLGATMITSNQLGTITEDSGSYTPGTIATATRLVLTPRETPQSITVVTRQNMDDFGLNNIDDVMRHTPGITVSAYDTD
RNNYYARGFSINNFQYDGIPSTARNVGYSAGNTLSDMAIYDRVEVLKGATGLLTGAGSLGATINLIRKKPTHEFKGHVEL
GAGSWDNYRSELDVSGPLTESGNVRGRAVAAYQDKHSFMDHYERKTSVYYGILEFDLNPDTMLTVGADYQDNDPKGSGWS
GSFPLFDSQGNRNDVSRSFNNGAKWSSWEQYTRTVFANLEHNFANGWVGKVQLDHKINGYHAPLGAIMGDWPAPDNSAKI
VAQKYTGETKSNSLDIYLTGPFQFLGREHELVVGTSASFSHWEGKSYWNLRNYDNTTDDFINWDGDIGKPDWGTPSQYID
DKTRQLGSYMTARFNVTDDLNLFLGGRVVDYRVTGLNPTIRESGRFIPYVGAVYDLNDTYSVYASYTDIFMPQDSWYRDS
SNKLLEPDEGQNYEIGIKGEYLDGRLNTSLAYFEIHEENRAEEDALYNSKPTNPAITYAYKGIKAKTKGYEAEISGELAP
GWQVQAGYTHKIIRDDSGKKVSTWEPQDQLSLYTSYKFKGALDKLTVGGGARWQGKSWQMVYNNPRSRWEKFSQEDYWLV
DLMARYQITDKLSASVNVNNVFDKTYYTNIGFYTSASYGDPRNLMFSTRWDF
;
A,B
2 'polypeptide(L)' (DSN)A(AHO)(ORN)(DAS)(AHO)S C
#
loop_
_chem_comp.id
_chem_comp.type
_chem_comp.name
_chem_comp.formula
FE non-polymer 'FE (III) ION' 'Fe 3'
N8E non-polymer 3,6,9,12,15-PENTAOXATRICOSAN-1-OL 'C18 H38 O6'
PO4 non-polymer 'PHOSPHATE ION' 'O4 P -3'
PVE non-polymer (1S)-1-CARBOXY-5-[(3-CARBOXYPROPANOYL)AMINO]-8,9-DIHYDROXY-1,2,3,4-TETRAHYDROPYRIMIDO[1,2-A]QUINOLIN-11-IUM 'C17 H18 N3 O7 1'
#
# COMPACT_ATOMS: atom_id res chain seq x y z
N GLN A 1 19.07 11.64 -14.89
CA GLN A 1 19.85 10.44 -15.31
C GLN A 1 20.11 10.38 -16.84
N GLU A 2 21.29 9.85 -17.21
CA GLU A 2 21.90 9.82 -18.56
C GLU A 2 21.04 9.41 -19.77
N VAL A 3 21.19 10.10 -20.92
CA VAL A 3 20.42 9.82 -22.16
C VAL A 3 21.28 9.55 -23.42
N GLU A 4 20.71 8.85 -24.40
CA GLU A 4 21.45 8.45 -25.59
C GLU A 4 21.40 9.55 -26.64
N PHE A 5 22.52 10.21 -26.91
CA PHE A 5 22.50 11.35 -27.83
C PHE A 5 23.18 11.17 -29.21
N ASP A 6 22.63 11.89 -30.20
CA ASP A 6 23.20 11.95 -31.56
C ASP A 6 22.71 13.21 -32.32
N ILE A 7 23.33 14.36 -32.09
CA ILE A 7 22.96 15.55 -32.85
C ILE A 7 24.16 16.14 -33.57
N PRO A 8 24.28 15.82 -34.86
CA PRO A 8 25.30 16.37 -35.75
C PRO A 8 25.12 17.89 -35.89
N PRO A 9 26.23 18.63 -36.11
CA PRO A 9 26.21 20.10 -36.25
C PRO A 9 25.35 20.60 -37.44
N GLN A 10 24.44 21.53 -37.17
CA GLN A 10 23.43 22.01 -38.11
C GLN A 10 22.96 23.33 -37.56
N ALA A 11 21.99 23.96 -38.21
CA ALA A 11 21.46 25.23 -37.66
C ALA A 11 21.06 25.05 -36.19
N LEU A 12 21.38 26.06 -35.39
CA LEU A 12 21.22 25.97 -33.97
C LEU A 12 19.75 25.66 -33.73
N GLY A 13 18.86 26.23 -34.54
CA GLY A 13 17.42 25.93 -34.54
C GLY A 13 17.07 24.44 -34.61
N SER A 14 17.43 23.76 -35.72
CA SER A 14 17.22 22.31 -35.81
C SER A 14 17.91 21.55 -34.68
N ALA A 15 19.01 22.08 -34.20
CA ALA A 15 19.72 21.34 -33.21
C ALA A 15 18.91 21.46 -31.96
N LEU A 16 18.36 22.65 -31.70
CA LEU A 16 17.60 22.85 -30.48
C LEU A 16 16.32 22.01 -30.46
N GLN A 17 15.59 21.99 -31.59
CA GLN A 17 14.44 21.11 -31.72
C GLN A 17 14.79 19.60 -31.69
N GLU A 18 15.99 19.20 -32.16
CA GLU A 18 16.35 17.77 -32.23
C GLU A 18 16.71 17.38 -30.84
N PHE A 19 17.27 18.34 -30.08
CA PHE A 19 17.63 18.10 -28.66
C PHE A 19 16.34 17.88 -27.85
N GLY A 20 15.35 18.76 -28.02
CA GLY A 20 14.14 18.61 -27.25
C GLY A 20 13.60 17.19 -27.29
N ARG A 21 13.68 16.59 -28.49
CA ARG A 21 13.10 15.26 -28.78
C ARG A 21 13.90 14.19 -28.15
N GLN A 22 15.13 14.05 -28.58
CA GLN A 22 16.02 13.05 -27.99
C GLN A 22 16.10 13.12 -26.47
N ALA A 23 15.79 14.26 -25.87
CA ALA A 23 15.95 14.42 -24.43
C ALA A 23 14.63 14.42 -23.64
N ASP A 24 13.50 14.38 -24.36
CA ASP A 24 12.15 14.42 -23.75
C ASP A 24 11.89 15.69 -22.90
N ILE A 25 12.62 16.79 -23.21
CA ILE A 25 12.61 18.02 -22.45
C ILE A 25 12.18 19.10 -23.41
N GLN A 26 11.51 20.14 -22.92
CA GLN A 26 11.08 21.17 -23.83
C GLN A 26 12.07 22.30 -23.92
N VAL A 27 12.37 22.68 -25.16
CA VAL A 27 13.36 23.70 -25.34
C VAL A 27 12.67 24.89 -25.92
N LEU A 28 12.85 26.05 -25.25
CA LEU A 28 12.34 27.36 -25.72
C LEU A 28 13.57 28.15 -26.04
N TYR A 29 13.53 28.88 -27.16
CA TYR A 29 14.60 29.80 -27.55
C TYR A 29 13.98 30.88 -28.42
N ARG A 30 14.70 32.01 -28.57
CA ARG A 30 14.22 33.13 -29.40
C ARG A 30 14.76 32.99 -30.83
N PRO A 31 13.85 32.97 -31.81
CA PRO A 31 14.31 32.83 -33.18
C PRO A 31 15.48 33.77 -33.55
N GLU A 32 15.32 35.09 -33.40
CA GLU A 32 16.36 35.94 -33.92
C GLU A 32 17.66 35.78 -33.14
N GLU A 33 17.67 35.02 -32.06
CA GLU A 33 18.92 34.83 -31.31
C GLU A 33 19.79 33.66 -31.83
N VAL A 34 19.14 32.62 -32.37
CA VAL A 34 19.83 31.42 -32.87
C VAL A 34 19.95 31.31 -34.41
N ARG A 35 19.92 32.41 -35.14
CA ARG A 35 19.59 32.33 -36.58
C ARG A 35 20.79 31.95 -37.46
N ASN A 36 21.92 32.54 -37.14
CA ASN A 36 23.05 32.54 -38.04
C ASN A 36 24.11 31.88 -37.20
N LYS A 37 23.66 30.92 -36.42
CA LYS A 37 24.51 30.23 -35.47
C LYS A 37 24.33 28.77 -35.75
N ARG A 38 25.36 27.98 -35.43
CA ARG A 38 25.35 26.52 -35.57
C ARG A 38 25.90 25.85 -34.30
N SER A 39 25.42 24.62 -34.06
CA SER A 39 25.63 23.86 -32.83
C SER A 39 26.84 22.97 -33.00
N SER A 40 27.53 22.64 -31.91
CA SER A 40 28.63 21.71 -32.08
C SER A 40 28.11 20.33 -31.91
N ALA A 41 28.79 19.39 -32.57
CA ALA A 41 28.49 17.95 -32.50
C ALA A 41 28.29 17.43 -31.09
N ILE A 42 27.28 16.60 -30.86
CA ILE A 42 27.25 15.79 -29.62
C ILE A 42 26.96 14.33 -29.94
N LYS A 43 27.78 13.43 -29.40
CA LYS A 43 27.57 11.98 -29.57
C LYS A 43 27.73 11.10 -28.31
N GLY A 44 26.73 10.27 -28.01
CA GLY A 44 26.84 9.20 -26.97
C GLY A 44 25.83 9.21 -25.81
N LYS A 45 25.89 8.20 -24.93
CA LYS A 45 25.10 8.19 -23.69
C LYS A 45 25.63 9.34 -22.82
N LEU A 46 24.73 10.21 -22.32
CA LEU A 46 25.11 11.48 -21.63
C LEU A 46 24.07 12.01 -20.66
N GLU A 47 24.48 12.68 -19.58
CA GLU A 47 23.49 13.40 -18.79
C GLU A 47 23.08 14.69 -19.52
N PRO A 48 21.75 14.89 -19.72
CA PRO A 48 21.15 15.95 -20.51
C PRO A 48 21.70 17.34 -20.27
N ASN A 49 22.12 17.63 -19.05
CA ASN A 49 22.70 18.94 -18.79
C ASN A 49 24.15 19.07 -19.27
N GLN A 50 24.92 17.98 -19.24
CA GLN A 50 26.21 17.98 -19.92
C GLN A 50 25.99 18.16 -21.44
N ALA A 51 25.15 17.29 -22.03
CA ALA A 51 24.72 17.36 -23.45
C ALA A 51 24.41 18.77 -24.03
N ILE A 52 23.57 19.55 -23.36
CA ILE A 52 23.21 20.88 -23.88
C ILE A 52 24.35 21.91 -23.84
N THR A 53 25.04 22.02 -22.70
CA THR A 53 26.23 22.88 -22.64
C THR A 53 27.25 22.41 -23.66
N GLU A 54 27.28 21.13 -24.00
CA GLU A 54 28.20 20.65 -25.01
C GLU A 54 27.69 21.07 -26.39
N LEU A 55 26.36 21.00 -26.57
CA LEU A 55 25.74 21.36 -27.87
C LEU A 55 25.87 22.85 -28.18
N LEU A 56 25.80 23.68 -27.15
CA LEU A 56 25.86 25.13 -27.35
C LEU A 56 27.28 25.66 -27.46
N ARG A 57 28.25 24.80 -27.16
CA ARG A 57 29.65 25.25 -27.20
C ARG A 57 29.95 26.09 -28.46
N GLY A 58 30.53 27.26 -28.27
CA GLY A 58 30.85 28.14 -29.38
C GLY A 58 29.80 29.14 -29.82
N THR A 59 28.59 29.07 -29.26
CA THR A 59 27.43 29.81 -29.77
C THR A 59 27.01 31.07 -29.01
N GLY A 60 27.72 31.47 -27.95
CA GLY A 60 27.29 32.57 -27.03
C GLY A 60 26.10 32.26 -26.12
N ALA A 61 25.55 31.06 -26.22
CA ALA A 61 24.29 30.78 -25.54
C ALA A 61 24.45 30.25 -24.13
N SER A 62 23.45 30.59 -23.28
CA SER A 62 23.33 30.16 -21.88
C SER A 62 22.07 29.29 -21.69
N VAL A 63 21.92 28.65 -20.55
CA VAL A 63 20.82 27.70 -20.36
C VAL A 63 20.16 27.90 -19.03
N ASP A 64 18.85 28.14 -19.04
CA ASP A 64 18.08 28.23 -17.81
C ASP A 64 17.40 26.89 -17.53
N PHE A 65 17.96 26.09 -16.63
CA PHE A 65 17.31 24.84 -16.31
C PHE A 65 15.97 25.06 -15.60
N GLN A 66 14.87 24.59 -16.22
CA GLN A 66 13.51 24.76 -15.68
C GLN A 66 12.54 23.55 -15.64
N GLY A 67 12.99 22.56 -14.88
CA GLY A 67 12.22 21.39 -14.56
C GLY A 67 12.23 20.65 -15.83
N ASN A 68 11.02 20.40 -16.39
CA ASN A 68 10.90 19.80 -17.74
C ASN A 68 11.23 20.78 -18.94
N ALA A 69 11.50 22.05 -18.67
CA ALA A 69 11.87 22.96 -19.75
C ALA A 69 13.30 23.50 -19.55
N ILE A 70 14.00 23.77 -20.67
CA ILE A 70 15.19 24.60 -20.56
C ILE A 70 14.93 25.77 -21.48
N THR A 71 15.22 26.98 -21.04
CA THR A 71 15.20 28.01 -22.05
C THR A 71 16.57 28.54 -22.37
N ILE A 72 16.87 28.62 -23.66
CA ILE A 72 18.14 29.11 -24.18
C ILE A 72 18.05 30.65 -24.37
N SER A 73 19.04 31.36 -23.85
CA SER A 73 19.12 32.81 -24.07
C SER A 73 20.52 33.15 -24.65
N VAL A 74 20.68 34.30 -25.29
CA VAL A 74 22.05 34.72 -25.68
C VAL A 74 22.25 36.17 -25.25
N ALA A 75 23.03 36.37 -24.19
CA ALA A 75 23.17 37.68 -23.59
C ALA A 75 24.06 38.63 -24.45
N GLU A 76 23.79 39.94 -24.37
CA GLU A 76 24.61 40.99 -25.02
C GLU A 76 25.17 41.88 -23.93
N ALA A 77 26.32 42.48 -24.14
CA ALA A 77 26.83 43.47 -23.21
C ALA A 77 26.19 44.81 -23.50
N ALA A 78 25.32 44.83 -24.51
CA ALA A 78 24.43 45.98 -24.76
C ALA A 78 23.15 46.01 -23.82
N ASP A 79 22.11 45.22 -24.11
CA ASP A 79 20.89 45.06 -23.25
C ASP A 79 20.18 46.30 -22.66
N SER A 80 19.49 47.02 -23.56
CA SER A 80 18.77 48.31 -23.34
C SER A 80 17.66 48.32 -22.22
N SER A 81 17.28 47.10 -21.81
CA SER A 81 16.15 46.73 -20.90
C SER A 81 15.61 45.37 -21.44
N VAL A 82 14.77 44.67 -20.67
CA VAL A 82 14.44 43.29 -21.00
C VAL A 82 13.06 43.06 -21.59
N ASP A 83 12.99 42.15 -22.56
CA ASP A 83 11.74 41.72 -23.17
C ASP A 83 11.34 40.35 -22.60
N LEU A 84 10.61 40.34 -21.47
CA LEU A 84 10.29 39.11 -20.74
C LEU A 84 9.39 38.19 -21.51
N GLY A 85 8.40 38.77 -22.20
CA GLY A 85 7.52 38.00 -23.07
C GLY A 85 7.90 37.99 -24.54
N ALA A 86 9.20 38.08 -24.85
CA ALA A 86 9.68 37.96 -26.22
C ALA A 86 9.24 36.65 -26.86
N THR A 87 9.07 36.72 -28.18
CA THR A 87 8.71 35.59 -29.04
C THR A 87 9.74 34.51 -29.01
N MET A 88 9.26 33.36 -28.56
CA MET A 88 10.04 32.16 -28.32
C MET A 88 9.44 30.97 -29.01
N ILE A 89 10.25 30.35 -29.85
CA ILE A 89 9.88 29.11 -30.49
C ILE A 89 10.27 27.97 -29.60
N THR A 90 9.76 26.80 -29.92
CA THR A 90 9.44 25.84 -28.89
C THR A 90 9.44 24.41 -29.40
N SER A 91 10.08 23.49 -28.71
CA SER A 91 10.20 22.13 -29.26
C SER A 91 8.96 21.25 -29.05
N ASN A 92 8.11 21.57 -28.07
CA ASN A 92 6.94 20.75 -27.88
C ASN A 92 5.66 21.56 -28.07
N GLN A 93 4.98 21.39 -29.22
CA GLN A 93 3.76 22.14 -29.55
C GLN A 93 2.60 21.94 -28.54
N LEU A 94 2.67 21.02 -27.60
CA LEU A 94 1.60 21.08 -26.63
C LEU A 94 2.00 21.79 -25.33
N GLY A 95 3.28 22.15 -25.27
CA GLY A 95 3.81 22.74 -24.07
C GLY A 95 4.53 21.69 -23.24
N THR A 96 4.85 22.14 -22.02
CA THR A 96 5.69 21.41 -21.09
C THR A 96 4.95 20.25 -20.41
N ILE A 97 5.55 19.06 -20.45
CA ILE A 97 4.99 17.90 -19.76
C ILE A 97 5.04 18.14 -18.25
N THR A 98 3.99 17.77 -17.53
CA THR A 98 3.98 17.98 -16.13
C THR A 98 4.48 16.77 -15.33
N GLU A 99 4.33 15.55 -15.87
CA GLU A 99 4.80 14.30 -15.25
C GLU A 99 6.23 14.43 -14.74
N ASP A 100 6.50 14.03 -13.50
CA ASP A 100 7.84 14.26 -12.85
C ASP A 100 8.33 15.71 -12.66
N SER A 101 7.49 16.69 -12.92
CA SER A 101 7.86 18.03 -12.57
C SER A 101 7.86 18.24 -11.05
N GLY A 102 7.30 17.29 -10.30
CA GLY A 102 6.96 17.55 -8.91
C GLY A 102 6.22 18.87 -8.55
N SER A 103 5.54 19.51 -9.51
CA SER A 103 4.89 20.77 -9.27
C SER A 103 3.38 20.75 -9.54
N TYR A 104 2.68 21.71 -8.95
CA TYR A 104 1.27 21.89 -9.23
C TYR A 104 0.98 23.02 -10.18
N THR A 105 1.97 23.87 -10.49
CA THR A 105 1.79 24.87 -11.54
C THR A 105 2.31 24.38 -12.91
N PRO A 106 1.61 24.70 -13.97
CA PRO A 106 2.01 24.17 -15.26
C PRO A 106 3.28 24.83 -15.81
N GLY A 107 3.82 24.28 -16.90
CA GLY A 107 5.05 24.73 -17.56
C GLY A 107 4.56 25.69 -18.60
N THR A 108 4.65 25.37 -19.91
CA THR A 108 4.07 26.22 -20.99
C THR A 108 2.79 25.60 -21.48
N ILE A 109 2.01 26.26 -22.31
CA ILE A 109 0.68 25.79 -22.62
C ILE A 109 0.22 26.30 -24.00
N ALA A 110 -0.60 25.56 -24.77
CA ALA A 110 -1.12 26.15 -26.03
C ALA A 110 -2.62 26.08 -26.14
N THR A 111 -3.28 25.99 -25.01
CA THR A 111 -4.73 25.87 -24.95
C THR A 111 -5.44 27.07 -25.60
N ALA A 112 -4.85 28.26 -25.42
CA ALA A 112 -5.52 29.47 -25.81
C ALA A 112 -5.38 29.72 -27.29
N THR A 113 -4.24 29.46 -27.91
CA THR A 113 -4.12 29.97 -29.25
C THR A 113 -3.48 29.08 -30.29
N ARG A 114 -3.05 27.88 -29.87
CA ARG A 114 -2.12 27.00 -30.63
C ARG A 114 -0.60 27.34 -30.49
N LEU A 115 -0.32 28.60 -30.10
CA LEU A 115 1.06 29.11 -29.73
C LEU A 115 1.50 28.76 -28.32
N VAL A 116 2.58 28.02 -28.16
CA VAL A 116 3.12 27.72 -26.82
C VAL A 116 3.52 28.99 -26.01
N LEU A 117 2.77 29.25 -24.93
CA LEU A 117 2.93 30.45 -24.09
C LEU A 117 2.90 30.06 -22.64
N THR A 118 3.56 30.83 -21.78
CA THR A 118 3.50 30.49 -20.37
C THR A 118 2.23 31.13 -19.86
N PRO A 119 1.74 30.71 -18.67
CA PRO A 119 0.54 31.37 -18.13
C PRO A 119 0.66 32.92 -17.97
N ARG A 120 1.84 33.43 -17.64
CA ARG A 120 1.93 34.89 -17.62
C ARG A 120 1.75 35.54 -19.02
N GLU A 121 2.10 34.80 -20.07
CA GLU A 121 1.95 35.25 -21.45
C GLU A 121 0.53 35.07 -21.98
N THR A 122 -0.32 34.30 -21.29
CA THR A 122 -1.62 33.90 -21.86
C THR A 122 -2.74 34.83 -21.36
N PRO A 123 -3.35 35.61 -22.25
CA PRO A 123 -4.20 36.67 -21.81
C PRO A 123 -5.60 36.17 -21.65
N GLN A 124 -5.72 35.01 -21.01
CA GLN A 124 -7.02 34.47 -20.65
C GLN A 124 -6.82 33.70 -19.39
N SER A 125 -7.89 33.42 -18.65
CA SER A 125 -7.75 32.60 -17.47
C SER A 125 -7.53 31.16 -17.86
N ILE A 126 -6.39 30.57 -17.51
CA ILE A 126 -6.10 29.17 -17.83
C ILE A 126 -5.69 28.51 -16.51
N THR A 127 -6.45 27.50 -16.05
CA THR A 127 -6.16 26.71 -14.84
C THR A 127 -5.78 25.27 -15.28
N VAL A 128 -4.77 24.68 -14.62
CA VAL A 128 -4.28 23.37 -15.03
C VAL A 128 -4.12 22.45 -13.83
N VAL A 129 -4.63 21.24 -13.94
CA VAL A 129 -4.40 20.28 -12.93
C VAL A 129 -3.27 19.44 -13.40
N THR A 130 -2.17 19.41 -12.62
CA THR A 130 -0.92 18.87 -13.12
C THR A 130 -0.85 17.45 -12.73
N ARG A 131 -0.12 16.68 -13.56
CA ARG A 131 0.10 15.28 -13.28
C ARG A 131 0.40 15.00 -11.83
N GLN A 132 1.16 15.81 -11.10
CA GLN A 132 1.48 15.35 -9.76
C GLN A 132 0.35 15.57 -8.83
N ASN A 133 -0.51 16.51 -9.18
CA ASN A 133 -1.70 16.83 -8.38
C ASN A 133 -2.57 15.60 -8.46
N MET A 134 -2.70 15.05 -9.66
CA MET A 134 -3.61 13.93 -9.83
C MET A 134 -3.13 12.77 -8.97
N ASP A 135 -1.81 12.57 -8.99
CA ASP A 135 -1.13 11.53 -8.21
C ASP A 135 -1.33 11.66 -6.71
N ASP A 136 -0.99 12.83 -6.16
CA ASP A 136 -1.07 13.08 -4.73
C ASP A 136 -2.52 13.02 -4.23
N PHE A 137 -3.47 13.53 -5.01
CA PHE A 137 -4.84 13.67 -4.47
C PHE A 137 -5.85 12.59 -4.88
N GLY A 138 -5.37 11.58 -5.61
CA GLY A 138 -6.19 10.44 -5.97
C GLY A 138 -7.07 10.72 -7.17
N LEU A 139 -6.67 11.64 -8.01
CA LEU A 139 -7.67 12.12 -8.92
C LEU A 139 -7.73 11.17 -10.09
N ASN A 140 -8.55 10.13 -10.01
CA ASN A 140 -8.44 9.09 -11.02
C ASN A 140 -9.27 9.24 -12.26
N ASN A 141 -10.21 10.17 -12.23
CA ASN A 141 -10.99 10.40 -13.42
C ASN A 141 -11.30 11.88 -13.54
N ILE A 142 -12.07 12.24 -14.58
CA ILE A 142 -12.26 13.65 -14.88
C ILE A 142 -13.21 14.27 -13.85
N ASP A 143 -14.10 13.47 -13.32
CA ASP A 143 -14.94 14.00 -12.28
C ASP A 143 -14.14 14.42 -11.07
N ASP A 144 -13.24 13.54 -10.63
CA ASP A 144 -12.36 13.86 -9.50
C ASP A 144 -11.50 15.08 -9.80
N VAL A 145 -11.00 15.22 -11.03
CA VAL A 145 -10.20 16.40 -11.38
C VAL A 145 -11.01 17.69 -11.32
N MET A 146 -12.17 17.71 -11.96
CA MET A 146 -13.01 18.93 -12.00
C MET A 146 -13.31 19.39 -10.58
N ARG A 147 -13.68 18.45 -9.71
CA ARG A 147 -13.97 18.83 -8.34
C ARG A 147 -12.80 19.58 -7.74
N HIS A 148 -11.56 19.21 -8.11
CA HIS A 148 -10.29 19.81 -7.55
C HIS A 148 -9.77 20.94 -8.43
N THR A 149 -10.60 21.38 -9.38
CA THR A 149 -10.19 22.44 -10.29
C THR A 149 -10.73 23.77 -9.86
N PRO A 150 -9.85 24.69 -9.56
CA PRO A 150 -10.27 26.07 -9.20
C PRO A 150 -11.26 26.77 -10.16
N GLY A 151 -12.43 27.09 -9.67
CA GLY A 151 -13.38 27.85 -10.48
C GLY A 151 -14.45 26.95 -11.04
N ILE A 152 -14.32 25.67 -10.77
CA ILE A 152 -15.25 24.70 -11.28
C ILE A 152 -16.17 24.16 -10.19
N THR A 153 -17.39 23.89 -10.57
CA THR A 153 -18.31 23.27 -9.64
C THR A 153 -18.88 22.08 -10.36
N VAL A 154 -18.86 20.96 -9.69
CA VAL A 154 -19.38 19.72 -10.22
C VAL A 154 -20.72 19.45 -9.54
N SER A 155 -21.80 19.37 -10.31
CA SER A 155 -23.09 18.91 -9.76
C SER A 155 -23.59 17.69 -10.52
N ALA A 156 -24.48 16.92 -9.90
CA ALA A 156 -24.88 15.58 -10.38
C ALA A 156 -26.19 15.66 -11.17
N TYR A 157 -26.23 15.02 -12.35
CA TYR A 157 -27.53 14.65 -13.02
C TYR A 157 -27.99 13.24 -12.53
N ASP A 158 -27.05 12.28 -12.52
CA ASP A 158 -27.28 10.97 -11.95
C ASP A 158 -25.98 10.25 -11.74
N THR A 159 -26.08 9.00 -11.31
CA THR A 159 -24.91 8.23 -10.92
C THR A 159 -23.83 8.16 -12.03
N ASP A 160 -24.25 8.34 -13.29
CA ASP A 160 -23.38 8.10 -14.38
C ASP A 160 -23.17 9.31 -15.24
N ARG A 161 -23.57 10.47 -14.71
CA ARG A 161 -23.37 11.73 -15.44
C ARG A 161 -23.34 12.91 -14.50
N ASN A 162 -22.27 13.71 -14.55
CA ASN A 162 -22.19 14.95 -13.77
C ASN A 162 -22.27 16.20 -14.63
N ASN A 163 -22.09 17.36 -14.03
CA ASN A 163 -22.17 18.61 -14.75
C ASN A 163 -21.15 19.58 -14.21
N TYR A 164 -20.44 20.27 -15.11
CA TYR A 164 -19.38 21.22 -14.75
C TYR A 164 -19.65 22.75 -15.07
N TYR A 165 -19.98 23.56 -14.06
CA TYR A 165 -20.24 25.00 -14.31
C TYR A 165 -18.96 25.80 -14.29
N ALA A 166 -18.79 26.72 -15.20
CA ALA A 166 -17.84 27.79 -14.92
C ALA A 166 -18.49 29.15 -15.22
N ARG A 167 -18.27 30.15 -14.38
CA ARG A 167 -18.80 31.49 -14.67
C ARG A 167 -20.23 31.53 -15.14
N GLY A 168 -21.05 30.62 -14.59
CA GLY A 168 -22.53 30.62 -14.85
C GLY A 168 -23.08 29.72 -15.94
N PHE A 169 -22.20 28.82 -16.39
CA PHE A 169 -22.45 28.01 -17.54
C PHE A 169 -22.08 26.59 -17.38
N SER A 170 -22.86 25.72 -18.05
CA SER A 170 -22.53 24.30 -18.19
C SER A 170 -21.48 24.21 -19.25
N ILE A 171 -20.30 23.66 -18.89
CA ILE A 171 -19.23 23.40 -19.85
C ILE A 171 -19.63 22.24 -20.73
N ASN A 172 -19.65 22.45 -22.03
CA ASN A 172 -19.75 21.36 -23.01
C ASN A 172 -18.63 21.34 -24.03
N ASN A 173 -17.43 21.73 -23.65
CA ASN A 173 -16.36 21.80 -24.60
C ASN A 173 -15.28 20.88 -24.09
N PHE A 174 -15.15 19.72 -24.72
CA PHE A 174 -14.03 18.89 -24.39
C PHE A 174 -13.11 18.77 -25.59
N GLN A 175 -11.80 18.85 -25.34
CA GLN A 175 -10.74 18.39 -26.27
C GLN A 175 -9.82 17.27 -25.77
N TYR A 176 -9.19 16.60 -26.74
CA TYR A 176 -8.18 15.63 -26.45
C TYR A 176 -6.98 15.95 -27.28
N ASP A 177 -5.84 16.24 -26.63
CA ASP A 177 -4.59 16.64 -27.34
C ASP A 177 -4.91 17.84 -28.25
N GLY A 178 -5.59 18.84 -27.69
CA GLY A 178 -6.10 19.98 -28.45
C GLY A 178 -7.09 19.74 -29.59
N ILE A 179 -7.79 18.60 -29.62
CA ILE A 179 -8.76 18.30 -30.71
C ILE A 179 -10.22 18.32 -30.25
N PRO A 180 -11.06 19.30 -30.72
CA PRO A 180 -12.40 19.41 -30.13
C PRO A 180 -13.15 18.17 -30.45
N SER A 181 -14.02 17.73 -29.58
CA SER A 181 -14.88 16.65 -29.97
C SER A 181 -16.21 17.33 -30.34
N THR A 182 -17.17 16.58 -30.86
CA THR A 182 -18.54 17.09 -30.96
C THR A 182 -19.24 16.75 -29.67
N ALA A 183 -19.98 17.71 -29.12
CA ALA A 183 -20.74 17.44 -27.90
C ALA A 183 -22.05 18.20 -27.87
N ARG A 184 -22.73 18.30 -29.02
CA ARG A 184 -24.07 18.89 -29.10
C ARG A 184 -25.03 18.56 -27.93
N ASN A 185 -25.14 17.28 -27.57
CA ASN A 185 -25.97 16.78 -26.44
C ASN A 185 -25.32 15.53 -25.89
N VAL A 186 -26.05 14.83 -25.02
CA VAL A 186 -25.53 13.55 -24.48
C VAL A 186 -25.36 12.48 -25.56
N GLY A 187 -26.08 12.64 -26.66
CA GLY A 187 -25.95 11.74 -27.79
C GLY A 187 -24.49 11.51 -28.20
N TYR A 188 -23.88 12.61 -28.62
CA TYR A 188 -22.53 12.64 -29.18
C TYR A 188 -21.43 12.40 -28.15
N SER A 189 -21.85 12.51 -26.88
CA SER A 189 -20.97 12.87 -25.77
C SER A 189 -20.64 11.79 -24.72
N ALA A 190 -21.24 10.61 -24.85
CA ALA A 190 -21.06 9.44 -23.96
C ALA A 190 -19.69 9.24 -23.34
N GLY A 191 -19.61 9.17 -22.02
CA GLY A 191 -18.36 8.93 -21.35
C GLY A 191 -17.41 10.12 -21.20
N ASN A 192 -17.91 11.30 -21.49
CA ASN A 192 -17.07 12.45 -21.36
C ASN A 192 -16.93 12.85 -19.90
N THR A 193 -18.00 12.69 -19.14
CA THR A 193 -18.02 12.94 -17.71
C THR A 193 -17.14 11.89 -17.03
N LEU A 194 -16.65 10.88 -17.73
CA LEU A 194 -16.04 9.70 -17.05
C LEU A 194 -14.58 9.32 -17.34
N SER A 195 -13.89 10.08 -18.18
CA SER A 195 -12.56 9.65 -18.67
C SER A 195 -11.61 9.37 -17.55
N ASP A 196 -11.04 8.18 -17.60
CA ASP A 196 -9.94 7.78 -16.66
C ASP A 196 -8.64 8.67 -16.73
N MET A 197 -8.00 8.93 -15.61
CA MET A 197 -6.83 9.78 -15.71
C MET A 197 -5.60 9.00 -16.08
N ALA A 198 -5.71 7.67 -16.17
CA ALA A 198 -4.47 6.94 -16.35
C ALA A 198 -3.70 7.26 -17.66
N ILE A 199 -4.39 7.73 -18.70
CA ILE A 199 -3.72 7.88 -19.98
C ILE A 199 -3.27 9.34 -20.17
N TYR A 200 -3.36 10.16 -19.11
CA TYR A 200 -3.13 11.60 -19.30
C TYR A 200 -2.04 12.25 -18.45
N ASP A 201 -1.32 13.14 -19.10
CA ASP A 201 -0.42 13.99 -18.39
C ASP A 201 -1.10 15.12 -17.60
N ARG A 202 -2.33 15.50 -17.92
CA ARG A 202 -2.88 16.68 -17.25
C ARG A 202 -4.06 17.23 -17.99
N VAL A 203 -4.85 18.00 -17.27
CA VAL A 203 -6.02 18.59 -17.89
C VAL A 203 -5.93 20.06 -17.71
N GLU A 204 -5.97 20.78 -18.81
CA GLU A 204 -5.89 22.16 -18.77
C GLU A 204 -7.24 22.77 -19.12
N VAL A 205 -7.74 23.57 -18.19
CA VAL A 205 -8.99 24.27 -18.39
C VAL A 205 -8.93 25.83 -18.71
N LEU A 206 -9.39 26.20 -19.89
CA LEU A 206 -9.45 27.56 -20.31
C LEU A 206 -10.82 28.07 -19.99
N LYS A 207 -10.93 29.10 -19.16
CA LYS A 207 -12.22 29.55 -18.69
C LYS A 207 -12.56 30.84 -19.38
N GLY A 208 -13.82 31.07 -19.75
CA GLY A 208 -14.22 32.29 -20.46
C GLY A 208 -15.05 31.94 -21.71
N ALA A 209 -14.71 32.55 -22.85
CA ALA A 209 -15.29 32.19 -24.16
C ALA A 209 -14.21 31.64 -25.09
N THR A 210 -14.28 30.37 -25.45
CA THR A 210 -13.15 29.79 -26.09
C THR A 210 -13.39 29.38 -27.54
N GLY A 211 -14.07 30.25 -28.27
CA GLY A 211 -14.41 30.00 -29.70
C GLY A 211 -13.18 29.80 -30.62
N LEU A 212 -12.15 30.65 -30.44
CA LEU A 212 -11.01 30.61 -31.32
C LEU A 212 -10.50 29.21 -31.69
N LEU A 213 -10.36 28.29 -30.71
CA LEU A 213 -9.85 26.98 -31.09
C LEU A 213 -10.84 25.89 -30.88
N THR A 214 -11.95 26.23 -30.24
CA THR A 214 -12.98 25.23 -29.94
C THR A 214 -13.91 25.19 -31.11
N GLY A 215 -14.06 26.35 -31.77
CA GLY A 215 -15.13 26.54 -32.76
C GLY A 215 -16.47 26.71 -32.08
N ALA A 216 -17.50 26.04 -32.56
CA ALA A 216 -18.83 26.19 -31.98
C ALA A 216 -18.91 25.45 -30.65
N GLY A 217 -19.20 26.16 -29.56
CA GLY A 217 -19.32 25.44 -28.32
C GLY A 217 -20.11 26.23 -27.32
N SER A 218 -20.11 25.77 -26.07
CA SER A 218 -20.80 26.47 -24.98
C SER A 218 -19.94 27.57 -24.39
N LEU A 219 -20.52 28.42 -23.54
CA LEU A 219 -19.78 29.48 -22.86
C LEU A 219 -19.12 28.88 -21.61
N GLY A 220 -18.30 29.65 -20.89
CA GLY A 220 -17.80 29.18 -19.60
C GLY A 220 -16.37 28.69 -19.67
N ALA A 221 -16.11 27.69 -20.51
CA ALA A 221 -14.83 26.99 -20.45
C ALA A 221 -14.63 25.86 -21.48
N THR A 222 -13.36 25.56 -21.74
CA THR A 222 -12.97 24.35 -22.45
C THR A 222 -12.10 23.54 -21.57
N ILE A 223 -12.35 22.24 -21.56
CA ILE A 223 -11.55 21.31 -20.80
C ILE A 223 -10.70 20.58 -21.83
N ASN A 224 -9.39 20.84 -21.83
CA ASN A 224 -8.54 20.24 -22.85
C ASN A 224 -7.68 19.21 -22.14
N LEU A 225 -7.91 17.91 -22.40
CA LEU A 225 -7.11 16.82 -21.75
C LEU A 225 -5.92 16.44 -22.64
N ILE A 226 -4.74 16.30 -22.04
CA ILE A 226 -3.52 16.08 -22.81
C ILE A 226 -3.04 14.66 -22.62
N ARG A 227 -2.74 13.94 -23.70
CA ARG A 227 -2.41 12.50 -23.59
C ARG A 227 -1.00 12.22 -23.08
N LYS A 228 -0.76 11.08 -22.46
CA LYS A 228 0.64 10.72 -22.12
C LYS A 228 1.40 10.33 -23.36
N LYS A 229 2.71 10.68 -23.38
CA LYS A 229 3.60 10.44 -24.53
C LYS A 229 4.72 9.42 -24.25
N PRO A 230 5.21 8.74 -25.31
CA PRO A 230 6.34 7.84 -25.12
C PRO A 230 7.58 8.67 -24.87
N THR A 231 8.66 8.00 -24.46
CA THR A 231 9.93 8.63 -24.10
C THR A 231 11.06 7.80 -24.61
N HIS A 232 12.27 8.34 -24.49
CA HIS A 232 13.49 7.72 -25.01
C HIS A 232 14.23 6.78 -24.11
N GLU A 233 14.11 6.98 -22.80
CA GLU A 233 14.63 6.07 -21.80
C GLU A 233 13.48 5.16 -21.46
N PHE A 234 13.74 3.88 -21.24
CA PHE A 234 12.68 2.96 -20.74
C PHE A 234 12.08 3.35 -19.37
N LYS A 235 10.78 3.17 -19.16
CA LYS A 235 10.27 3.26 -17.78
C LYS A 235 8.77 3.03 -17.62
N GLY A 236 8.38 2.42 -16.50
CA GLY A 236 6.96 2.40 -16.15
C GLY A 236 6.62 2.07 -14.70
N HIS A 237 5.34 1.97 -14.39
CA HIS A 237 4.99 1.62 -13.02
C HIS A 237 3.73 0.78 -12.93
N VAL A 238 3.49 0.27 -11.74
CA VAL A 238 2.37 -0.58 -11.58
C VAL A 238 1.89 0.01 -10.32
N GLU A 239 0.58 0.16 -10.26
CA GLU A 239 -0.03 0.79 -9.14
C GLU A 239 -1.23 -0.07 -8.78
N LEU A 240 -1.53 -0.23 -7.50
CA LEU A 240 -2.66 -1.08 -7.03
C LEU A 240 -3.32 -0.36 -5.86
N GLY A 241 -4.66 -0.39 -5.82
CA GLY A 241 -5.39 0.52 -4.91
C GLY A 241 -6.63 -0.04 -4.26
N ALA A 242 -7.02 0.48 -3.10
CA ALA A 242 -8.16 -0.10 -2.38
C ALA A 242 -8.73 0.86 -1.38
N GLY A 243 -9.97 1.30 -1.63
CA GLY A 243 -10.70 2.26 -0.77
C GLY A 243 -12.16 1.91 -0.38
N SER A 244 -12.75 2.79 0.41
CA SER A 244 -14.11 2.66 0.89
C SER A 244 -15.00 2.04 -0.16
N TRP A 245 -15.84 1.10 0.27
CA TRP A 245 -16.90 0.46 -0.55
C TRP A 245 -16.42 -0.42 -1.66
N ASP A 246 -15.50 -1.30 -1.33
CA ASP A 246 -15.09 -2.36 -2.25
C ASP A 246 -14.69 -1.79 -3.59
N ASN A 247 -13.88 -0.72 -3.55
CA ASN A 247 -13.38 0.07 -4.62
C ASN A 247 -11.94 -0.35 -4.82
N TYR A 248 -11.63 -1.04 -5.92
CA TYR A 248 -10.30 -1.67 -6.15
C TYR A 248 -9.84 -1.23 -7.49
N ARG A 249 -8.55 -0.97 -7.66
CA ARG A 249 -8.04 -0.38 -8.92
C ARG A 249 -6.61 -0.86 -9.21
N SER A 250 -6.34 -1.38 -10.40
CA SER A 250 -4.93 -1.63 -10.76
C SER A 250 -4.62 -0.74 -11.91
N GLU A 251 -3.34 -0.49 -12.20
CA GLU A 251 -2.94 0.35 -13.36
C GLU A 251 -1.54 0.13 -13.86
N LEU A 252 -1.35 -0.08 -15.16
CA LEU A 252 0.01 -0.39 -15.71
C LEU A 252 0.35 0.62 -16.77
N ASP A 253 1.59 1.13 -16.72
CA ASP A 253 2.04 2.27 -17.58
C ASP A 253 3.51 2.03 -17.92
N VAL A 254 3.77 1.87 -19.20
CA VAL A 254 5.03 1.33 -19.73
C VAL A 254 5.41 2.14 -20.96
N SER A 255 6.68 2.48 -21.03
CA SER A 255 7.09 3.37 -22.04
C SER A 255 8.58 3.40 -22.37
N GLY A 256 8.90 3.57 -23.66
CA GLY A 256 10.30 3.79 -24.04
C GLY A 256 10.68 3.51 -25.47
N PRO A 257 12.02 3.41 -25.76
CA PRO A 257 12.54 3.02 -27.08
C PRO A 257 12.26 1.54 -27.38
N LEU A 258 11.85 1.29 -28.62
CA LEU A 258 11.43 0.00 -29.14
C LEU A 258 12.39 -0.46 -30.21
N THR A 259 13.40 0.35 -30.52
CA THR A 259 14.52 -0.06 -31.37
C THR A 259 15.84 0.48 -30.84
N GLU A 260 16.91 -0.27 -31.13
CA GLU A 260 18.30 0.08 -30.76
C GLU A 260 18.67 1.58 -30.93
N SER A 261 18.26 2.22 -32.03
CA SER A 261 18.53 3.67 -32.18
C SER A 261 17.56 4.54 -31.40
N GLY A 262 16.29 4.15 -31.31
CA GLY A 262 15.39 5.03 -30.60
C GLY A 262 14.40 5.72 -31.50
N ASN A 263 14.44 5.41 -32.78
CA ASN A 263 13.61 6.12 -33.75
C ASN A 263 12.16 5.63 -33.82
N VAL A 264 11.88 4.49 -33.18
CA VAL A 264 10.50 4.21 -32.87
C VAL A 264 10.39 3.99 -31.36
N ARG A 265 9.27 4.39 -30.79
CA ARG A 265 9.12 4.51 -29.34
C ARG A 265 7.66 4.24 -29.07
N GLY A 266 7.32 3.85 -27.86
CA GLY A 266 5.95 3.54 -27.55
C GLY A 266 5.61 3.66 -26.09
N ARG A 267 4.36 3.84 -25.80
CA ARG A 267 3.95 3.85 -24.43
C ARG A 267 2.64 3.07 -24.33
N ALA A 268 2.38 2.40 -23.21
CA ALA A 268 1.16 1.61 -23.14
C ALA A 268 0.64 1.63 -21.72
N VAL A 269 -0.67 1.74 -21.64
CA VAL A 269 -1.33 1.77 -20.38
C VAL A 269 -2.60 0.99 -20.45
N ALA A 270 -2.95 0.42 -19.32
CA ALA A 270 -4.15 -0.37 -19.12
C ALA A 270 -4.39 0.00 -17.68
N ALA A 271 -5.65 0.16 -17.31
CA ALA A 271 -6.03 0.37 -15.92
C ALA A 271 -7.42 -0.24 -15.79
N TYR A 272 -7.72 -0.76 -14.62
CA TYR A 272 -8.97 -1.47 -14.39
C TYR A 272 -9.44 -1.08 -12.98
N GLN A 273 -10.75 -0.89 -12.85
CA GLN A 273 -11.34 -0.41 -11.61
C GLN A 273 -12.74 -1.04 -11.45
N ASP A 274 -13.09 -1.51 -10.27
CA ASP A 274 -14.35 -2.17 -10.07
C ASP A 274 -14.68 -1.78 -8.65
N LYS A 275 -15.78 -1.05 -8.46
CA LYS A 275 -16.14 -0.45 -7.18
C LYS A 275 -17.61 -0.44 -6.84
N HIS A 276 -17.99 -0.70 -5.58
CA HIS A 276 -19.40 -0.46 -5.18
C HIS A 276 -19.39 0.93 -4.63
N SER A 277 -20.40 1.31 -3.85
CA SER A 277 -20.51 2.71 -3.45
C SER A 277 -21.28 2.88 -2.17
N PHE A 278 -21.31 4.10 -1.62
CA PHE A 278 -22.10 4.30 -0.41
C PHE A 278 -23.53 4.04 -0.79
N MET A 279 -23.95 4.52 -1.94
CA MET A 279 -25.30 4.27 -2.45
C MET A 279 -25.50 2.79 -2.54
N ASP A 280 -26.64 2.34 -2.00
CA ASP A 280 -27.08 0.97 -2.16
C ASP A 280 -27.08 0.42 -3.64
N HIS A 281 -26.88 -0.89 -3.78
CA HIS A 281 -26.85 -1.60 -5.08
C HIS A 281 -26.29 -0.88 -6.31
N TYR A 282 -25.37 0.04 -6.13
CA TYR A 282 -24.63 0.64 -7.27
C TYR A 282 -23.31 -0.05 -7.33
N GLU A 283 -22.93 -0.51 -8.50
CA GLU A 283 -21.57 -0.95 -8.68
C GLU A 283 -21.16 -0.63 -10.09
N ARG A 284 -19.85 -0.47 -10.33
CA ARG A 284 -19.34 -0.05 -11.63
C ARG A 284 -17.91 -0.44 -12.00
N LYS A 285 -17.77 -1.39 -12.96
CA LYS A 285 -16.49 -1.82 -13.60
C LYS A 285 -16.07 -0.90 -14.71
N THR A 286 -14.91 -0.22 -14.64
CA THR A 286 -14.38 0.40 -15.84
C THR A 286 -13.06 -0.21 -16.38
N SER A 287 -12.88 -0.35 -17.70
CA SER A 287 -11.59 -0.80 -18.25
C SER A 287 -10.99 0.22 -19.18
N VAL A 288 -9.69 0.46 -19.13
CA VAL A 288 -9.07 1.40 -20.07
C VAL A 288 -7.78 0.83 -20.62
N TYR A 289 -7.65 0.79 -21.95
CA TYR A 289 -6.37 0.49 -22.64
C TYR A 289 -5.97 1.67 -23.50
N TYR A 290 -4.66 1.85 -23.74
CA TYR A 290 -4.20 2.95 -24.57
C TYR A 290 -2.90 2.55 -25.29
N GLY A 291 -2.64 2.97 -26.52
CA GLY A 291 -1.32 2.65 -27.05
C GLY A 291 -0.87 3.60 -28.12
N ILE A 292 0.40 4.00 -28.06
CA ILE A 292 0.91 5.07 -28.92
C ILE A 292 2.32 4.67 -29.43
N LEU A 293 2.55 4.73 -30.72
CA LEU A 293 3.86 4.44 -31.27
C LEU A 293 4.31 5.72 -31.95
N GLU A 294 5.54 6.16 -31.71
CA GLU A 294 6.13 7.35 -32.36
C GLU A 294 7.21 6.81 -33.31
N PHE A 295 7.21 7.28 -34.57
CA PHE A 295 8.19 6.91 -35.62
C PHE A 295 8.90 8.18 -36.12
N ASP A 296 10.22 8.14 -36.25
CA ASP A 296 10.93 9.25 -36.89
C ASP A 296 11.29 8.95 -38.32
N LEU A 297 10.29 9.01 -39.19
CA LEU A 297 10.59 9.01 -40.63
C LEU A 297 12.01 9.59 -40.98
N ASN A 298 12.40 10.67 -40.30
CA ASN A 298 13.72 11.35 -40.45
C ASN A 298 13.78 12.39 -39.30
N PRO A 299 14.93 13.05 -39.04
CA PRO A 299 14.95 13.86 -37.79
C PRO A 299 14.12 15.15 -37.76
N ASP A 300 13.48 15.55 -38.85
CA ASP A 300 12.54 16.66 -38.71
C ASP A 300 11.13 16.31 -39.14
N THR A 301 10.91 15.04 -39.39
CA THR A 301 9.56 14.57 -39.64
C THR A 301 9.23 13.46 -38.67
N MET A 302 8.25 13.67 -37.80
CA MET A 302 7.77 12.60 -36.90
C MET A 302 6.33 12.20 -37.15
N LEU A 303 6.11 10.90 -37.29
CA LEU A 303 4.75 10.31 -37.43
C LEU A 303 4.31 9.59 -36.18
N THR A 304 3.17 9.97 -35.61
CA THR A 304 2.61 9.34 -34.37
C THR A 304 1.30 8.60 -34.70
N VAL A 305 1.15 7.33 -34.32
CA VAL A 305 -0.16 6.67 -34.53
C VAL A 305 -0.60 6.03 -33.24
N GLY A 306 -1.88 6.01 -32.92
CA GLY A 306 -2.24 5.44 -31.65
C GLY A 306 -3.71 5.23 -31.45
N ALA A 307 -4.07 4.48 -30.40
CA ALA A 307 -5.48 4.22 -30.06
C ALA A 307 -5.71 4.19 -28.53
N ASP A 308 -6.91 4.60 -28.12
CA ASP A 308 -7.30 4.44 -26.74
C ASP A 308 -8.75 3.90 -26.67
N TYR A 309 -9.18 3.43 -25.52
CA TYR A 309 -10.42 2.71 -25.40
C TYR A 309 -10.89 2.73 -23.96
N GLN A 310 -12.13 3.12 -23.68
CA GLN A 310 -12.57 3.07 -22.30
C GLN A 310 -13.99 2.55 -22.27
N ASP A 311 -14.25 1.62 -21.37
CA ASP A 311 -15.63 1.17 -21.19
C ASP A 311 -16.02 1.48 -19.74
N ASN A 312 -17.20 2.06 -19.60
CA ASN A 312 -17.79 2.38 -18.32
C ASN A 312 -19.05 1.57 -18.27
N ASP A 313 -19.18 0.74 -17.25
CA ASP A 313 -20.16 -0.35 -17.24
C ASP A 313 -20.80 -0.51 -15.83
N PRO A 314 -21.83 0.28 -15.54
CA PRO A 314 -22.42 0.34 -14.18
C PRO A 314 -23.64 -0.60 -13.94
N LYS A 315 -24.10 -0.65 -12.68
CA LYS A 315 -25.29 -1.41 -12.26
C LYS A 315 -26.05 -0.66 -11.17
N GLY A 316 -27.37 -0.61 -11.24
CA GLY A 316 -28.14 0.33 -10.42
C GLY A 316 -28.06 1.84 -10.77
N SER A 317 -27.75 2.15 -12.03
CA SER A 317 -27.75 3.49 -12.51
C SER A 317 -29.16 4.01 -12.36
N GLY A 318 -29.22 5.31 -12.08
CA GLY A 318 -30.45 6.05 -12.04
C GLY A 318 -30.44 6.94 -13.25
N TRP A 319 -31.58 7.55 -13.50
CA TRP A 319 -31.88 8.33 -14.70
C TRP A 319 -31.72 9.78 -14.21
N SER A 320 -32.44 10.13 -13.15
CA SER A 320 -32.41 11.48 -12.61
C SER A 320 -32.44 11.55 -11.10
N GLY A 321 -31.28 11.67 -10.46
CA GLY A 321 -31.26 11.98 -9.05
C GLY A 321 -31.14 10.69 -8.29
N SER A 322 -31.06 10.79 -6.98
CA SER A 322 -30.95 9.56 -6.23
C SER A 322 -32.31 9.11 -5.61
N PHE A 323 -33.21 10.06 -5.45
CA PHE A 323 -34.50 9.74 -4.94
C PHE A 323 -35.34 10.99 -5.19
N PRO A 324 -36.70 10.91 -5.12
CA PRO A 324 -37.44 12.11 -5.46
C PRO A 324 -37.62 12.96 -4.22
N LEU A 325 -37.68 14.29 -4.41
CA LEU A 325 -37.88 15.18 -3.30
C LEU A 325 -39.22 14.92 -2.60
N PHE A 326 -40.33 15.14 -3.29
CA PHE A 326 -41.60 15.11 -2.58
C PHE A 326 -42.21 13.74 -2.69
N ASP A 327 -43.05 13.38 -1.71
CA ASP A 327 -43.75 12.11 -1.77
C ASP A 327 -45.14 12.32 -2.41
N SER A 328 -46.03 11.34 -2.24
CA SER A 328 -47.33 11.45 -2.87
C SER A 328 -48.09 12.62 -2.30
N GLN A 329 -47.90 12.92 -1.02
CA GLN A 329 -48.72 13.98 -0.40
C GLN A 329 -48.07 15.39 -0.32
N GLY A 330 -46.84 15.50 -0.77
CA GLY A 330 -46.18 16.80 -0.87
C GLY A 330 -45.11 17.10 0.18
N ASN A 331 -44.88 16.17 1.14
CA ASN A 331 -43.87 16.37 2.19
C ASN A 331 -42.51 16.06 1.64
N ARG A 332 -41.50 16.85 1.95
CA ARG A 332 -40.12 16.52 1.57
C ARG A 332 -39.73 15.09 1.99
N ASN A 333 -39.08 14.34 1.12
CA ASN A 333 -38.65 12.99 1.49
C ASN A 333 -37.37 13.00 2.35
N ASP A 334 -37.27 12.09 3.31
CA ASP A 334 -36.06 11.98 4.12
C ASP A 334 -35.45 10.57 3.98
N VAL A 335 -34.23 10.44 3.47
CA VAL A 335 -33.74 9.08 3.22
C VAL A 335 -32.28 9.00 3.48
N SER A 336 -31.78 7.83 3.91
CA SER A 336 -30.29 7.60 3.92
C SER A 336 -29.51 8.04 2.69
N ARG A 337 -28.28 8.49 2.97
CA ARG A 337 -27.31 8.75 1.89
C ARG A 337 -27.10 7.53 1.00
N SER A 338 -27.30 6.32 1.54
CA SER A 338 -27.33 5.12 0.69
C SER A 338 -28.52 4.92 -0.24
N PHE A 339 -29.69 5.45 0.06
CA PHE A 339 -30.80 5.28 -0.90
C PHE A 339 -30.40 5.60 -2.34
N ASN A 340 -30.78 4.71 -3.24
CA ASN A 340 -30.47 4.78 -4.66
C ASN A 340 -31.73 4.34 -5.36
N ASN A 341 -32.39 5.27 -6.01
CA ASN A 341 -33.66 4.89 -6.61
C ASN A 341 -33.53 4.01 -7.92
N GLY A 342 -32.33 3.81 -8.48
CA GLY A 342 -32.26 2.96 -9.70
C GLY A 342 -32.54 1.46 -9.44
N ALA A 343 -33.07 0.77 -10.45
CA ALA A 343 -33.18 -0.72 -10.44
C ALA A 343 -31.86 -1.53 -10.34
N LYS A 344 -31.88 -2.63 -9.62
CA LYS A 344 -30.76 -3.61 -9.66
C LYS A 344 -30.08 -3.82 -11.03
N TRP A 345 -30.87 -3.95 -12.12
CA TRP A 345 -30.39 -4.22 -13.48
C TRP A 345 -30.19 -2.93 -14.26
N SER A 346 -30.56 -1.80 -13.67
CA SER A 346 -30.44 -0.55 -14.43
C SER A 346 -28.99 -0.19 -14.74
N SER A 347 -28.73 0.07 -16.02
CA SER A 347 -27.39 0.46 -16.46
C SER A 347 -27.37 1.66 -17.44
N TRP A 348 -26.49 2.62 -17.20
CA TRP A 348 -26.21 3.57 -18.24
C TRP A 348 -24.71 3.41 -18.55
N GLU A 349 -24.39 2.31 -19.23
CA GLU A 349 -23.05 2.04 -19.69
C GLU A 349 -22.70 2.99 -20.83
N GLN A 350 -21.47 3.47 -20.85
CA GLN A 350 -21.10 4.50 -21.82
C GLN A 350 -19.72 4.11 -22.17
N TYR A 351 -19.41 4.07 -23.47
CA TYR A 351 -18.06 3.67 -23.92
C TYR A 351 -17.40 4.70 -24.88
N THR A 352 -16.11 4.52 -25.17
CA THR A 352 -15.29 5.51 -25.97
C THR A 352 -14.06 4.82 -26.55
N ARG A 353 -13.73 5.19 -27.79
CA ARG A 353 -12.47 4.80 -28.42
C ARG A 353 -12.00 5.71 -29.56
N THR A 354 -10.69 5.75 -29.77
CA THR A 354 -10.08 6.69 -30.67
C THR A 354 -9.02 5.93 -31.44
N VAL A 355 -8.97 6.13 -32.75
CA VAL A 355 -7.81 5.77 -33.50
C VAL A 355 -7.38 7.08 -34.09
N PHE A 356 -6.14 7.45 -33.84
CA PHE A 356 -5.63 8.71 -34.34
C PHE A 356 -4.25 8.56 -34.96
N ALA A 357 -3.82 9.61 -35.68
CA ALA A 357 -2.52 9.67 -36.36
C ALA A 357 -2.18 11.10 -36.54
N ASN A 358 -0.90 11.41 -36.42
CA ASN A 358 -0.43 12.76 -36.64
C ASN A 358 0.84 12.71 -37.39
N LEU A 359 1.10 13.72 -38.20
CA LEU A 359 2.43 13.92 -38.78
C LEU A 359 2.77 15.36 -38.42
N GLU A 360 4.01 15.53 -37.97
CA GLU A 360 4.55 16.82 -37.61
C GLU A 360 5.93 17.04 -38.18
N HIS A 361 6.11 18.21 -38.75
CA HIS A 361 7.30 18.46 -39.54
C HIS A 361 7.90 19.83 -39.29
N ASN A 362 9.21 19.86 -39.20
CA ASN A 362 9.99 21.07 -38.95
C ASN A 362 10.52 21.66 -40.22
N PHE A 363 10.23 22.92 -40.50
CA PHE A 363 10.66 23.52 -41.77
C PHE A 363 11.85 24.35 -41.46
N ALA A 364 12.82 24.32 -42.39
CA ALA A 364 14.12 25.05 -42.27
C ALA A 364 13.94 26.43 -41.59
N ASN A 365 13.04 27.23 -42.16
CA ASN A 365 12.32 28.31 -41.44
C ASN A 365 12.41 28.40 -39.88
N GLY A 366 12.42 27.26 -39.19
CA GLY A 366 12.01 27.24 -37.78
C GLY A 366 10.48 27.31 -37.64
N TRP A 367 9.80 27.35 -38.79
CA TRP A 367 8.37 27.09 -38.87
C TRP A 367 8.09 25.59 -38.73
N VAL A 368 6.96 25.25 -38.11
CA VAL A 368 6.59 23.83 -37.99
C VAL A 368 5.16 23.58 -38.36
N GLY A 369 4.92 22.43 -38.99
CA GLY A 369 3.59 22.04 -39.48
C GLY A 369 3.08 20.75 -38.88
N LYS A 370 1.77 20.65 -38.76
CA LYS A 370 1.21 19.44 -38.15
C LYS A 370 -0.16 19.06 -38.71
N VAL A 371 -0.32 17.79 -39.06
CA VAL A 371 -1.58 17.28 -39.61
C VAL A 371 -2.10 16.31 -38.57
N GLN A 372 -3.35 16.47 -38.13
CA GLN A 372 -3.97 15.50 -37.19
C GLN A 372 -5.25 14.82 -37.71
N LEU A 373 -5.22 13.49 -37.75
CA LEU A 373 -6.38 12.67 -38.15
C LEU A 373 -7.00 11.99 -36.95
N ASP A 374 -8.31 12.08 -36.77
CA ASP A 374 -9.00 11.35 -35.67
C ASP A 374 -10.23 10.58 -36.12
N HIS A 375 -10.31 9.33 -35.68
CA HIS A 375 -11.55 8.59 -35.81
C HIS A 375 -12.01 8.24 -34.41
N LYS A 376 -13.20 8.70 -34.04
CA LYS A 376 -13.63 8.55 -32.64
C LYS A 376 -15.04 7.99 -32.44
N ILE A 377 -15.18 7.07 -31.50
CA ILE A 377 -16.47 6.52 -31.25
C ILE A 377 -16.93 6.84 -29.83
N ASN A 378 -18.13 7.40 -29.72
CA ASN A 378 -18.79 7.54 -28.40
C ASN A 378 -20.02 6.67 -28.33
N GLY A 379 -20.05 5.64 -27.51
CA GLY A 379 -21.21 4.80 -27.52
C GLY A 379 -21.83 4.80 -26.17
N TYR A 380 -23.15 4.58 -26.10
CA TYR A 380 -23.83 4.27 -24.85
C TYR A 380 -24.70 3.06 -25.01
N HIS A 381 -25.02 2.37 -23.90
CA HIS A 381 -25.95 1.22 -23.82
C HIS A 381 -26.66 1.41 -22.49
N ALA A 382 -27.87 1.97 -22.57
CA ALA A 382 -28.60 2.42 -21.39
C ALA A 382 -30.00 1.85 -21.20
N PRO A 383 -30.09 0.59 -20.72
CA PRO A 383 -31.39 0.10 -20.23
C PRO A 383 -31.63 0.58 -18.80
N LEU A 384 -32.30 1.71 -18.65
CA LEU A 384 -32.45 2.33 -17.35
C LEU A 384 -33.78 2.01 -16.69
N GLY A 385 -33.85 2.05 -15.35
CA GLY A 385 -35.14 1.87 -14.66
C GLY A 385 -35.07 2.32 -13.21
N ALA A 386 -35.90 3.25 -12.79
CA ALA A 386 -35.68 3.81 -11.48
C ALA A 386 -36.98 4.26 -10.93
N ILE A 387 -36.99 4.79 -9.72
CA ILE A 387 -38.20 5.35 -9.19
C ILE A 387 -38.25 6.84 -9.53
N MET A 388 -39.29 7.24 -10.25
CA MET A 388 -39.64 8.67 -10.28
C MET A 388 -41.09 8.91 -10.26
N GLY A 389 -41.41 10.19 -10.11
CA GLY A 389 -42.71 10.59 -9.65
C GLY A 389 -42.71 10.98 -8.18
N ASP A 390 -43.91 11.33 -7.72
CA ASP A 390 -44.09 11.78 -6.37
C ASP A 390 -44.41 10.56 -5.56
N TRP A 391 -43.31 9.91 -5.14
CA TRP A 391 -43.37 8.71 -4.29
C TRP A 391 -42.50 8.88 -3.08
N PRO A 392 -42.73 8.06 -2.04
CA PRO A 392 -43.70 6.99 -1.88
C PRO A 392 -45.14 7.46 -1.71
N ALA A 393 -46.07 6.52 -1.64
CA ALA A 393 -47.47 6.85 -1.39
C ALA A 393 -47.83 6.44 0.07
N PRO A 394 -49.05 6.83 0.57
CA PRO A 394 -49.29 6.61 2.01
C PRO A 394 -49.08 5.14 2.42
N ASP A 395 -49.30 4.23 1.48
CA ASP A 395 -49.16 2.82 1.77
C ASP A 395 -47.74 2.26 1.50
N ASN A 396 -46.81 3.15 1.16
CA ASN A 396 -45.39 2.80 0.94
C ASN A 396 -44.99 2.25 -0.45
N SER A 397 -45.87 2.39 -1.42
CA SER A 397 -45.61 1.80 -2.73
C SER A 397 -45.10 2.91 -3.64
N ALA A 398 -44.57 2.53 -4.79
CA ALA A 398 -43.93 3.49 -5.66
C ALA A 398 -43.99 2.99 -7.11
N LYS A 399 -43.66 3.86 -8.06
CA LYS A 399 -43.69 3.43 -9.44
C LYS A 399 -42.36 3.65 -10.17
N ILE A 400 -42.01 2.67 -11.00
CA ILE A 400 -40.79 2.70 -11.80
C ILE A 400 -41.06 3.33 -13.13
N VAL A 401 -40.18 4.23 -13.56
CA VAL A 401 -40.05 4.54 -14.97
C VAL A 401 -38.81 3.81 -15.44
N ALA A 402 -39.03 3.07 -16.53
CA ALA A 402 -38.04 2.22 -17.15
C ALA A 402 -38.14 2.43 -18.68
N GLN A 403 -37.11 3.03 -19.28
CA GLN A 403 -36.97 3.16 -20.75
C GLN A 403 -35.55 2.75 -21.14
N LYS A 404 -35.29 2.57 -22.44
CA LYS A 404 -34.02 1.99 -22.83
C LYS A 404 -33.47 2.71 -24.00
N TYR A 405 -32.26 3.25 -23.90
CA TYR A 405 -31.68 3.92 -25.06
C TYR A 405 -30.38 3.24 -25.43
N THR A 406 -30.24 2.76 -26.69
CA THR A 406 -28.93 2.33 -27.21
C THR A 406 -28.50 3.29 -28.34
N GLY A 407 -27.19 3.47 -28.54
CA GLY A 407 -26.72 4.24 -29.70
C GLY A 407 -25.21 4.25 -29.84
N GLU A 408 -24.73 4.84 -30.93
CA GLU A 408 -23.27 5.01 -31.15
C GLU A 408 -23.02 6.25 -31.98
N THR A 409 -21.94 6.96 -31.70
CA THR A 409 -21.56 8.05 -32.58
C THR A 409 -20.13 7.88 -33.09
N LYS A 410 -19.97 7.98 -34.41
CA LYS A 410 -18.69 7.85 -35.09
C LYS A 410 -18.29 9.25 -35.50
N SER A 411 -17.03 9.63 -35.24
CA SER A 411 -16.52 10.98 -35.67
C SER A 411 -15.30 10.88 -36.55
N ASN A 412 -15.16 11.75 -37.51
CA ASN A 412 -13.86 11.92 -38.17
C ASN A 412 -13.37 13.39 -38.16
N SER A 413 -12.10 13.58 -37.79
CA SER A 413 -11.51 14.92 -37.77
C SER A 413 -10.23 14.97 -38.49
N LEU A 414 -10.09 15.98 -39.31
CA LEU A 414 -8.81 16.37 -39.85
C LEU A 414 -8.52 17.79 -39.31
N ASP A 415 -7.30 18.01 -38.79
CA ASP A 415 -6.91 19.40 -38.48
C ASP A 415 -5.51 19.67 -38.95
N ILE A 416 -5.33 20.77 -39.67
CA ILE A 416 -3.98 21.16 -40.05
C ILE A 416 -3.61 22.60 -39.65
N TYR A 417 -2.38 22.76 -39.17
CA TYR A 417 -1.84 24.10 -38.84
C TYR A 417 -0.36 24.32 -39.04
N LEU A 418 -0.03 25.57 -39.24
CA LEU A 418 1.31 25.97 -39.53
C LEU A 418 1.63 27.03 -38.50
N THR A 419 2.78 26.86 -37.86
CA THR A 419 3.20 27.80 -36.82
C THR A 419 4.66 28.23 -37.02
N GLY A 420 4.93 29.55 -36.86
CA GLY A 420 6.28 30.12 -37.01
C GLY A 420 6.39 31.57 -36.62
N PRO A 421 7.62 32.09 -36.51
CA PRO A 421 7.94 33.48 -36.24
C PRO A 421 8.15 34.23 -37.52
N PHE A 422 8.13 35.56 -37.40
CA PHE A 422 8.32 36.44 -38.53
C PHE A 422 8.63 37.84 -38.02
N GLN A 423 9.49 38.55 -38.77
CA GLN A 423 9.99 39.87 -38.44
C GLN A 423 8.99 40.88 -39.01
N PHE A 424 8.73 42.03 -38.37
CA PHE A 424 7.94 43.05 -39.07
C PHE A 424 8.54 44.43 -39.01
N LEU A 425 8.44 45.12 -37.86
CA LEU A 425 8.99 46.50 -37.87
C LEU A 425 10.28 46.49 -37.10
N GLY A 426 11.18 45.61 -37.57
CA GLY A 426 12.42 45.33 -36.89
C GLY A 426 12.22 44.67 -35.54
N ARG A 427 11.13 43.93 -35.33
CA ARG A 427 10.97 43.06 -34.13
C ARG A 427 10.46 41.65 -34.47
N GLU A 428 10.54 40.71 -33.51
CA GLU A 428 10.03 39.33 -33.73
C GLU A 428 8.62 38.94 -33.17
N HIS A 429 7.76 38.54 -34.11
CA HIS A 429 6.40 38.13 -33.88
C HIS A 429 6.20 36.67 -34.30
N GLU A 430 5.11 36.06 -33.82
CA GLU A 430 4.66 34.71 -34.27
C GLU A 430 3.19 34.65 -34.75
N LEU A 431 2.95 33.72 -35.68
CA LEU A 431 1.67 33.47 -36.33
C LEU A 431 1.27 32.00 -36.24
N VAL A 432 -0.03 31.72 -36.22
CA VAL A 432 -0.49 30.36 -36.37
C VAL A 432 -1.53 30.51 -37.43
N VAL A 433 -1.62 29.52 -38.31
CA VAL A 433 -2.68 29.48 -39.29
C VAL A 433 -3.17 28.05 -39.46
N GLY A 434 -4.46 27.84 -39.26
CA GLY A 434 -4.97 26.50 -39.24
C GLY A 434 -6.33 26.35 -39.90
N THR A 435 -6.59 25.13 -40.35
CA THR A 435 -7.84 24.77 -40.90
C THR A 435 -8.28 23.46 -40.26
N SER A 436 -9.59 23.26 -40.15
CA SER A 436 -10.09 22.03 -39.51
C SER A 436 -11.47 21.64 -40.01
N ALA A 437 -11.68 20.32 -40.05
CA ALA A 437 -12.89 19.71 -40.58
C ALA A 437 -13.35 18.55 -39.65
N SER A 438 -14.60 18.55 -39.21
CA SER A 438 -15.10 17.36 -38.52
C SER A 438 -16.49 17.01 -38.99
N PHE A 439 -16.69 15.71 -39.15
CA PHE A 439 -17.93 15.16 -39.61
C PHE A 439 -18.29 14.16 -38.53
N SER A 440 -19.48 14.21 -37.94
CA SER A 440 -19.74 13.19 -36.93
C SER A 440 -21.18 12.69 -36.95
N HIS A 441 -21.37 11.37 -36.70
CA HIS A 441 -22.64 10.70 -37.06
C HIS A 441 -23.32 9.88 -35.96
N TRP A 442 -24.37 10.42 -35.33
CA TRP A 442 -25.03 9.75 -34.22
C TRP A 442 -26.15 8.86 -34.73
N GLU A 443 -26.19 7.60 -34.31
CA GLU A 443 -27.23 6.64 -34.78
C GLU A 443 -27.72 5.82 -33.60
N GLY A 444 -29.01 5.89 -33.26
CA GLY A 444 -29.47 5.33 -32.00
C GLY A 444 -30.81 4.66 -32.12
N LYS A 445 -31.23 3.97 -31.07
CA LYS A 445 -32.55 3.31 -30.96
C LYS A 445 -33.13 3.60 -29.56
N SER A 446 -34.43 3.80 -29.48
CA SER A 446 -35.02 4.08 -28.20
C SER A 446 -36.17 3.08 -27.92
N TYR A 447 -36.51 2.84 -26.66
CA TYR A 447 -37.53 1.89 -26.31
C TYR A 447 -38.32 2.46 -25.15
N TRP A 448 -39.58 2.85 -25.40
CA TRP A 448 -40.46 3.21 -24.29
C TRP A 448 -41.74 2.41 -24.31
N ASN A 449 -42.03 1.73 -25.42
CA ASN A 449 -43.29 0.97 -25.49
C ASN A 449 -43.14 -0.41 -24.91
N LEU A 450 -43.33 -0.50 -23.59
CA LEU A 450 -42.98 -1.68 -22.87
C LEU A 450 -44.18 -2.57 -22.85
N ARG A 451 -43.99 -3.78 -23.34
CA ARG A 451 -44.98 -4.80 -23.37
C ARG A 451 -45.09 -5.43 -21.97
N ASN A 452 -46.30 -5.35 -21.42
CA ASN A 452 -46.81 -6.09 -20.26
C ASN A 452 -46.03 -5.98 -18.95
N TYR A 453 -45.51 -4.78 -18.71
CA TYR A 453 -44.75 -4.46 -17.49
C TYR A 453 -45.70 -3.94 -16.42
N ASP A 454 -45.42 -4.41 -15.20
CA ASP A 454 -46.07 -3.92 -14.01
C ASP A 454 -44.99 -3.26 -13.19
N ASN A 455 -44.99 -1.94 -13.30
CA ASN A 455 -43.93 -1.05 -12.80
C ASN A 455 -44.15 -0.50 -11.38
N THR A 456 -45.02 -1.12 -10.59
CA THR A 456 -45.15 -0.72 -9.19
C THR A 456 -44.33 -1.61 -8.25
N THR A 457 -43.95 -1.05 -7.09
CA THR A 457 -43.22 -1.77 -6.07
C THR A 457 -43.90 -1.51 -4.73
N ASP A 458 -43.77 -2.43 -3.78
CA ASP A 458 -44.60 -2.47 -2.53
C ASP A 458 -43.82 -2.01 -1.26
N ASP A 459 -42.63 -1.42 -1.46
CA ASP A 459 -41.76 -0.97 -0.37
C ASP A 459 -40.76 0.14 -0.74
N PHE A 460 -41.17 1.40 -0.60
CA PHE A 460 -40.24 2.49 -0.85
C PHE A 460 -39.15 2.58 0.26
N ILE A 461 -39.59 2.62 1.52
CA ILE A 461 -38.64 2.78 2.63
C ILE A 461 -37.47 1.79 2.50
N ASN A 462 -37.72 0.54 2.07
CA ASN A 462 -36.67 -0.48 1.89
C ASN A 462 -36.26 -0.85 0.48
N TRP A 463 -36.52 0.05 -0.48
CA TRP A 463 -36.09 -0.09 -1.86
C TRP A 463 -34.68 -0.64 -1.96
N ASP A 464 -34.65 -1.84 -2.51
CA ASP A 464 -33.48 -2.66 -2.64
C ASP A 464 -32.95 -2.63 -4.10
N GLY A 465 -33.73 -2.00 -5.00
CA GLY A 465 -33.54 -2.09 -6.45
C GLY A 465 -34.14 -3.36 -7.03
N ASP A 466 -34.72 -4.18 -6.16
CA ASP A 466 -35.13 -5.54 -6.46
C ASP A 466 -36.47 -5.63 -7.16
N ILE A 467 -36.52 -5.06 -8.37
CA ILE A 467 -37.67 -5.12 -9.27
C ILE A 467 -37.36 -5.98 -10.52
N GLY A 468 -38.43 -6.49 -11.15
CA GLY A 468 -38.33 -7.09 -12.50
C GLY A 468 -37.73 -6.25 -13.63
N LYS A 469 -37.42 -6.90 -14.75
CA LYS A 469 -36.87 -6.23 -15.93
C LYS A 469 -37.92 -6.34 -17.04
N PRO A 470 -38.29 -5.22 -17.64
CA PRO A 470 -39.46 -5.29 -18.51
C PRO A 470 -39.10 -5.89 -19.88
N ASP A 471 -40.11 -6.03 -20.73
CA ASP A 471 -39.99 -6.43 -22.13
C ASP A 471 -40.00 -5.09 -22.83
N TRP A 472 -38.81 -4.74 -23.29
CA TRP A 472 -38.56 -3.53 -24.00
C TRP A 472 -39.41 -3.39 -25.23
N GLY A 473 -39.95 -4.47 -25.78
CA GLY A 473 -40.85 -4.37 -26.96
C GLY A 473 -40.02 -3.97 -28.14
N THR A 474 -40.61 -3.43 -29.21
CA THR A 474 -39.74 -3.04 -30.35
C THR A 474 -39.24 -1.57 -30.42
N PRO A 475 -38.26 -1.29 -31.27
CA PRO A 475 -37.80 0.08 -31.06
C PRO A 475 -38.92 1.11 -31.22
N SER A 476 -38.87 2.15 -30.42
CA SER A 476 -39.83 3.25 -30.45
C SER A 476 -39.47 4.40 -31.41
N GLN A 477 -38.21 4.46 -31.83
CA GLN A 477 -37.63 5.68 -32.40
C GLN A 477 -36.32 5.30 -33.01
N TYR A 478 -35.95 5.92 -34.12
CA TYR A 478 -34.60 5.68 -34.62
C TYR A 478 -33.87 7.03 -34.80
N ILE A 479 -32.69 7.20 -34.20
CA ILE A 479 -31.99 8.50 -34.33
C ILE A 479 -31.09 8.45 -35.54
N ASP A 480 -30.85 9.63 -36.14
CA ASP A 480 -29.83 9.88 -37.20
C ASP A 480 -29.56 11.41 -37.27
N ASP A 481 -28.40 11.82 -36.76
CA ASP A 481 -28.03 13.18 -36.58
C ASP A 481 -26.62 13.13 -37.10
N LYS A 482 -26.31 13.97 -38.11
CA LYS A 482 -24.96 14.14 -38.66
C LYS A 482 -24.56 15.59 -38.48
N THR A 483 -23.53 15.89 -37.70
CA THR A 483 -23.01 17.28 -37.68
C THR A 483 -21.76 17.47 -38.58
N ARG A 484 -21.63 18.58 -39.28
CA ARG A 484 -20.38 18.89 -39.98
C ARG A 484 -19.86 20.26 -39.51
N GLN A 485 -18.62 20.29 -39.01
CA GLN A 485 -17.97 21.51 -38.54
C GLN A 485 -16.74 21.76 -39.39
N LEU A 486 -16.68 22.88 -40.07
CA LEU A 486 -15.39 23.25 -40.66
C LEU A 486 -15.05 24.56 -40.04
N GLY A 487 -13.75 24.84 -39.89
CA GLY A 487 -13.27 26.16 -39.53
C GLY A 487 -11.86 26.40 -40.01
N SER A 488 -11.53 27.68 -40.24
CA SER A 488 -10.13 28.16 -40.44
C SER A 488 -9.88 29.28 -39.44
N TYR A 489 -8.69 29.29 -38.84
CA TYR A 489 -8.32 30.27 -37.83
C TYR A 489 -6.93 30.80 -38.05
N MET A 490 -6.65 31.94 -37.43
CA MET A 490 -5.36 32.65 -37.55
C MET A 490 -5.09 33.47 -36.28
N THR A 491 -3.95 33.30 -35.62
CA THR A 491 -3.57 34.33 -34.66
C THR A 491 -2.16 34.82 -34.87
N ALA A 492 -1.99 36.13 -34.76
CA ALA A 492 -0.66 36.71 -34.72
C ALA A 492 -0.38 37.25 -33.32
N ARG A 493 0.87 37.14 -32.87
CA ARG A 493 1.24 37.68 -31.58
C ARG A 493 2.34 38.70 -31.80
N PHE A 494 2.05 39.98 -31.68
CA PHE A 494 3.03 40.98 -32.01
C PHE A 494 3.77 41.37 -30.76
N ASN A 495 5.10 41.32 -30.85
CA ASN A 495 5.93 41.89 -29.83
C ASN A 495 6.04 43.35 -30.19
N VAL A 496 5.09 44.17 -29.74
CA VAL A 496 5.05 45.54 -30.18
C VAL A 496 6.23 46.34 -29.58
N THR A 497 6.42 46.29 -28.25
CA THR A 497 7.59 46.89 -27.58
C THR A 497 8.19 45.84 -26.67
N ASP A 498 9.22 46.20 -25.89
CA ASP A 498 9.74 45.23 -24.90
C ASP A 498 8.76 44.90 -23.78
N ASP A 499 7.63 45.62 -23.71
CA ASP A 499 6.60 45.28 -22.72
C ASP A 499 5.21 45.00 -23.25
N LEU A 500 4.96 45.18 -24.54
CA LEU A 500 3.58 45.05 -24.97
C LEU A 500 3.43 43.99 -26.03
N ASN A 501 2.61 42.98 -25.71
CA ASN A 501 2.27 41.92 -26.67
C ASN A 501 0.83 41.97 -27.03
N LEU A 502 0.58 42.08 -28.34
CA LEU A 502 -0.75 42.29 -28.88
C LEU A 502 -1.15 41.05 -29.60
N PHE A 503 -2.36 40.60 -29.34
CA PHE A 503 -2.86 39.33 -29.83
C PHE A 503 -4.03 39.59 -30.74
N LEU A 504 -3.94 39.15 -32.00
CA LEU A 504 -4.97 39.42 -32.98
C LEU A 504 -5.25 38.20 -33.78
N GLY A 505 -6.50 37.73 -33.71
CA GLY A 505 -6.89 36.60 -34.49
C GLY A 505 -8.35 36.46 -34.70
N GLY A 506 -8.69 35.45 -35.49
CA GLY A 506 -10.04 34.91 -35.53
C GLY A 506 -10.16 33.48 -36.04
N ARG A 507 -11.41 33.00 -36.11
CA ARG A 507 -11.79 31.76 -36.67
C ARG A 507 -13.04 32.03 -37.49
N VAL A 508 -13.06 31.58 -38.73
CA VAL A 508 -14.27 31.59 -39.54
C VAL A 508 -14.89 30.16 -39.66
N VAL A 509 -16.22 30.05 -39.52
CA VAL A 509 -16.83 28.78 -39.09
C VAL A 509 -18.02 28.37 -39.93
N ASP A 510 -18.09 27.06 -40.21
CA ASP A 510 -19.16 26.49 -41.02
C ASP A 510 -19.69 25.29 -40.29
N TYR A 511 -21.02 25.23 -40.13
CA TYR A 511 -21.61 24.30 -39.16
C TYR A 511 -22.97 23.80 -39.66
N ARG A 512 -23.16 22.48 -39.77
CA ARG A 512 -24.36 21.95 -40.46
C ARG A 512 -24.91 20.77 -39.69
N VAL A 513 -26.14 20.88 -39.23
CA VAL A 513 -26.69 19.74 -38.53
C VAL A 513 -27.88 19.19 -39.28
N THR A 514 -27.64 17.98 -39.77
CA THR A 514 -28.40 17.30 -40.80
C THR A 514 -29.01 16.01 -40.25
N GLY A 515 -30.16 15.58 -40.76
CA GLY A 515 -30.73 14.29 -40.35
C GLY A 515 -32.22 14.28 -40.18
N LEU A 516 -32.72 13.92 -39.03
CA LEU A 516 -34.17 13.84 -38.87
C LEU A 516 -34.86 15.17 -38.47
N ASN A 517 -34.11 16.13 -37.97
CA ASN A 517 -34.66 17.47 -37.80
C ASN A 517 -34.52 18.26 -39.09
N PRO A 518 -35.24 19.40 -39.20
CA PRO A 518 -35.00 20.26 -40.36
C PRO A 518 -33.58 20.65 -40.19
N THR A 519 -32.85 20.81 -41.29
CA THR A 519 -31.43 21.14 -41.32
C THR A 519 -31.07 22.39 -40.51
N ILE A 520 -29.91 22.39 -39.87
CA ILE A 520 -29.47 23.59 -39.16
C ILE A 520 -28.15 24.11 -39.72
N ARG A 521 -28.15 25.34 -40.18
CA ARG A 521 -27.03 25.78 -40.97
C ARG A 521 -26.58 27.15 -40.56
N GLU A 522 -25.28 27.28 -40.33
CA GLU A 522 -24.64 28.57 -40.12
C GLU A 522 -23.38 28.65 -40.95
N SER A 523 -23.32 29.58 -41.90
CA SER A 523 -22.16 29.75 -42.78
C SER A 523 -21.34 31.02 -42.53
N GLY A 524 -20.08 31.00 -42.94
CA GLY A 524 -19.16 32.09 -42.70
C GLY A 524 -19.26 32.89 -41.40
N ARG A 525 -19.52 32.25 -40.27
CA ARG A 525 -19.54 32.96 -38.97
C ARG A 525 -18.15 33.25 -38.43
N PHE A 526 -17.94 34.48 -37.99
CA PHE A 526 -16.64 34.95 -37.56
C PHE A 526 -16.53 35.10 -36.06
N ILE A 527 -15.49 34.49 -35.48
CA ILE A 527 -15.28 34.60 -34.06
C ILE A 527 -13.98 35.37 -33.77
N PRO A 528 -14.11 36.64 -33.32
CA PRO A 528 -12.97 37.56 -33.02
C PRO A 528 -12.06 37.06 -31.91
N TYR A 529 -10.81 37.51 -31.87
CA TYR A 529 -9.95 37.25 -30.72
C TYR A 529 -8.93 38.37 -30.65
N VAL A 530 -9.10 39.26 -29.67
CA VAL A 530 -8.26 40.45 -29.48
C VAL A 530 -7.78 40.33 -28.02
N GLY A 531 -6.48 40.48 -27.80
CA GLY A 531 -6.01 40.50 -26.41
C GLY A 531 -4.69 41.23 -26.32
N ALA A 532 -4.31 41.62 -25.10
CA ALA A 532 -3.01 42.25 -24.86
C ALA A 532 -2.46 41.90 -23.48
N VAL A 533 -1.12 41.89 -23.40
CA VAL A 533 -0.34 41.66 -22.18
C VAL A 533 0.78 42.69 -22.05
N TYR A 534 0.61 43.59 -21.07
CA TYR A 534 1.58 44.65 -20.73
C TYR A 534 2.42 44.27 -19.48
N ASP A 535 3.75 44.24 -19.60
CA ASP A 535 4.61 43.82 -18.44
C ASP A 535 4.75 45.04 -17.49
N LEU A 536 4.74 44.81 -16.17
CA LEU A 536 4.94 45.93 -15.27
C LEU A 536 6.28 45.91 -14.60
N ASN A 537 6.76 44.72 -14.15
CA ASN A 537 8.14 44.50 -13.67
C ASN A 537 8.58 43.14 -14.12
N ASP A 538 9.74 42.73 -13.61
CA ASP A 538 10.16 41.36 -13.72
C ASP A 538 9.05 40.46 -13.18
N THR A 539 8.13 40.95 -12.35
CA THR A 539 7.18 39.99 -11.69
C THR A 539 5.74 39.99 -12.23
N TYR A 540 5.16 41.18 -12.41
CA TYR A 540 3.75 41.35 -12.66
C TYR A 540 3.51 41.84 -14.07
N SER A 541 2.43 41.37 -14.68
CA SER A 541 1.96 41.82 -15.98
C SER A 541 0.45 42.10 -15.90
N VAL A 542 -0.04 43.03 -16.68
CA VAL A 542 -1.49 43.17 -16.78
C VAL A 542 -1.88 42.69 -18.17
N TYR A 543 -3.05 42.08 -18.28
CA TYR A 543 -3.58 41.61 -19.56
C TYR A 543 -5.06 41.99 -19.62
N ALA A 544 -5.55 42.11 -20.84
CA ALA A 544 -6.97 42.33 -21.10
C ALA A 544 -7.25 41.64 -22.42
N SER A 545 -8.39 40.98 -22.51
CA SER A 545 -8.69 40.25 -23.74
C SER A 545 -10.14 40.41 -24.04
N TYR A 546 -10.53 40.16 -25.28
CA TYR A 546 -11.94 40.14 -25.74
C TYR A 546 -12.05 38.89 -26.67
N THR A 547 -12.90 37.93 -26.23
CA THR A 547 -13.05 36.56 -26.78
C THR A 547 -14.51 36.29 -27.03
N ASP A 548 -14.79 35.45 -28.04
CA ASP A 548 -16.16 35.13 -28.46
C ASP A 548 -16.43 33.63 -28.63
N ILE A 549 -17.72 33.25 -28.64
CA ILE A 549 -18.17 31.88 -28.99
C ILE A 549 -19.70 31.79 -29.26
N PHE A 550 -20.09 30.83 -30.09
CA PHE A 550 -21.49 30.61 -30.41
C PHE A 550 -21.81 29.11 -30.52
N MET A 551 -23.08 28.79 -30.49
CA MET A 551 -23.46 27.41 -30.69
C MET A 551 -24.89 27.40 -31.27
N PRO A 552 -25.04 26.80 -32.45
CA PRO A 552 -26.28 26.62 -33.10
C PRO A 552 -27.21 25.80 -32.21
N GLN A 553 -28.48 26.24 -32.20
CA GLN A 553 -29.39 25.84 -31.17
C GLN A 553 -29.88 24.46 -31.42
N ASP A 554 -30.37 23.79 -30.39
CA ASP A 554 -31.03 22.52 -30.62
C ASP A 554 -32.27 22.77 -31.43
N SER A 555 -32.57 21.75 -32.25
CA SER A 555 -33.61 21.82 -33.23
C SER A 555 -34.95 22.10 -32.60
N TRP A 556 -35.05 21.74 -31.33
CA TRP A 556 -36.30 21.94 -30.72
C TRP A 556 -36.47 23.29 -30.06
N TYR A 557 -35.57 24.22 -30.31
CA TYR A 557 -35.68 25.55 -29.71
C TYR A 557 -36.16 26.56 -30.69
N ARG A 558 -37.43 26.40 -31.10
CA ARG A 558 -38.07 27.27 -32.08
C ARG A 558 -38.95 28.30 -31.38
N ASP A 559 -39.27 29.37 -32.09
CA ASP A 559 -40.07 30.45 -31.55
C ASP A 559 -41.52 30.44 -32.04
N SER A 560 -42.25 31.47 -31.62
CA SER A 560 -43.63 31.72 -31.97
C SER A 560 -43.92 31.48 -33.43
N SER A 561 -43.00 31.98 -34.28
CA SER A 561 -43.13 31.89 -35.75
C SER A 561 -42.71 30.52 -36.17
N ASN A 562 -42.27 29.69 -35.24
CA ASN A 562 -41.70 28.40 -35.58
C ASN A 562 -40.35 28.52 -36.28
N LYS A 563 -39.53 29.43 -35.79
CA LYS A 563 -38.23 29.71 -36.33
C LYS A 563 -37.13 29.33 -35.34
N LEU A 564 -36.19 28.50 -35.79
CA LEU A 564 -35.15 28.00 -34.93
C LEU A 564 -34.51 29.23 -34.37
N LEU A 565 -34.26 29.22 -33.06
CA LEU A 565 -33.74 30.39 -32.42
C LEU A 565 -32.37 30.67 -32.97
N GLU A 566 -31.91 31.90 -32.91
CA GLU A 566 -30.56 32.13 -33.36
C GLU A 566 -29.48 31.60 -32.41
N PRO A 567 -28.35 31.19 -32.97
CA PRO A 567 -27.28 30.58 -32.16
C PRO A 567 -27.00 31.24 -30.78
N ASP A 568 -26.97 30.40 -29.76
CA ASP A 568 -26.50 30.79 -28.42
C ASP A 568 -25.05 31.29 -28.41
N GLU A 569 -24.82 32.50 -27.92
CA GLU A 569 -23.63 33.29 -28.30
C GLU A 569 -23.19 34.05 -27.05
N GLY A 570 -21.86 34.22 -26.91
CA GLY A 570 -21.25 34.96 -25.77
C GLY A 570 -19.94 35.71 -26.01
N GLN A 571 -19.81 36.88 -25.38
CA GLN A 571 -18.52 37.56 -25.29
C GLN A 571 -18.04 37.72 -23.85
N ASN A 572 -16.87 37.11 -23.59
CA ASN A 572 -16.15 37.23 -22.32
C ASN A 572 -15.27 38.45 -22.41
N TYR A 573 -15.46 39.40 -21.50
CA TYR A 573 -14.58 40.58 -21.39
C TYR A 573 -13.73 40.35 -20.17
N GLU A 574 -12.41 40.44 -20.32
CA GLU A 574 -11.57 40.12 -19.21
C GLU A 574 -10.39 41.04 -19.11
N ILE A 575 -10.22 41.61 -17.90
CA ILE A 575 -9.05 42.41 -17.50
C ILE A 575 -8.42 41.81 -16.22
N GLY A 576 -7.11 41.95 -16.07
CA GLY A 576 -6.38 41.20 -14.98
C GLY A 576 -4.88 41.44 -14.84
N ILE A 577 -4.34 40.90 -13.75
CA ILE A 577 -2.88 41.02 -13.49
C ILE A 577 -2.40 39.63 -13.17
N LYS A 578 -1.30 39.22 -13.77
CA LYS A 578 -0.69 37.92 -13.42
C LYS A 578 0.68 38.11 -12.88
N GLY A 579 1.07 37.27 -11.93
CA GLY A 579 2.38 37.41 -11.34
C GLY A 579 3.14 36.11 -11.44
N GLU A 580 4.47 36.23 -11.56
CA GLU A 580 5.36 35.10 -11.78
C GLU A 580 6.62 35.20 -10.88
N TYR A 581 7.03 34.08 -10.31
CA TYR A 581 8.07 34.13 -9.32
C TYR A 581 8.95 32.92 -9.46
N LEU A 582 10.11 33.00 -8.79
CA LEU A 582 11.07 31.90 -8.69
C LEU A 582 11.30 31.21 -10.02
N ASP A 583 11.57 32.01 -11.07
CA ASP A 583 11.85 31.53 -12.45
C ASP A 583 10.72 30.68 -12.99
N GLY A 584 9.48 31.12 -12.75
CA GLY A 584 8.27 30.40 -13.19
C GLY A 584 7.91 29.18 -12.35
N ARG A 585 8.55 28.99 -11.20
CA ARG A 585 8.17 27.92 -10.32
C ARG A 585 6.91 28.25 -9.52
N LEU A 586 6.53 29.54 -9.47
CA LEU A 586 5.25 29.96 -8.83
C LEU A 586 4.56 31.06 -9.62
N ASN A 587 3.23 30.93 -9.66
CA ASN A 587 2.32 31.74 -10.49
C ASN A 587 1.15 32.30 -9.70
N THR A 588 0.81 33.57 -9.93
CA THR A 588 -0.39 34.17 -9.33
C THR A 588 -1.19 34.92 -10.38
N SER A 589 -2.51 34.83 -10.26
CA SER A 589 -3.36 35.59 -11.10
C SER A 589 -4.55 36.13 -10.36
N LEU A 590 -4.87 37.38 -10.64
CA LEU A 590 -6.05 38.08 -10.09
C LEU A 590 -6.80 38.69 -11.26
N ALA A 591 -8.03 38.28 -11.45
CA ALA A 591 -8.77 38.73 -12.65
C ALA A 591 -10.20 39.26 -12.38
N TYR A 592 -10.69 40.11 -13.28
CA TYR A 592 -12.09 40.53 -13.28
C TYR A 592 -12.62 40.19 -14.67
N PHE A 593 -13.71 39.44 -14.68
CA PHE A 593 -14.19 39.01 -15.97
C PHE A 593 -15.64 39.29 -16.03
N GLU A 594 -16.13 39.49 -17.24
CA GLU A 594 -17.56 39.63 -17.50
C GLU A 594 -18.04 38.82 -18.74
N ILE A 595 -19.23 38.22 -18.65
CA ILE A 595 -19.80 37.49 -19.82
C ILE A 595 -21.14 38.04 -20.34
N HIS A 596 -21.18 38.37 -21.62
CA HIS A 596 -22.39 38.83 -22.28
C HIS A 596 -23.03 37.75 -23.23
N GLU A 597 -24.07 37.09 -22.74
CA GLU A 597 -24.79 36.15 -23.59
C GLU A 597 -25.91 36.80 -24.38
N GLU A 598 -26.16 36.25 -25.57
CA GLU A 598 -27.35 36.63 -26.32
C GLU A 598 -28.00 35.42 -27.01
N ASN A 599 -29.34 35.45 -27.12
CA ASN A 599 -30.11 34.29 -27.55
C ASN A 599 -30.07 33.09 -26.61
N ARG A 600 -29.99 33.33 -25.30
CA ARG A 600 -30.11 32.22 -24.36
C ARG A 600 -31.58 31.78 -24.48
N ALA A 601 -31.73 30.56 -24.98
CA ALA A 601 -33.03 29.93 -25.16
C ALA A 601 -33.83 30.03 -23.89
N GLU A 602 -35.04 30.59 -23.98
CA GLU A 602 -35.96 30.66 -22.85
C GLU A 602 -37.42 30.37 -23.22
N GLU A 603 -38.03 29.44 -22.48
CA GLU A 603 -39.40 29.01 -22.64
C GLU A 603 -40.46 29.95 -23.33
N ASP A 604 -40.59 31.24 -22.99
CA ASP A 604 -41.69 32.05 -23.61
C ASP A 604 -43.06 31.75 -23.03
N ALA A 605 -43.41 32.38 -21.91
CA ALA A 605 -44.55 31.91 -21.14
C ALA A 605 -45.83 32.44 -21.73
N LEU A 606 -45.89 33.74 -22.00
CA LEU A 606 -47.09 34.30 -22.57
C LEU A 606 -47.62 33.42 -23.71
N TYR A 607 -46.76 33.03 -24.65
CA TYR A 607 -47.14 32.13 -25.72
C TYR A 607 -47.55 30.74 -25.25
N ASN A 608 -46.64 30.05 -24.58
CA ASN A 608 -46.94 28.70 -24.12
C ASN A 608 -48.25 28.50 -23.29
N SER A 609 -48.68 29.58 -22.67
CA SER A 609 -49.95 29.69 -22.03
C SER A 609 -51.09 29.21 -22.90
N LYS A 610 -50.90 29.22 -24.20
CA LYS A 610 -51.99 29.03 -25.12
C LYS A 610 -51.44 29.27 -26.52
N PRO A 611 -50.80 28.20 -27.09
CA PRO A 611 -50.46 28.05 -28.48
C PRO A 611 -51.49 28.61 -29.49
N THR A 612 -51.07 29.58 -30.29
CA THR A 612 -51.93 30.21 -31.29
C THR A 612 -51.50 29.90 -32.77
N ASN A 613 -50.19 29.77 -32.99
CA ASN A 613 -49.68 29.26 -34.22
C ASN A 613 -49.79 27.75 -34.06
N PRO A 614 -50.59 27.08 -34.94
CA PRO A 614 -50.74 25.64 -34.69
C PRO A 614 -49.46 24.93 -35.12
N ALA A 615 -48.59 25.68 -35.81
CA ALA A 615 -47.29 25.20 -36.29
C ALA A 615 -46.37 24.76 -35.16
N ILE A 616 -46.30 25.53 -34.07
CA ILE A 616 -45.54 25.13 -32.87
C ILE A 616 -46.57 25.05 -31.78
N THR A 617 -46.19 24.33 -30.74
CA THR A 617 -47.09 23.97 -29.68
C THR A 617 -46.45 24.48 -28.35
N TYR A 618 -45.10 24.51 -28.31
CA TYR A 618 -44.34 25.03 -27.18
C TYR A 618 -43.10 25.79 -27.65
N ALA A 619 -43.18 27.11 -27.71
CA ALA A 619 -42.15 27.92 -28.34
C ALA A 619 -41.20 28.48 -27.33
N TYR A 620 -39.99 28.80 -27.78
CA TYR A 620 -39.00 29.48 -26.94
C TYR A 620 -38.73 30.90 -27.42
N LYS A 621 -37.98 31.65 -26.62
CA LYS A 621 -37.63 33.02 -26.89
C LYS A 621 -36.13 33.03 -26.62
N GLY A 622 -35.36 33.73 -27.46
CA GLY A 622 -33.95 34.02 -27.20
C GLY A 622 -33.73 35.32 -26.44
N ILE A 623 -33.31 35.22 -25.17
CA ILE A 623 -32.97 36.41 -24.36
C ILE A 623 -31.45 36.63 -24.17
N LYS A 624 -31.12 37.66 -23.40
CA LYS A 624 -29.75 38.04 -23.14
C LYS A 624 -29.49 37.65 -21.70
N ALA A 625 -28.21 37.50 -21.33
CA ALA A 625 -27.82 37.17 -19.97
C ALA A 625 -26.38 37.61 -19.73
N LYS A 626 -26.10 37.91 -18.46
CA LYS A 626 -24.85 38.54 -18.09
C LYS A 626 -24.20 37.93 -16.82
N THR A 627 -22.92 37.61 -16.91
CA THR A 627 -22.19 37.06 -15.79
C THR A 627 -21.16 38.11 -15.41
N LYS A 628 -21.15 38.49 -14.13
CA LYS A 628 -20.12 39.37 -13.63
C LYS A 628 -19.47 38.71 -12.43
N GLY A 629 -18.13 38.78 -12.35
CA GLY A 629 -17.31 38.34 -11.22
C GLY A 629 -15.79 38.48 -11.38
N TYR A 630 -15.08 38.05 -10.36
CA TYR A 630 -13.64 38.05 -10.34
C TYR A 630 -13.07 36.71 -9.86
N GLU A 631 -11.80 36.47 -10.15
CA GLU A 631 -11.17 35.21 -9.73
C GLU A 631 -9.70 35.33 -9.31
N ALA A 632 -9.33 34.73 -8.17
CA ALA A 632 -7.88 34.64 -7.85
C ALA A 632 -7.40 33.24 -7.67
N GLU A 633 -6.25 32.97 -8.27
CA GLU A 633 -5.62 31.70 -8.06
C GLU A 633 -4.13 31.82 -7.80
N ILE A 634 -3.53 30.75 -7.29
CA ILE A 634 -2.09 30.71 -7.09
C ILE A 634 -1.74 29.24 -7.33
N SER A 635 -0.59 28.93 -7.96
CA SER A 635 -0.14 27.51 -8.11
C SER A 635 1.36 27.39 -8.14
N GLY A 636 1.91 26.45 -7.37
CA GLY A 636 3.32 26.17 -7.45
C GLY A 636 4.06 26.12 -6.13
N GLU A 637 5.29 26.62 -6.14
CA GLU A 637 6.20 26.48 -4.99
C GLU A 637 6.12 27.69 -4.05
N LEU A 638 5.67 27.45 -2.81
CA LEU A 638 5.54 28.50 -1.82
C LEU A 638 6.81 28.57 -1.04
N ALA A 639 7.46 27.42 -0.89
CA ALA A 639 8.79 27.28 -0.27
C ALA A 639 9.36 26.02 -0.91
N PRO A 640 10.66 25.70 -0.66
CA PRO A 640 11.28 24.49 -1.22
C PRO A 640 10.52 23.16 -1.37
N GLY A 641 10.11 22.45 -0.35
CA GLY A 641 9.36 21.24 -0.76
C GLY A 641 7.86 21.36 -0.68
N TRP A 642 7.30 22.55 -0.99
CA TRP A 642 5.94 22.92 -0.53
C TRP A 642 5.20 23.46 -1.69
N GLN A 643 4.28 22.66 -2.21
CA GLN A 643 3.43 23.04 -3.35
C GLN A 643 2.02 23.38 -2.92
N VAL A 644 1.41 24.40 -3.52
CA VAL A 644 -0.05 24.62 -3.48
C VAL A 644 -0.66 24.83 -4.83
N GLN A 645 -1.99 24.63 -4.85
CA GLN A 645 -2.92 25.23 -5.86
C GLN A 645 -4.19 25.72 -5.17
N ALA A 646 -4.55 26.96 -5.40
CA ALA A 646 -5.63 27.51 -4.64
C ALA A 646 -6.31 28.50 -5.50
N GLY A 647 -7.63 28.65 -5.28
CA GLY A 647 -8.41 29.61 -6.02
C GLY A 647 -9.55 30.24 -5.26
N TYR A 648 -9.97 31.39 -5.78
CA TYR A 648 -11.14 32.01 -5.24
C TYR A 648 -12.04 32.59 -6.35
N THR A 649 -13.25 32.07 -6.50
CA THR A 649 -14.09 32.59 -7.57
C THR A 649 -15.44 33.13 -7.09
N HIS A 650 -15.77 34.34 -7.54
CA HIS A 650 -17.03 34.97 -7.28
C HIS A 650 -17.82 35.12 -8.61
N LYS A 651 -19.14 34.86 -8.60
CA LYS A 651 -19.98 35.28 -9.75
C LYS A 651 -21.42 35.53 -9.40
N ILE A 652 -22.05 36.47 -10.12
CA ILE A 652 -23.48 36.42 -10.32
C ILE A 652 -23.78 36.48 -11.80
N ILE A 653 -24.72 35.63 -12.23
CA ILE A 653 -25.30 35.68 -13.56
C ILE A 653 -26.83 35.91 -13.52
N ARG A 654 -27.30 36.98 -14.17
CA ARG A 654 -28.75 37.27 -14.32
C ARG A 654 -29.06 37.26 -15.79
N ASP A 655 -30.35 37.21 -16.15
CA ASP A 655 -30.84 37.41 -17.54
C ASP A 655 -31.71 38.65 -17.62
N ASP A 656 -32.38 38.83 -18.75
CA ASP A 656 -33.20 40.00 -19.00
C ASP A 656 -34.37 40.02 -18.07
N SER A 657 -34.78 38.87 -17.55
CA SER A 657 -35.72 38.93 -16.43
C SER A 657 -35.19 39.73 -15.20
N GLY A 658 -33.88 39.93 -15.11
CA GLY A 658 -33.26 40.53 -13.94
C GLY A 658 -32.93 39.48 -12.90
N LYS A 659 -33.69 38.38 -12.88
CA LYS A 659 -33.54 37.29 -11.88
C LYS A 659 -32.24 36.47 -12.00
N LYS A 660 -31.79 35.89 -10.91
CA LYS A 660 -30.52 35.21 -10.96
C LYS A 660 -30.75 33.91 -11.66
N VAL A 661 -29.73 33.47 -12.37
CA VAL A 661 -29.87 32.26 -13.11
C VAL A 661 -28.74 31.32 -12.63
N SER A 662 -28.64 30.08 -13.13
CA SER A 662 -27.58 29.16 -12.64
C SER A 662 -27.40 29.30 -11.11
N THR A 663 -28.45 29.16 -10.33
CA THR A 663 -28.35 29.55 -8.92
C THR A 663 -27.89 28.38 -8.09
N TRP A 664 -27.60 27.26 -8.75
CA TRP A 664 -27.09 26.07 -8.04
C TRP A 664 -25.58 26.13 -8.00
N GLU A 665 -25.02 26.91 -8.95
CA GLU A 665 -23.62 27.21 -8.96
C GLU A 665 -23.52 28.22 -7.87
N PRO A 666 -22.65 28.01 -6.87
CA PRO A 666 -22.56 28.93 -5.74
C PRO A 666 -22.00 30.25 -6.20
N GLN A 667 -22.12 31.28 -5.38
CA GLN A 667 -21.84 32.65 -5.84
C GLN A 667 -20.43 33.02 -5.51
N ASP A 668 -19.85 32.20 -4.63
CA ASP A 668 -18.52 32.37 -4.12
C ASP A 668 -18.00 30.96 -3.87
N GLN A 669 -16.74 30.72 -4.25
CA GLN A 669 -16.13 29.41 -4.03
C GLN A 669 -14.65 29.57 -3.81
N LEU A 670 -14.03 28.52 -3.26
CA LEU A 670 -12.67 28.55 -2.76
C LEU A 670 -12.09 27.13 -2.76
N SER A 671 -10.82 27.01 -3.16
CA SER A 671 -10.10 25.74 -3.25
C SER A 671 -8.68 25.99 -2.76
N LEU A 672 -8.15 25.12 -1.90
CA LEU A 672 -6.72 25.13 -1.52
C LEU A 672 -6.22 23.71 -1.41
N TYR A 673 -5.32 23.31 -2.26
CA TYR A 673 -4.79 22.00 -2.09
C TYR A 673 -3.29 22.10 -1.88
N THR A 674 -2.78 21.48 -0.82
CA THR A 674 -1.36 21.60 -0.54
C THR A 674 -0.68 20.28 -0.19
N SER A 675 0.57 20.15 -0.60
CA SER A 675 1.39 19.08 -0.03
C SER A 675 2.77 19.54 0.28
N TYR A 676 3.41 18.79 1.17
CA TYR A 676 4.74 19.07 1.64
C TYR A 676 5.65 17.83 1.73
N LYS A 677 6.86 17.99 1.25
CA LYS A 677 7.88 16.94 1.21
C LYS A 677 8.90 17.38 2.24
N PHE A 678 9.13 16.63 3.33
CA PHE A 678 10.05 17.07 4.40
C PHE A 678 11.51 16.97 3.91
N LYS A 679 12.46 17.51 4.65
CA LYS A 679 13.85 17.10 4.38
C LYS A 679 14.57 16.42 5.58
N GLY A 680 15.72 15.81 5.32
CA GLY A 680 16.50 15.11 6.38
C GLY A 680 15.97 13.75 6.78
N ALA A 681 15.90 13.51 8.09
CA ALA A 681 15.37 12.25 8.64
C ALA A 681 14.10 11.81 7.92
N LEU A 682 13.18 12.74 7.68
CA LEU A 682 11.86 12.46 7.15
C LEU A 682 11.72 12.66 5.63
N ASP A 683 12.84 12.88 4.92
CA ASP A 683 12.75 13.32 3.52
C ASP A 683 12.11 12.34 2.55
N LYS A 684 11.81 11.12 3.03
CA LYS A 684 11.00 10.16 2.24
C LYS A 684 9.46 10.35 2.42
N LEU A 685 9.04 11.29 3.28
CA LEU A 685 7.64 11.52 3.63
C LEU A 685 7.02 12.71 2.94
N THR A 686 5.81 12.53 2.43
CA THR A 686 5.05 13.61 1.83
C THR A 686 3.63 13.68 2.36
N VAL A 687 3.31 14.86 2.81
CA VAL A 687 2.11 15.09 3.60
C VAL A 687 1.24 16.13 2.89
N GLY A 688 -0.07 15.91 2.93
CA GLY A 688 -0.98 16.67 2.07
C GLY A 688 -2.35 16.90 2.62
N GLY A 689 -2.87 18.08 2.42
CA GLY A 689 -4.23 18.28 2.80
C GLY A 689 -4.86 19.27 1.89
N GLY A 690 -6.16 19.43 1.99
CA GLY A 690 -6.87 20.37 1.15
C GLY A 690 -8.22 20.66 1.71
N ALA A 691 -8.75 21.83 1.35
CA ALA A 691 -10.15 22.21 1.64
C ALA A 691 -10.82 22.83 0.44
N ARG A 692 -12.12 22.67 0.32
CA ARG A 692 -12.89 23.35 -0.72
C ARG A 692 -14.11 23.82 0.04
N TRP A 693 -14.30 25.13 0.03
CA TRP A 693 -15.54 25.80 0.51
C TRP A 693 -16.39 26.40 -0.65
N GLN A 694 -17.70 26.35 -0.49
CA GLN A 694 -18.61 27.11 -1.37
C GLN A 694 -19.77 27.62 -0.51
N GLY A 695 -20.32 28.79 -0.86
CA GLY A 695 -21.42 29.38 -0.08
C GLY A 695 -22.80 28.97 -0.57
N LYS A 696 -23.86 29.53 0.05
CA LYS A 696 -25.29 29.24 -0.30
C LYS A 696 -25.47 28.99 -1.79
N SER A 697 -26.28 27.95 -2.07
CA SER A 697 -26.86 27.69 -3.42
C SER A 697 -28.26 27.05 -3.35
N TRP A 698 -28.98 27.10 -4.49
CA TRP A 698 -30.40 26.77 -4.50
C TRP A 698 -31.09 26.55 -5.86
N GLN A 699 -32.29 25.97 -5.75
CA GLN A 699 -33.16 25.74 -6.87
C GLN A 699 -34.54 26.13 -6.49
N MET A 700 -35.31 26.55 -7.49
CA MET A 700 -36.75 26.60 -7.38
C MET A 700 -37.27 25.35 -8.06
N VAL A 701 -37.90 24.50 -7.25
CA VAL A 701 -38.51 23.29 -7.75
C VAL A 701 -39.95 23.27 -7.29
N TYR A 702 -40.83 22.67 -8.10
CA TYR A 702 -42.29 22.86 -8.00
C TYR A 702 -42.92 21.70 -7.31
N ASN A 703 -43.50 21.91 -6.13
CA ASN A 703 -44.13 20.83 -5.40
C ASN A 703 -45.50 20.64 -5.96
N ASN A 704 -45.56 19.67 -6.85
CA ASN A 704 -46.71 19.41 -7.68
C ASN A 704 -47.99 19.06 -6.88
N PRO A 705 -47.93 18.07 -5.97
CA PRO A 705 -49.03 17.72 -5.07
C PRO A 705 -49.55 18.83 -4.16
N ARG A 706 -48.76 19.88 -4.00
CA ARG A 706 -49.15 20.96 -3.14
C ARG A 706 -49.41 22.22 -3.93
N SER A 707 -49.01 22.21 -5.19
CA SER A 707 -49.33 23.29 -6.12
C SER A 707 -48.67 24.59 -5.76
N ARG A 708 -47.37 24.55 -5.52
CA ARG A 708 -46.65 25.74 -5.10
C ARG A 708 -45.22 25.46 -5.46
N TRP A 709 -44.46 26.54 -5.66
CA TRP A 709 -43.00 26.49 -5.88
C TRP A 709 -42.35 26.50 -4.49
N GLU A 710 -41.28 25.73 -4.29
CA GLU A 710 -40.49 25.80 -3.06
C GLU A 710 -39.06 26.13 -3.43
N LYS A 711 -38.37 26.85 -2.56
CA LYS A 711 -36.93 27.04 -2.72
C LYS A 711 -36.20 25.93 -1.96
N PHE A 712 -35.24 25.24 -2.57
CA PHE A 712 -34.37 24.38 -1.75
C PHE A 712 -33.00 25.00 -1.65
N SER A 713 -32.45 25.08 -0.44
CA SER A 713 -31.10 25.61 -0.21
C SER A 713 -30.08 24.55 0.27
N GLN A 714 -28.84 24.65 -0.26
CA GLN A 714 -27.66 24.01 0.34
C GLN A 714 -26.87 25.10 1.01
N GLU A 715 -26.91 25.09 2.35
CA GLU A 715 -26.12 25.98 3.17
C GLU A 715 -24.62 25.88 2.85
N ASP A 716 -23.89 26.99 2.93
CA ASP A 716 -22.43 26.96 2.66
C ASP A 716 -21.78 25.82 3.43
N TYR A 717 -20.88 25.08 2.80
CA TYR A 717 -20.21 23.94 3.47
C TYR A 717 -18.72 23.90 3.14
N TRP A 718 -17.90 23.34 4.04
CA TRP A 718 -16.51 23.00 3.77
C TRP A 718 -16.37 21.49 3.34
N LEU A 719 -15.35 21.16 2.54
CA LEU A 719 -14.92 19.75 2.49
C LEU A 719 -13.43 19.70 2.67
N VAL A 720 -12.92 18.80 3.55
CA VAL A 720 -11.46 18.71 3.81
C VAL A 720 -10.90 17.41 3.26
N ASP A 721 -9.85 17.46 2.44
CA ASP A 721 -9.09 16.22 2.14
C ASP A 721 -7.74 16.09 2.88
N LEU A 722 -7.32 14.88 3.24
CA LEU A 722 -5.94 14.70 3.80
C LEU A 722 -5.25 13.60 3.07
N MET A 723 -3.93 13.75 2.99
CA MET A 723 -3.10 12.93 2.11
C MET A 723 -1.73 12.70 2.77
N ALA A 724 -1.24 11.48 2.78
CA ALA A 724 0.17 11.20 3.12
C ALA A 724 0.83 10.16 2.18
N ARG A 725 2.13 10.29 1.91
CA ARG A 725 2.84 9.30 1.06
C ARG A 725 4.25 9.04 1.59
N TYR A 726 4.65 7.77 1.69
CA TYR A 726 6.01 7.43 2.09
C TYR A 726 6.69 6.55 1.04
N GLN A 727 7.89 6.95 0.70
CA GLN A 727 8.64 6.25 -0.27
C GLN A 727 9.49 5.27 0.52
N ILE A 728 8.96 4.09 0.75
CA ILE A 728 9.68 3.08 1.54
C ILE A 728 11.01 2.78 0.91
N THR A 729 10.99 2.71 -0.42
CA THR A 729 12.03 2.11 -1.20
C THR A 729 12.20 2.87 -2.51
N ASP A 730 13.44 2.91 -3.03
CA ASP A 730 13.73 3.51 -4.37
C ASP A 730 12.56 3.24 -5.31
N LYS A 731 12.16 1.97 -5.40
CA LYS A 731 11.23 1.50 -6.42
C LYS A 731 9.78 1.36 -5.91
N LEU A 732 9.53 1.72 -4.67
CA LEU A 732 8.22 1.41 -4.17
C LEU A 732 7.72 2.34 -3.08
N SER A 733 6.49 2.86 -3.28
CA SER A 733 5.85 3.76 -2.33
C SER A 733 4.42 3.35 -1.90
N ALA A 734 3.99 3.93 -0.77
CA ALA A 734 2.67 3.70 -0.23
C ALA A 734 2.04 5.03 0.22
N SER A 735 0.81 5.23 -0.25
CA SER A 735 0.03 6.42 -0.02
C SER A 735 -1.26 6.09 0.71
N VAL A 736 -1.82 7.12 1.35
CA VAL A 736 -3.20 7.13 1.79
C VAL A 736 -3.87 8.54 1.54
N ASN A 737 -5.08 8.52 0.96
CA ASN A 737 -5.94 9.69 0.98
C ASN A 737 -7.22 9.44 1.80
N VAL A 738 -7.66 10.50 2.45
CA VAL A 738 -8.91 10.48 3.18
C VAL A 738 -9.60 11.71 2.64
N ASN A 739 -10.82 11.52 2.12
CA ASN A 739 -11.61 12.64 1.61
C ASN A 739 -12.83 12.80 2.40
N ASN A 740 -13.23 14.06 2.49
CA ASN A 740 -14.32 14.48 3.30
C ASN A 740 -14.12 14.01 4.76
N VAL A 741 -12.95 14.32 5.31
CA VAL A 741 -12.59 13.98 6.71
C VAL A 741 -13.78 14.12 7.72
N PHE A 742 -14.44 15.29 7.71
CA PHE A 742 -15.45 15.54 8.75
C PHE A 742 -16.77 14.93 8.35
N ASP A 743 -16.75 14.14 7.29
CA ASP A 743 -17.93 13.41 6.84
C ASP A 743 -19.13 14.33 6.67
N LYS A 744 -18.89 15.54 6.15
CA LYS A 744 -19.97 16.49 5.90
C LYS A 744 -21.02 15.91 4.99
N THR A 745 -22.27 15.84 5.43
CA THR A 745 -23.30 15.40 4.52
C THR A 745 -23.93 16.60 3.85
N TYR A 746 -23.79 16.70 2.52
CA TYR A 746 -24.35 17.79 1.68
C TYR A 746 -25.02 17.24 0.41
N TYR A 747 -25.51 18.13 -0.45
CA TYR A 747 -26.21 17.80 -1.73
C TYR A 747 -25.45 18.25 -2.97
N THR A 748 -25.48 17.45 -4.01
CA THR A 748 -24.75 17.81 -5.22
C THR A 748 -25.76 17.99 -6.27
N ASN A 749 -27.02 17.73 -5.92
CA ASN A 749 -28.18 17.93 -6.79
C ASN A 749 -29.45 17.94 -6.02
N ILE A 750 -30.15 19.08 -6.10
CA ILE A 750 -31.51 19.20 -5.61
C ILE A 750 -32.24 19.85 -6.74
N GLY A 751 -33.32 19.30 -7.24
CA GLY A 751 -34.00 20.05 -8.26
C GLY A 751 -33.93 19.53 -9.68
N PHE A 752 -33.00 18.61 -9.96
CA PHE A 752 -32.96 17.96 -11.33
C PHE A 752 -34.12 16.97 -11.54
N TYR A 753 -35.10 17.37 -12.37
CA TYR A 753 -36.36 16.67 -12.50
C TYR A 753 -36.89 16.25 -11.16
N THR A 754 -36.85 17.19 -10.23
CA THR A 754 -37.51 17.01 -8.96
C THR A 754 -36.96 15.87 -8.16
N SER A 755 -35.63 15.85 -8.04
CA SER A 755 -34.91 14.80 -7.30
C SER A 755 -33.72 15.40 -6.56
N ALA A 756 -32.87 14.52 -6.00
CA ALA A 756 -31.75 14.94 -5.20
C ALA A 756 -30.70 13.89 -5.21
N SER A 757 -29.45 14.36 -5.26
CA SER A 757 -28.26 13.54 -5.16
C SER A 757 -27.42 14.02 -3.96
N TYR A 758 -26.90 13.08 -3.17
CA TYR A 758 -25.94 13.38 -2.08
C TYR A 758 -24.52 13.30 -2.57
N GLY A 759 -23.67 14.24 -2.19
CA GLY A 759 -22.18 14.09 -2.34
C GLY A 759 -21.52 12.98 -1.52
N ASP A 760 -20.33 12.50 -1.96
CA ASP A 760 -19.59 11.38 -1.29
C ASP A 760 -19.38 11.67 0.18
N PRO A 761 -19.83 10.73 1.04
CA PRO A 761 -19.38 10.74 2.41
C PRO A 761 -17.88 10.43 2.52
N ARG A 762 -17.33 10.58 3.72
CA ARG A 762 -15.95 10.27 4.01
C ARG A 762 -15.47 9.04 3.24
N ASN A 763 -14.35 9.10 2.55
CA ASN A 763 -13.84 7.84 2.04
C ASN A 763 -12.33 7.74 2.07
N LEU A 764 -11.78 6.57 2.32
CA LEU A 764 -10.33 6.47 2.28
C LEU A 764 -9.92 5.72 1.02
N MET A 765 -8.69 5.94 0.56
CA MET A 765 -8.10 5.12 -0.50
C MET A 765 -6.65 4.72 -0.08
N PHE A 766 -6.32 3.43 -0.15
CA PHE A 766 -4.95 3.02 0.09
C PHE A 766 -4.38 2.53 -1.19
N SER A 767 -3.14 2.90 -1.49
CA SER A 767 -2.43 2.37 -2.68
C SER A 767 -0.92 2.30 -2.53
N THR A 768 -0.31 1.37 -3.25
CA THR A 768 1.12 1.29 -3.44
C THR A 768 1.42 1.49 -4.90
N ARG A 769 2.44 2.26 -5.24
CA ARG A 769 2.90 2.35 -6.60
C ARG A 769 4.33 1.75 -6.75
N TRP A 770 4.54 0.97 -7.81
CA TRP A 770 5.84 0.33 -8.06
C TRP A 770 6.47 0.84 -9.36
N ASP A 771 7.63 1.51 -9.33
CA ASP A 771 8.40 1.92 -10.55
C ASP A 771 9.50 0.89 -10.90
N PHE A 772 9.44 0.33 -12.12
CA PHE A 772 10.56 -0.46 -12.63
C PHE A 772 11.59 0.61 -12.98
N GLN B 1 -24.69 -12.45 13.15
CA GLN B 1 -25.75 -11.54 12.62
C GLN B 1 -26.47 -12.10 11.36
N GLU B 2 -27.67 -11.57 11.10
CA GLU B 2 -28.59 -12.06 10.07
C GLU B 2 -28.07 -11.85 8.65
N VAL B 3 -28.30 -12.84 7.79
CA VAL B 3 -27.78 -12.93 6.40
C VAL B 3 -28.88 -13.09 5.33
N GLU B 4 -28.58 -12.61 4.12
CA GLU B 4 -29.50 -12.67 3.00
C GLU B 4 -29.44 -14.04 2.32
N PHE B 5 -30.56 -14.76 2.34
CA PHE B 5 -30.66 -16.10 1.77
C PHE B 5 -31.59 -16.27 0.58
N ASP B 6 -31.06 -16.86 -0.50
CA ASP B 6 -31.89 -17.39 -1.59
C ASP B 6 -31.41 -18.76 -2.10
N ILE B 7 -31.88 -19.82 -1.46
CA ILE B 7 -31.64 -21.20 -1.92
C ILE B 7 -32.96 -21.96 -2.20
N PRO B 8 -33.16 -22.32 -3.48
CA PRO B 8 -34.34 -23.00 -4.01
C PRO B 8 -34.25 -24.55 -3.89
N PRO B 9 -35.41 -25.26 -3.79
CA PRO B 9 -35.40 -26.72 -3.52
C PRO B 9 -34.54 -27.49 -4.52
N GLN B 10 -33.44 -28.09 -4.04
CA GLN B 10 -32.52 -28.74 -4.96
C GLN B 10 -31.92 -30.00 -4.37
N ALA B 11 -31.05 -30.64 -5.13
CA ALA B 11 -30.34 -31.76 -4.52
C ALA B 11 -29.59 -31.27 -3.24
N LEU B 12 -29.83 -31.95 -2.10
CA LEU B 12 -29.31 -31.54 -0.82
C LEU B 12 -27.83 -31.24 -0.91
N GLY B 13 -27.13 -31.93 -1.81
CA GLY B 13 -25.69 -31.74 -1.95
C GLY B 13 -25.28 -30.30 -2.24
N SER B 14 -25.86 -29.75 -3.30
CA SER B 14 -25.51 -28.40 -3.71
C SER B 14 -26.25 -27.39 -2.86
N ALA B 15 -27.46 -27.75 -2.44
CA ALA B 15 -28.09 -26.99 -1.39
C ALA B 15 -27.02 -26.63 -0.33
N LEU B 16 -26.30 -27.62 0.17
CA LEU B 16 -25.33 -27.39 1.23
C LEU B 16 -24.20 -26.48 0.78
N GLN B 17 -23.78 -26.64 -0.48
CA GLN B 17 -22.60 -25.96 -0.96
C GLN B 17 -22.94 -24.52 -1.22
N GLU B 18 -24.22 -24.25 -1.56
CA GLU B 18 -24.67 -22.87 -1.79
C GLU B 18 -24.91 -22.25 -0.44
N PHE B 19 -25.45 -23.02 0.48
CA PHE B 19 -25.48 -22.51 1.84
C PHE B 19 -24.13 -22.00 2.26
N GLY B 20 -23.07 -22.65 1.77
CA GLY B 20 -21.70 -22.30 2.06
C GLY B 20 -21.37 -20.93 1.53
N ARG B 21 -21.62 -20.76 0.25
CA ARG B 21 -21.32 -19.52 -0.44
C ARG B 21 -22.12 -18.34 0.14
N GLN B 22 -23.42 -18.54 0.22
CA GLN B 22 -24.32 -17.55 0.73
C GLN B 22 -24.05 -17.10 2.18
N ALA B 23 -23.86 -18.04 3.10
CA ALA B 23 -23.59 -17.65 4.49
C ALA B 23 -22.12 -17.35 4.79
N ASP B 24 -21.25 -17.58 3.82
CA ASP B 24 -19.77 -17.50 4.01
C ASP B 24 -19.31 -18.18 5.31
N ILE B 25 -19.74 -19.42 5.48
CA ILE B 25 -19.21 -20.27 6.54
C ILE B 25 -19.02 -21.69 5.89
N GLN B 26 -18.09 -22.52 6.38
CA GLN B 26 -17.76 -23.81 5.70
C GLN B 26 -18.70 -24.91 6.07
N VAL B 27 -19.11 -25.70 5.09
CA VAL B 27 -20.11 -26.77 5.38
C VAL B 27 -19.53 -28.15 5.12
N LEU B 28 -19.73 -29.04 6.09
CA LEU B 28 -19.11 -30.34 6.01
C LEU B 28 -20.20 -31.40 6.01
N TYR B 29 -20.03 -32.39 5.15
CA TYR B 29 -20.96 -33.53 5.03
C TYR B 29 -20.28 -34.68 4.34
N ARG B 30 -20.97 -35.83 4.36
CA ARG B 30 -20.52 -37.06 3.69
C ARG B 30 -21.30 -37.23 2.40
N PRO B 31 -20.62 -37.15 1.22
CA PRO B 31 -21.41 -37.18 -0.02
C PRO B 31 -22.44 -38.30 -0.01
N GLU B 32 -21.99 -39.53 0.20
CA GLU B 32 -22.87 -40.68 0.30
C GLU B 32 -24.13 -40.50 1.21
N GLU B 33 -24.00 -39.75 2.30
CA GLU B 33 -25.15 -39.50 3.20
C GLU B 33 -26.18 -38.53 2.68
N VAL B 34 -25.76 -37.58 1.88
CA VAL B 34 -26.68 -36.63 1.24
C VAL B 34 -27.11 -37.06 -0.20
N ARG B 35 -26.44 -38.10 -0.70
CA ARG B 35 -26.74 -38.76 -1.94
C ARG B 35 -28.13 -38.36 -2.41
N ASN B 36 -29.23 -38.80 -1.79
CA ASN B 36 -30.52 -38.56 -2.49
C ASN B 36 -31.54 -37.79 -1.72
N LYS B 37 -31.25 -36.53 -1.44
CA LYS B 37 -32.13 -35.79 -0.58
C LYS B 37 -32.41 -34.42 -1.20
N ARG B 38 -33.55 -33.86 -0.81
CA ARG B 38 -34.04 -32.66 -1.40
C ARG B 38 -34.05 -31.67 -0.26
N SER B 39 -33.20 -30.64 -0.35
CA SER B 39 -33.32 -29.44 0.49
C SER B 39 -34.74 -28.84 0.43
N SER B 40 -35.18 -28.13 1.48
CA SER B 40 -36.42 -27.30 1.34
C SER B 40 -36.05 -25.84 1.23
N ALA B 41 -36.91 -25.02 0.63
CA ALA B 41 -36.58 -23.61 0.29
C ALA B 41 -36.35 -22.70 1.46
N ILE B 42 -35.24 -21.97 1.44
CA ILE B 42 -35.01 -20.81 2.32
C ILE B 42 -34.96 -19.50 1.53
N LYS B 43 -35.56 -18.42 2.04
CA LYS B 43 -35.66 -17.14 1.29
C LYS B 43 -35.73 -15.93 2.23
N GLY B 44 -35.04 -14.84 1.89
CA GLY B 44 -35.06 -13.64 2.73
C GLY B 44 -34.10 -13.69 3.92
N LYS B 45 -34.23 -12.70 4.80
CA LYS B 45 -33.22 -12.46 5.83
C LYS B 45 -33.32 -13.46 6.97
N LEU B 46 -32.37 -14.39 7.09
CA LEU B 46 -32.42 -15.31 8.24
C LEU B 46 -31.16 -15.31 9.13
N GLU B 47 -31.26 -15.88 10.32
CA GLU B 47 -30.05 -16.24 11.08
C GLU B 47 -29.43 -17.42 10.36
N PRO B 48 -28.09 -17.44 10.17
CA PRO B 48 -27.42 -18.65 9.67
C PRO B 48 -28.01 -19.93 10.28
N ASN B 49 -27.96 -20.09 11.59
CA ASN B 49 -28.45 -21.32 12.22
C ASN B 49 -29.92 -21.66 11.95
N GLN B 50 -30.75 -20.64 11.81
CA GLN B 50 -32.15 -20.85 11.43
C GLN B 50 -32.29 -21.27 9.95
N ALA B 51 -31.50 -20.64 9.08
CA ALA B 51 -31.49 -20.93 7.65
C ALA B 51 -31.12 -22.39 7.34
N ILE B 52 -30.02 -22.87 7.93
CA ILE B 52 -29.53 -24.21 7.64
C ILE B 52 -30.52 -25.22 8.21
N THR B 53 -31.08 -24.83 9.34
CA THR B 53 -31.99 -25.67 10.04
C THR B 53 -33.16 -26.00 9.18
N GLU B 54 -33.61 -25.01 8.41
CA GLU B 54 -34.86 -25.11 7.66
C GLU B 54 -34.68 -25.82 6.33
N LEU B 55 -33.51 -25.58 5.76
CA LEU B 55 -33.15 -26.11 4.48
C LEU B 55 -33.04 -27.63 4.61
N LEU B 56 -32.84 -28.12 5.85
CA LEU B 56 -32.71 -29.55 6.09
C LEU B 56 -34.00 -30.27 6.43
N ARG B 57 -35.09 -29.53 6.51
CA ARG B 57 -36.35 -30.13 6.99
C ARG B 57 -36.86 -31.13 5.95
N GLY B 58 -37.07 -32.39 6.33
CA GLY B 58 -37.38 -33.44 5.35
C GLY B 58 -36.24 -34.44 5.14
N THR B 59 -35.02 -33.93 5.07
CA THR B 59 -33.83 -34.73 4.88
C THR B 59 -33.57 -35.63 6.09
N GLY B 60 -34.16 -35.25 7.21
CA GLY B 60 -33.85 -35.79 8.54
C GLY B 60 -32.37 -35.75 8.80
N ALA B 61 -31.73 -34.62 8.52
CA ALA B 61 -30.32 -34.48 8.78
C ALA B 61 -30.17 -33.56 9.99
N SER B 62 -29.08 -33.72 10.76
CA SER B 62 -28.85 -32.86 11.92
C SER B 62 -27.62 -31.97 11.71
N VAL B 63 -27.52 -30.89 12.50
CA VAL B 63 -26.43 -29.91 12.34
C VAL B 63 -25.76 -29.71 13.67
N ASP B 64 -24.44 -29.95 13.69
CA ASP B 64 -23.57 -29.51 14.76
C ASP B 64 -22.94 -28.20 14.34
N PHE B 65 -22.76 -27.33 15.31
CA PHE B 65 -22.06 -26.09 15.04
C PHE B 65 -20.67 -26.07 15.67
N GLN B 66 -20.17 -27.24 16.11
CA GLN B 66 -18.88 -27.31 16.79
C GLN B 66 -17.73 -27.02 15.80
N GLY B 67 -16.64 -26.43 16.32
CA GLY B 67 -15.56 -25.85 15.50
C GLY B 67 -16.03 -24.56 14.82
N ASN B 68 -15.39 -24.22 13.69
CA ASN B 68 -15.79 -23.07 12.84
C ASN B 68 -16.51 -23.52 11.57
N ALA B 69 -16.95 -24.77 11.58
CA ALA B 69 -17.72 -25.31 10.46
C ALA B 69 -19.08 -25.73 11.00
N ILE B 70 -20.06 -25.81 10.11
CA ILE B 70 -21.26 -26.55 10.47
C ILE B 70 -21.03 -27.98 9.92
N THR B 71 -21.31 -29.01 10.72
CA THR B 71 -21.24 -30.36 10.18
C THR B 71 -22.64 -30.91 10.10
N ILE B 72 -22.85 -31.78 9.11
CA ILE B 72 -24.15 -32.35 8.76
C ILE B 72 -24.00 -33.85 8.70
N SER B 73 -24.88 -34.58 9.39
CA SER B 73 -24.91 -36.05 9.41
C SER B 73 -26.34 -36.59 9.47
N VAL B 74 -26.49 -37.91 9.54
CA VAL B 74 -27.77 -38.52 9.21
C VAL B 74 -28.45 -39.37 10.27
N GLN B 93 -4.18 -30.32 22.62
CA GLN B 93 -3.12 -31.22 23.08
C GLN B 93 -1.74 -30.55 23.33
N LEU B 94 -1.33 -29.68 22.40
CA LEU B 94 -0.23 -28.72 22.64
C LEU B 94 -0.88 -27.52 23.29
N GLY B 95 -2.21 -27.63 23.52
CA GLY B 95 -3.06 -26.56 24.06
C GLY B 95 -3.69 -25.62 23.02
N THR B 96 -4.52 -24.68 23.48
CA THR B 96 -5.45 -23.97 22.58
C THR B 96 -4.84 -22.88 21.67
N ILE B 97 -5.01 -23.10 20.36
CA ILE B 97 -4.57 -22.25 19.26
C ILE B 97 -4.89 -20.78 19.52
N THR B 98 -3.88 -19.93 19.45
CA THR B 98 -4.12 -18.50 19.69
C THR B 98 -4.70 -17.76 18.48
N GLU B 99 -4.20 -18.04 17.27
CA GLU B 99 -4.73 -17.44 16.02
C GLU B 99 -6.27 -17.43 15.96
N ASP B 100 -6.79 -16.32 15.45
CA ASP B 100 -8.26 -16.15 15.27
C ASP B 100 -9.08 -15.63 16.50
N SER B 101 -8.66 -15.99 17.71
CA SER B 101 -9.17 -15.35 18.90
C SER B 101 -8.79 -13.86 19.05
N GLY B 102 -7.83 -13.34 18.28
CA GLY B 102 -7.35 -11.97 18.48
C GLY B 102 -6.78 -11.57 19.85
N SER B 103 -6.54 -12.53 20.74
CA SER B 103 -5.90 -12.25 22.05
C SER B 103 -4.34 -12.17 22.11
N TYR B 104 -3.84 -11.53 23.17
CA TYR B 104 -2.42 -11.43 23.47
C TYR B 104 -2.08 -12.35 24.67
N THR B 105 -3.00 -13.26 24.97
CA THR B 105 -2.78 -14.17 26.08
C THR B 105 -3.15 -15.58 25.66
N PRO B 106 -2.51 -16.59 26.24
CA PRO B 106 -2.93 -17.90 25.84
C PRO B 106 -4.22 -18.40 26.53
N GLY B 107 -4.81 -19.43 25.96
CA GLY B 107 -5.78 -20.23 26.66
C GLY B 107 -4.89 -21.17 27.44
N THR B 108 -4.90 -22.45 27.10
CA THR B 108 -4.22 -23.45 27.89
C THR B 108 -2.88 -23.75 27.25
N ILE B 109 -1.94 -24.37 27.97
CA ILE B 109 -0.61 -24.75 27.46
C ILE B 109 -0.07 -26.04 28.07
N ALA B 110 0.66 -26.87 27.32
CA ALA B 110 1.26 -28.10 27.89
C ALA B 110 2.80 -28.12 27.91
N THR B 111 3.39 -26.94 28.03
CA THR B 111 4.85 -26.76 27.94
C THR B 111 5.52 -27.29 29.19
N ALA B 112 4.89 -27.02 30.32
CA ALA B 112 5.37 -27.34 31.65
C ALA B 112 5.58 -28.81 31.82
N THR B 113 4.46 -29.56 31.82
CA THR B 113 4.45 -30.98 32.15
C THR B 113 3.89 -31.92 31.08
N ARG B 114 3.40 -31.39 29.96
CA ARG B 114 2.71 -32.19 28.95
C ARG B 114 1.22 -32.33 29.36
N LEU B 115 0.89 -31.89 30.59
CA LEU B 115 -0.51 -31.71 31.01
C LEU B 115 -1.03 -30.37 30.48
N VAL B 116 -2.15 -30.42 29.76
CA VAL B 116 -2.78 -29.24 29.17
C VAL B 116 -3.40 -28.39 30.28
N LEU B 117 -2.61 -27.55 30.93
CA LEU B 117 -3.10 -26.76 32.07
C LEU B 117 -3.28 -25.32 31.62
N THR B 118 -3.93 -24.48 32.41
CA THR B 118 -3.92 -23.04 32.05
C THR B 118 -2.69 -22.42 32.71
N PRO B 119 -2.40 -21.13 32.40
CA PRO B 119 -1.24 -20.52 33.09
C PRO B 119 -1.44 -20.51 34.62
N ARG B 120 -2.51 -19.91 35.10
CA ARG B 120 -2.77 -19.90 36.53
C ARG B 120 -2.52 -21.27 37.11
N GLU B 121 -2.99 -22.32 36.42
CA GLU B 121 -2.79 -23.71 36.85
C GLU B 121 -1.34 -24.23 36.77
N THR B 122 -0.48 -23.56 36.00
CA THR B 122 0.91 -23.97 35.78
C THR B 122 1.81 -23.36 36.88
N PRO B 123 2.42 -24.19 37.74
CA PRO B 123 3.21 -23.58 38.78
C PRO B 123 4.59 -23.13 38.40
N GLN B 124 4.83 -22.72 37.14
CA GLN B 124 6.11 -22.15 36.69
C GLN B 124 5.85 -20.81 36.02
N SER B 125 6.88 -20.01 35.72
CA SER B 125 6.66 -18.75 34.97
C SER B 125 6.67 -19.15 33.50
N ILE B 126 5.58 -18.85 32.78
CA ILE B 126 5.47 -19.23 31.38
C ILE B 126 4.99 -18.00 30.63
N THR B 127 5.75 -17.54 29.65
CA THR B 127 5.46 -16.33 28.86
C THR B 127 5.28 -16.71 27.38
N VAL B 128 4.22 -16.25 26.73
CA VAL B 128 3.97 -16.66 25.33
C VAL B 128 3.78 -15.41 24.42
N VAL B 129 4.21 -15.47 23.16
CA VAL B 129 3.83 -14.48 22.18
C VAL B 129 2.80 -15.15 21.25
N THR B 130 1.59 -14.60 21.21
CA THR B 130 0.45 -15.20 20.46
C THR B 130 0.47 -14.86 18.99
N ARG B 131 -0.38 -15.50 18.23
CA ARG B 131 -0.41 -15.23 16.81
C ARG B 131 -0.80 -13.79 16.52
N GLN B 132 -1.66 -13.23 17.37
CA GLN B 132 -2.21 -11.93 17.14
C GLN B 132 -1.16 -10.85 17.35
N ASN B 133 -0.38 -11.07 18.40
CA ASN B 133 0.72 -10.16 18.69
C ASN B 133 1.69 -10.11 17.51
N MET B 134 2.33 -11.24 17.21
CA MET B 134 3.12 -11.45 15.98
C MET B 134 2.61 -10.64 14.76
N ASP B 135 1.30 -10.77 14.51
CA ASP B 135 0.66 -10.01 13.45
C ASP B 135 0.67 -8.49 13.65
N ASP B 136 -0.01 -8.00 14.70
CA ASP B 136 -0.03 -6.57 14.99
C ASP B 136 1.39 -5.96 14.95
N PHE B 137 2.39 -6.67 15.40
CA PHE B 137 3.72 -6.06 15.43
C PHE B 137 4.72 -6.44 14.36
N GLY B 138 4.35 -7.37 13.46
CA GLY B 138 5.20 -7.70 12.30
C GLY B 138 6.41 -8.51 12.73
N LEU B 139 6.27 -9.20 13.85
CA LEU B 139 7.37 -10.07 14.30
C LEU B 139 7.50 -11.17 13.28
N ASN B 140 8.50 -11.03 12.39
CA ASN B 140 8.63 -12.02 11.32
C ASN B 140 9.44 -13.33 11.56
N ASN B 141 10.51 -13.23 12.34
CA ASN B 141 11.29 -14.40 12.73
C ASN B 141 11.49 -14.45 14.24
N ILE B 142 12.22 -15.46 14.68
CA ILE B 142 12.37 -15.69 16.12
C ILE B 142 13.09 -14.51 16.83
N ASP B 143 14.12 -13.91 16.21
CA ASP B 143 14.76 -12.70 16.79
C ASP B 143 13.71 -11.62 17.15
N ASP B 144 12.89 -11.27 16.15
CA ASP B 144 11.76 -10.35 16.30
C ASP B 144 10.87 -10.79 17.50
N VAL B 145 10.38 -12.03 17.50
CA VAL B 145 9.56 -12.50 18.60
C VAL B 145 10.30 -12.23 19.93
N MET B 146 11.55 -12.71 20.06
CA MET B 146 12.34 -12.59 21.29
C MET B 146 12.53 -11.14 21.73
N ARG B 147 12.99 -10.27 20.83
CA ARG B 147 13.12 -8.85 21.19
C ARG B 147 11.88 -8.29 21.86
N HIS B 148 10.70 -8.81 21.51
CA HIS B 148 9.47 -8.50 22.22
C HIS B 148 9.12 -9.41 23.38
N THR B 149 10.03 -10.16 23.96
CA THR B 149 9.50 -11.02 25.02
C THR B 149 9.87 -10.53 26.39
N PRO B 150 8.84 -10.24 27.23
CA PRO B 150 9.03 -9.81 28.61
C PRO B 150 9.98 -10.77 29.29
N GLY B 151 11.14 -10.26 29.69
CA GLY B 151 12.10 -11.03 30.45
C GLY B 151 13.21 -11.53 29.56
N ILE B 152 13.33 -10.92 28.39
CA ILE B 152 14.34 -11.37 27.43
C ILE B 152 15.21 -10.26 26.82
N THR B 153 16.50 -10.54 26.75
CA THR B 153 17.44 -9.62 26.20
C THR B 153 18.02 -10.32 25.04
N VAL B 154 18.00 -9.60 23.93
CA VAL B 154 18.62 -10.09 22.75
C VAL B 154 19.94 -9.30 22.61
N SER B 155 21.08 -10.00 22.73
CA SER B 155 22.40 -9.41 22.49
C SER B 155 22.91 -9.93 21.18
N ALA B 156 23.90 -9.27 20.60
CA ALA B 156 24.43 -9.70 19.29
C ALA B 156 25.78 -10.40 19.37
N TYR B 157 25.96 -11.41 18.53
CA TYR B 157 27.28 -11.88 18.13
C TYR B 157 27.72 -11.18 16.82
N ASP B 158 26.96 -11.43 15.75
CA ASP B 158 27.27 -10.87 14.45
C ASP B 158 26.08 -11.06 13.48
N THR B 159 26.20 -10.53 12.27
CA THR B 159 25.04 -10.25 11.40
C THR B 159 24.05 -11.40 11.38
N ASP B 160 24.54 -12.61 11.46
CA ASP B 160 23.60 -13.73 11.35
C ASP B 160 23.59 -14.57 12.58
N ARG B 161 23.85 -13.98 13.74
CA ARG B 161 23.69 -14.74 14.98
C ARG B 161 23.39 -13.79 16.14
N ASN B 162 22.56 -14.20 17.09
CA ASN B 162 22.31 -13.38 18.26
C ASN B 162 22.17 -14.26 19.49
N ASN B 163 22.16 -13.64 20.66
CA ASN B 163 22.20 -14.33 21.91
C ASN B 163 20.93 -14.07 22.67
N TYR B 164 20.32 -15.08 23.28
CA TYR B 164 19.16 -14.75 24.08
C TYR B 164 19.38 -15.08 25.55
N TYR B 165 19.23 -14.07 26.40
CA TYR B 165 19.29 -14.26 27.85
C TYR B 165 17.90 -14.37 28.50
N ALA B 166 17.78 -15.31 29.47
CA ALA B 166 16.87 -15.19 30.61
C ALA B 166 17.55 -15.51 31.93
N ARG B 167 17.38 -14.60 32.90
CA ARG B 167 17.76 -14.82 34.26
C ARG B 167 19.25 -15.15 34.43
N GLY B 168 20.10 -14.48 33.62
CA GLY B 168 21.55 -14.56 33.79
C GLY B 168 22.14 -15.71 33.00
N PHE B 169 21.29 -16.28 32.12
CA PHE B 169 21.63 -17.44 31.27
C PHE B 169 21.37 -17.34 29.77
N SER B 170 22.39 -17.59 28.96
CA SER B 170 22.19 -17.72 27.52
C SER B 170 21.27 -18.89 27.32
N ILE B 171 20.13 -18.68 26.68
CA ILE B 171 19.21 -19.76 26.41
C ILE B 171 19.76 -20.60 25.26
N ASN B 172 19.98 -21.89 25.52
CA ASN B 172 20.41 -22.86 24.49
C ASN B 172 19.43 -24.04 24.32
N ASN B 173 18.16 -23.83 24.62
CA ASN B 173 17.11 -24.86 24.48
C ASN B 173 15.90 -24.49 23.58
N PHE B 174 15.94 -24.88 22.30
CA PHE B 174 14.76 -24.76 21.46
C PHE B 174 13.83 -26.01 21.41
N GLN B 175 12.57 -25.77 21.17
CA GLN B 175 11.70 -26.88 20.93
C GLN B 175 10.78 -26.59 19.73
N TYR B 176 10.66 -27.55 18.84
CA TYR B 176 9.66 -27.47 17.80
C TYR B 176 8.56 -28.50 18.09
N ASP B 177 7.39 -28.00 18.43
CA ASP B 177 6.22 -28.86 18.63
C ASP B 177 6.58 -29.93 19.62
N GLY B 178 7.21 -29.49 20.72
CA GLY B 178 7.64 -30.41 21.79
C GLY B 178 8.98 -31.10 21.57
N ILE B 179 9.47 -31.17 20.34
CA ILE B 179 10.70 -31.88 20.08
C ILE B 179 11.89 -30.93 20.26
N PRO B 180 12.78 -31.19 21.25
CA PRO B 180 14.01 -30.39 21.47
C PRO B 180 15.07 -30.46 20.35
N SER B 181 15.60 -29.32 19.90
CA SER B 181 16.65 -29.29 18.89
C SER B 181 17.92 -29.89 19.46
N THR B 182 18.76 -30.45 18.59
CA THR B 182 20.08 -30.86 19.06
C THR B 182 21.20 -30.08 18.38
N ALA B 183 20.87 -29.13 17.49
CA ALA B 183 21.84 -28.11 17.07
C ALA B 183 21.82 -27.16 18.26
N ARG B 184 22.92 -27.17 19.02
CA ARG B 184 22.98 -26.53 20.34
C ARG B 184 24.27 -25.67 20.46
N ASN B 185 25.07 -25.69 19.41
CA ASN B 185 26.38 -25.11 19.44
C ASN B 185 26.54 -23.92 18.45
N VAL B 186 26.64 -22.68 18.95
CA VAL B 186 26.44 -21.47 18.09
C VAL B 186 27.55 -21.03 17.16
N GLY B 187 28.78 -21.47 17.44
CA GLY B 187 29.90 -21.25 16.54
C GLY B 187 29.65 -21.86 15.17
N TYR B 188 28.73 -22.82 15.13
CA TYR B 188 28.24 -23.45 13.91
C TYR B 188 26.76 -23.19 13.83
N SER B 189 26.37 -21.91 13.88
CA SER B 189 24.95 -21.49 13.74
C SER B 189 24.23 -22.20 12.60
N ALA B 190 23.12 -22.86 12.93
CA ALA B 190 22.32 -23.59 11.93
C ALA B 190 20.82 -23.30 11.96
N GLY B 191 20.46 -22.07 12.21
CA GLY B 191 19.10 -21.76 11.95
C GLY B 191 18.23 -21.44 13.10
N ASN B 192 18.62 -21.86 14.29
CA ASN B 192 17.74 -21.74 15.44
C ASN B 192 17.35 -20.33 15.82
N THR B 193 18.15 -19.37 15.44
CA THR B 193 17.98 -17.97 15.81
C THR B 193 17.20 -17.21 14.68
N LEU B 194 16.90 -17.92 13.58
CA LEU B 194 16.35 -17.27 12.38
C LEU B 194 15.03 -17.87 11.92
N SER B 195 14.50 -18.86 12.66
CA SER B 195 13.23 -19.45 12.23
C SER B 195 12.29 -18.31 11.98
N ASP B 196 11.57 -18.47 10.88
CA ASP B 196 10.59 -17.52 10.37
C ASP B 196 9.22 -17.86 10.90
N MET B 197 8.48 -16.80 11.21
CA MET B 197 7.21 -16.90 11.94
C MET B 197 6.07 -17.36 11.04
N ALA B 198 6.33 -17.50 9.76
CA ALA B 198 5.23 -17.80 8.86
C ALA B 198 4.51 -19.11 9.12
N ILE B 199 5.21 -20.04 9.77
CA ILE B 199 4.70 -21.41 9.92
C ILE B 199 4.18 -21.71 11.33
N TYR B 200 4.17 -20.71 12.22
CA TYR B 200 3.90 -20.99 13.62
C TYR B 200 2.76 -20.19 14.15
N ASP B 201 2.12 -20.79 15.13
CA ASP B 201 0.96 -20.20 15.76
C ASP B 201 1.30 -19.37 16.99
N ARG B 202 2.38 -19.71 17.67
CA ARG B 202 2.73 -18.99 18.86
C ARG B 202 4.10 -19.46 19.33
N VAL B 203 4.77 -18.68 20.18
CA VAL B 203 6.05 -19.13 20.72
C VAL B 203 5.90 -19.22 22.22
N GLU B 204 6.26 -20.33 22.82
CA GLU B 204 6.11 -20.43 24.26
C GLU B 204 7.47 -20.31 24.92
N VAL B 205 7.67 -19.34 25.79
CA VAL B 205 8.91 -19.30 26.51
C VAL B 205 8.66 -19.71 27.94
N LEU B 206 9.36 -20.75 28.41
CA LEU B 206 9.24 -21.19 29.79
C LEU B 206 10.50 -20.86 30.58
N LYS B 207 10.37 -20.33 31.80
CA LYS B 207 11.54 -19.77 32.49
C LYS B 207 11.97 -20.39 33.84
N GLY B 208 13.28 -20.45 34.03
CA GLY B 208 13.87 -21.18 35.11
C GLY B 208 14.59 -22.43 34.65
N ALA B 209 14.18 -23.55 35.21
CA ALA B 209 14.79 -24.84 34.91
C ALA B 209 13.76 -25.81 34.27
N THR B 210 14.00 -26.14 32.99
CA THR B 210 13.02 -26.88 32.23
C THR B 210 13.37 -28.36 31.96
N GLY B 211 14.42 -28.87 32.59
CA GLY B 211 14.76 -30.29 32.45
C GLY B 211 13.66 -31.34 32.32
N LEU B 212 12.52 -31.18 33.00
CA LEU B 212 11.46 -32.21 32.98
C LEU B 212 11.18 -32.73 31.58
N LEU B 213 10.59 -31.92 30.71
CA LEU B 213 10.44 -32.33 29.33
C LEU B 213 11.57 -31.97 28.38
N THR B 214 12.63 -31.29 28.83
CA THR B 214 13.73 -30.93 27.92
C THR B 214 14.82 -31.97 27.91
N GLY B 215 15.03 -32.62 29.05
CA GLY B 215 16.19 -33.49 29.19
C GLY B 215 17.41 -32.61 29.34
N ALA B 216 18.59 -33.14 29.08
CA ALA B 216 19.81 -32.34 29.05
C ALA B 216 19.61 -30.97 28.35
N GLY B 217 20.25 -29.92 28.89
CA GLY B 217 20.18 -28.55 28.31
C GLY B 217 20.63 -27.43 29.24
N SER B 218 20.34 -26.19 28.91
CA SER B 218 20.89 -25.09 29.71
C SER B 218 19.91 -24.45 30.68
N LEU B 219 20.36 -23.57 31.57
CA LEU B 219 19.45 -22.85 32.50
C LEU B 219 18.78 -21.65 31.85
N GLY B 220 17.65 -21.22 32.40
CA GLY B 220 17.14 -19.88 32.15
C GLY B 220 15.78 -19.91 31.53
N ALA B 221 15.63 -20.79 30.54
CA ALA B 221 14.45 -20.80 29.66
C ALA B 221 14.55 -21.85 28.52
N THR B 222 13.38 -22.25 28.01
CA THR B 222 13.29 -23.01 26.77
C THR B 222 12.34 -22.26 25.90
N ILE B 223 12.71 -22.11 24.63
CA ILE B 223 11.78 -21.55 23.63
C ILE B 223 11.15 -22.72 22.88
N ASN B 224 9.81 -22.78 22.86
CA ASN B 224 9.13 -23.87 22.21
C ASN B 224 8.19 -23.30 21.22
N LEU B 225 8.37 -23.70 19.97
CA LEU B 225 7.63 -23.11 18.88
C LEU B 225 6.56 -24.09 18.57
N ILE B 226 5.31 -23.62 18.52
CA ILE B 226 4.17 -24.45 18.18
C ILE B 226 3.86 -24.18 16.73
N ARG B 227 3.87 -25.24 15.91
CA ARG B 227 3.58 -25.15 14.44
C ARG B 227 2.13 -24.79 14.11
N LYS B 228 1.88 -24.16 12.97
CA LYS B 228 0.48 -24.05 12.51
C LYS B 228 -0.08 -25.40 12.06
N LYS B 229 -1.33 -25.64 12.46
CA LYS B 229 -2.09 -26.85 12.11
C LYS B 229 -3.20 -26.62 11.05
N PRO B 230 -3.73 -27.69 10.47
CA PRO B 230 -4.78 -27.47 9.47
C PRO B 230 -6.16 -27.32 10.11
N THR B 231 -7.09 -26.78 9.34
CA THR B 231 -8.35 -26.41 9.88
C THR B 231 -9.53 -27.06 9.16
N HIS B 232 -10.58 -27.28 9.94
CA HIS B 232 -11.85 -27.79 9.44
C HIS B 232 -12.53 -26.83 8.45
N GLU B 233 -12.32 -25.52 8.60
CA GLU B 233 -12.86 -24.47 7.67
C GLU B 233 -11.81 -23.91 6.66
N PHE B 234 -12.22 -23.68 5.41
CA PHE B 234 -11.30 -23.04 4.45
C PHE B 234 -10.99 -21.55 4.78
N LYS B 235 -9.73 -21.26 5.01
CA LYS B 235 -9.29 -19.90 5.25
C LYS B 235 -7.90 -19.72 4.64
N GLY B 236 -7.51 -18.47 4.39
CA GLY B 236 -6.10 -18.13 4.23
C GLY B 236 -5.79 -16.70 3.80
N HIS B 237 -4.52 -16.33 3.78
CA HIS B 237 -4.22 -14.99 3.33
C HIS B 237 -3.08 -14.95 2.38
N VAL B 238 -2.90 -13.80 1.76
CA VAL B 238 -1.65 -13.48 1.11
C VAL B 238 -1.20 -12.27 1.86
N GLU B 239 0.10 -12.14 2.07
CA GLU B 239 0.60 -10.89 2.60
C GLU B 239 1.77 -10.40 1.79
N LEU B 240 1.81 -9.11 1.50
CA LEU B 240 2.95 -8.45 0.86
C LEU B 240 3.42 -7.25 1.66
N GLY B 241 4.62 -7.30 2.21
CA GLY B 241 5.20 -6.12 2.85
C GLY B 241 6.45 -5.52 2.19
N ALA B 242 6.76 -4.27 2.57
CA ALA B 242 7.93 -3.51 2.06
C ALA B 242 8.40 -2.63 3.21
N GLY B 243 9.69 -2.75 3.59
CA GLY B 243 10.24 -1.97 4.71
C GLY B 243 11.55 -1.26 4.42
N SER B 244 11.98 -0.43 5.37
CA SER B 244 13.30 0.19 5.43
C SER B 244 14.43 -0.69 4.96
N TRP B 245 15.36 -0.08 4.23
CA TRP B 245 16.51 -0.78 3.59
C TRP B 245 16.12 -1.92 2.62
N ASP B 246 15.21 -1.62 1.69
CA ASP B 246 14.78 -2.59 0.70
C ASP B 246 14.27 -3.91 1.31
N ASN B 247 13.35 -3.85 2.23
CA ASN B 247 12.97 -5.05 2.93
C ASN B 247 11.64 -5.56 2.34
N TYR B 248 11.69 -6.63 1.54
CA TYR B 248 10.53 -7.13 0.73
C TYR B 248 10.09 -8.50 1.25
N ARG B 249 8.82 -8.73 1.45
CA ARG B 249 8.43 -10.05 1.94
C ARG B 249 7.08 -10.44 1.40
N SER B 250 6.90 -11.75 1.15
CA SER B 250 5.63 -12.25 0.72
C SER B 250 5.35 -13.58 1.36
N GLU B 251 4.08 -13.86 1.60
CA GLU B 251 3.72 -14.95 2.41
C GLU B 251 2.36 -15.40 1.98
N LEU B 252 2.20 -16.72 1.91
CA LEU B 252 0.97 -17.36 1.48
C LEU B 252 0.77 -18.52 2.39
N ASP B 253 -0.47 -18.68 2.86
CA ASP B 253 -0.86 -19.67 3.88
C ASP B 253 -2.26 -20.02 3.42
N VAL B 254 -2.48 -21.29 3.11
CA VAL B 254 -3.81 -21.80 2.76
C VAL B 254 -4.20 -22.97 3.68
N SER B 255 -5.42 -23.00 4.17
CA SER B 255 -5.75 -24.10 5.03
C SER B 255 -7.14 -24.59 4.84
N GLY B 256 -7.33 -25.92 4.80
CA GLY B 256 -8.70 -26.45 4.75
C GLY B 256 -8.95 -27.93 4.65
N PRO B 257 -10.26 -28.33 4.55
CA PRO B 257 -10.67 -29.69 4.21
C PRO B 257 -10.29 -30.02 2.79
N LEU B 258 -9.93 -31.28 2.62
CA LEU B 258 -9.46 -31.85 1.36
C LEU B 258 -10.47 -32.82 0.84
N THR B 259 -11.32 -33.35 1.73
CA THR B 259 -12.47 -34.17 1.37
C THR B 259 -13.67 -33.45 1.90
N GLU B 260 -14.77 -33.54 1.18
CA GLU B 260 -15.97 -32.80 1.53
C GLU B 260 -16.50 -33.11 2.99
N SER B 261 -16.10 -34.23 3.59
CA SER B 261 -16.51 -34.53 4.97
C SER B 261 -15.56 -33.87 5.95
N GLY B 262 -14.49 -33.27 5.43
CA GLY B 262 -13.38 -32.76 6.27
C GLY B 262 -12.58 -33.84 6.99
N ASN B 263 -12.87 -35.11 6.76
CA ASN B 263 -12.14 -36.19 7.40
C ASN B 263 -10.62 -36.17 7.08
N VAL B 264 -10.24 -35.40 6.07
CA VAL B 264 -8.86 -35.15 5.72
C VAL B 264 -8.62 -33.60 5.61
N ARG B 265 -7.59 -33.07 6.25
CA ARG B 265 -7.28 -31.62 6.21
C ARG B 265 -5.84 -31.25 5.78
N GLY B 266 -5.68 -30.13 5.08
CA GLY B 266 -4.32 -29.66 4.77
C GLY B 266 -4.03 -28.21 5.15
N ARG B 267 -2.75 -27.90 5.36
CA ARG B 267 -2.32 -26.51 5.34
C ARG B 267 -1.00 -26.49 4.70
N ALA B 268 -0.75 -25.43 3.92
CA ALA B 268 0.53 -25.19 3.21
C ALA B 268 0.89 -23.69 3.35
N VAL B 269 2.17 -23.42 3.58
CA VAL B 269 2.64 -22.05 3.83
C VAL B 269 3.93 -21.83 3.07
N ALA B 270 4.03 -20.69 2.42
CA ALA B 270 5.28 -20.30 1.73
C ALA B 270 5.53 -18.84 1.98
N ALA B 271 6.77 -18.52 2.31
CA ALA B 271 7.14 -17.14 2.51
C ALA B 271 8.50 -16.89 1.86
N TYR B 272 8.74 -15.67 1.40
CA TYR B 272 10.03 -15.34 0.81
C TYR B 272 10.33 -13.96 1.31
N GLN B 273 11.56 -13.72 1.71
CA GLN B 273 11.94 -12.37 2.11
C GLN B 273 13.34 -12.00 1.58
N ASP B 274 13.50 -10.74 1.18
CA ASP B 274 14.75 -10.27 0.59
C ASP B 274 14.90 -8.94 1.25
N LYS B 275 16.08 -8.70 1.83
CA LYS B 275 16.31 -7.44 2.52
C LYS B 275 17.75 -6.94 2.48
N HIS B 276 17.96 -5.64 2.49
CA HIS B 276 19.32 -5.15 2.73
C HIS B 276 19.32 -4.73 4.16
N SER B 277 20.32 -3.97 4.61
CA SER B 277 20.21 -3.36 5.94
C SER B 277 20.72 -1.93 6.08
N PHE B 278 20.58 -1.35 7.27
CA PHE B 278 21.29 -0.07 7.51
C PHE B 278 22.76 -0.34 7.40
N MET B 279 23.12 -1.61 7.36
CA MET B 279 24.51 -2.03 7.41
C MET B 279 24.89 -2.24 6.00
N ASP B 280 25.80 -1.38 5.59
CA ASP B 280 26.51 -1.47 4.33
C ASP B 280 26.75 -2.86 3.77
N HIS B 281 26.69 -2.98 2.45
CA HIS B 281 26.92 -4.22 1.69
C HIS B 281 26.36 -5.57 2.23
N TYR B 282 25.14 -5.59 2.77
CA TYR B 282 24.63 -6.83 3.34
C TYR B 282 23.24 -7.12 2.84
N GLU B 283 23.03 -8.27 2.20
CA GLU B 283 21.63 -8.71 2.00
C GLU B 283 21.37 -10.13 2.46
N ARG B 284 20.09 -10.51 2.53
CA ARG B 284 19.72 -11.83 3.05
C ARG B 284 18.40 -12.25 2.50
N LYS B 285 18.41 -13.37 1.79
CA LYS B 285 17.24 -13.83 1.13
C LYS B 285 16.71 -14.95 1.97
N THR B 286 15.51 -14.86 2.56
CA THR B 286 14.96 -16.09 3.17
C THR B 286 13.74 -16.66 2.46
N SER B 287 13.71 -17.98 2.37
CA SER B 287 12.56 -18.70 1.77
C SER B 287 12.04 -19.78 2.67
N VAL B 288 10.75 -19.75 3.00
CA VAL B 288 10.16 -20.90 3.71
C VAL B 288 9.03 -21.63 3.01
N TYR B 289 9.06 -22.97 3.11
CA TYR B 289 7.89 -23.83 2.74
C TYR B 289 7.37 -24.71 3.87
N TYR B 290 6.09 -25.08 3.83
CA TYR B 290 5.54 -25.94 4.87
C TYR B 290 4.20 -26.51 4.43
N GLY B 291 4.12 -27.83 4.52
CA GLY B 291 2.90 -28.58 4.25
C GLY B 291 2.66 -29.57 5.38
N ILE B 292 1.38 -29.74 5.71
CA ILE B 292 0.91 -30.65 6.78
C ILE B 292 -0.48 -31.21 6.45
N LEU B 293 -0.54 -32.54 6.37
CA LEU B 293 -1.80 -33.24 6.13
C LEU B 293 -2.22 -33.89 7.45
N GLU B 294 -3.52 -33.81 7.72
CA GLU B 294 -4.18 -34.49 8.83
C GLU B 294 -5.22 -35.40 8.23
N PHE B 295 -5.15 -36.69 8.58
CA PHE B 295 -6.12 -37.71 8.19
C PHE B 295 -6.76 -38.21 9.47
N ASP B 296 -8.07 -38.47 9.40
CA ASP B 296 -8.77 -39.19 10.48
C ASP B 296 -8.89 -40.63 10.10
N LEU B 297 -8.18 -41.48 10.82
CA LEU B 297 -8.24 -42.94 10.62
C LEU B 297 -9.61 -43.49 11.04
N ASN B 298 -10.10 -43.03 12.20
CA ASN B 298 -11.49 -43.20 12.63
C ASN B 298 -11.86 -42.01 13.56
N PRO B 299 -13.07 -42.02 14.17
CA PRO B 299 -13.30 -40.88 15.12
C PRO B 299 -12.50 -40.88 16.47
N ASP B 300 -11.69 -41.89 16.75
CA ASP B 300 -10.84 -41.85 17.97
C ASP B 300 -9.32 -41.67 17.66
N THR B 301 -8.96 -41.68 16.38
CA THR B 301 -7.56 -41.77 15.97
C THR B 301 -7.14 -40.87 14.79
N MET B 302 -6.08 -40.08 15.01
CA MET B 302 -5.59 -39.13 14.00
C MET B 302 -4.14 -39.36 13.64
N LEU B 303 -3.84 -39.50 12.35
CA LEU B 303 -2.50 -39.53 11.82
C LEU B 303 -2.20 -38.20 11.15
N THR B 304 -1.13 -37.55 11.56
CA THR B 304 -0.62 -36.33 10.86
C THR B 304 0.71 -36.60 10.13
N VAL B 305 0.83 -36.12 8.89
CA VAL B 305 2.15 -35.99 8.29
C VAL B 305 2.51 -34.52 7.96
N GLY B 306 3.80 -34.21 7.95
CA GLY B 306 4.19 -32.84 7.65
C GLY B 306 5.67 -32.64 7.39
N ALA B 307 5.97 -31.71 6.51
CA ALA B 307 7.36 -31.35 6.22
C ALA B 307 7.50 -29.83 6.32
N ASP B 308 8.69 -29.35 6.71
CA ASP B 308 9.02 -27.93 6.57
C ASP B 308 10.41 -27.67 6.14
N TYR B 309 10.69 -26.43 5.74
CA TYR B 309 11.95 -26.09 5.09
C TYR B 309 12.16 -24.60 5.14
N GLN B 310 13.39 -24.22 5.47
CA GLN B 310 13.79 -22.79 5.56
C GLN B 310 15.29 -22.59 5.28
N ASP B 311 15.55 -21.64 4.40
CA ASP B 311 16.87 -21.29 4.00
C ASP B 311 17.01 -19.79 4.18
N ASN B 312 17.95 -19.45 5.06
CA ASN B 312 18.46 -18.12 5.30
C ASN B 312 19.78 -17.98 4.59
N ASP B 313 19.85 -17.10 3.59
CA ASP B 313 21.03 -17.04 2.71
C ASP B 313 21.51 -15.61 2.45
N PRO B 314 22.53 -15.12 3.18
CA PRO B 314 23.00 -13.73 3.10
C PRO B 314 24.36 -13.46 2.36
N LYS B 315 24.63 -12.20 1.98
CA LYS B 315 25.97 -11.73 1.54
C LYS B 315 26.41 -10.60 2.46
N GLY B 316 27.73 -10.39 2.62
CA GLY B 316 28.25 -9.39 3.56
C GLY B 316 28.06 -9.82 5.02
N SER B 317 27.90 -11.11 5.24
CA SER B 317 27.78 -11.60 6.59
C SER B 317 29.04 -11.13 7.31
N GLY B 318 28.86 -10.53 8.47
CA GLY B 318 30.05 -10.16 9.25
C GLY B 318 30.29 -11.29 10.19
N TRP B 319 31.40 -11.24 10.92
CA TRP B 319 31.83 -12.31 11.78
C TRP B 319 32.50 -11.57 12.88
N SER B 320 32.06 -11.84 14.12
CA SER B 320 32.72 -11.27 15.29
C SER B 320 32.42 -9.74 15.44
N GLY B 321 31.18 -9.43 15.83
CA GLY B 321 30.79 -8.07 16.01
C GLY B 321 30.72 -7.39 14.66
N SER B 322 30.53 -6.09 14.66
CA SER B 322 30.49 -5.36 13.41
C SER B 322 31.78 -4.59 13.06
N PHE B 323 32.48 -4.07 14.09
CA PHE B 323 33.79 -3.40 13.94
C PHE B 323 34.58 -3.69 15.17
N PRO B 324 35.91 -3.72 15.07
CA PRO B 324 36.58 -3.95 16.36
C PRO B 324 36.64 -2.67 17.18
N LEU B 325 36.62 -2.82 18.51
CA LEU B 325 36.53 -1.69 19.40
C LEU B 325 37.76 -0.82 19.32
N PHE B 326 38.92 -1.43 18.99
CA PHE B 326 40.25 -0.79 19.11
C PHE B 326 41.10 -0.74 17.83
N ASP B 327 41.59 0.43 17.41
CA ASP B 327 42.55 0.47 16.31
C ASP B 327 43.88 -0.23 16.69
N SER B 328 44.93 -0.06 15.88
CA SER B 328 46.19 -0.78 16.10
C SER B 328 46.93 -0.25 17.27
N GLN B 329 46.68 1.01 17.56
CA GLN B 329 47.40 1.73 18.58
C GLN B 329 46.64 1.71 19.93
N GLY B 330 45.45 1.14 19.97
CA GLY B 330 44.66 1.03 21.19
C GLY B 330 43.66 2.16 21.48
N ASN B 331 43.39 3.03 20.51
CA ASN B 331 42.40 4.09 20.69
C ASN B 331 41.03 3.52 20.40
N ARG B 332 39.96 4.11 20.97
CA ARG B 332 38.58 3.65 20.60
C ARG B 332 38.27 3.97 19.13
N ASN B 333 37.81 2.99 18.36
CA ASN B 333 37.47 3.25 16.95
C ASN B 333 36.18 4.03 16.91
N ASP B 334 36.02 4.91 15.92
CA ASP B 334 34.79 5.67 15.71
C ASP B 334 34.16 5.31 14.33
N VAL B 335 33.05 4.59 14.30
CA VAL B 335 32.44 4.30 12.97
C VAL B 335 30.95 4.56 12.94
N SER B 336 30.39 4.57 11.74
CA SER B 336 28.94 4.69 11.59
C SER B 336 28.25 3.44 11.89
N ARG B 337 27.00 3.66 12.28
CA ARG B 337 26.02 2.60 12.38
C ARG B 337 26.10 1.72 11.12
N SER B 338 26.41 2.32 9.99
CA SER B 338 26.28 1.59 8.73
C SER B 338 27.47 0.71 8.39
N PHE B 339 28.41 0.53 9.32
CA PHE B 339 29.69 -0.10 9.01
C PHE B 339 29.57 -1.59 9.21
N ASN B 340 29.98 -2.34 8.20
CA ASN B 340 29.90 -3.79 8.19
C ASN B 340 31.29 -4.32 7.91
N ASN B 341 31.88 -5.06 8.81
CA ASN B 341 33.22 -5.59 8.55
C ASN B 341 33.30 -6.86 7.72
N GLY B 342 32.18 -7.39 7.23
CA GLY B 342 32.23 -8.64 6.39
C GLY B 342 32.90 -8.36 5.04
N ALA B 343 33.40 -9.38 4.36
CA ALA B 343 33.68 -9.22 2.92
C ALA B 343 32.35 -9.30 2.15
N LYS B 344 32.31 -8.61 1.01
CA LYS B 344 31.19 -8.66 0.08
C LYS B 344 30.66 -10.07 -0.08
N TRP B 345 31.59 -11.01 -0.31
CA TRP B 345 31.35 -12.43 -0.48
C TRP B 345 31.13 -13.25 0.80
N SER B 346 31.40 -12.68 1.98
CA SER B 346 31.17 -13.39 3.25
C SER B 346 29.72 -13.82 3.45
N SER B 347 29.51 -15.10 3.75
CA SER B 347 28.17 -15.59 3.95
C SER B 347 28.02 -16.59 5.06
N TRP B 348 27.04 -16.40 5.94
CA TRP B 348 26.64 -17.45 6.91
C TRP B 348 25.28 -18.08 6.62
N GLU B 349 25.21 -18.74 5.47
CA GLU B 349 24.07 -19.51 5.00
C GLU B 349 23.63 -20.46 6.11
N GLN B 350 22.34 -20.53 6.38
CA GLN B 350 21.83 -21.38 7.47
C GLN B 350 20.48 -21.99 7.08
N TYR B 351 20.42 -23.33 7.06
CA TYR B 351 19.17 -23.99 6.61
C TYR B 351 18.59 -25.03 7.53
N THR B 352 17.27 -25.13 7.59
CA THR B 352 16.63 -26.16 8.39
C THR B 352 15.57 -26.90 7.60
N ARG B 353 15.39 -28.18 7.88
CA ARG B 353 14.27 -28.88 7.24
C ARG B 353 13.83 -30.08 8.04
N THR B 354 12.55 -30.41 8.00
CA THR B 354 12.00 -31.36 8.95
C THR B 354 10.96 -32.20 8.22
N VAL B 355 10.99 -33.50 8.46
CA VAL B 355 9.93 -34.42 8.08
C VAL B 355 9.52 -35.18 9.34
N PHE B 356 8.22 -35.26 9.56
CA PHE B 356 7.68 -35.89 10.77
C PHE B 356 6.29 -36.52 10.60
N ALA B 357 5.98 -37.42 11.52
CA ALA B 357 4.66 -38.00 11.65
C ALA B 357 4.22 -38.01 13.13
N ASN B 358 2.90 -38.00 13.30
CA ASN B 358 2.20 -37.99 14.60
C ASN B 358 1.06 -38.96 14.48
N LEU B 359 0.74 -39.64 15.57
CA LEU B 359 -0.45 -40.43 15.55
C LEU B 359 -0.95 -40.27 16.94
N GLU B 360 -2.20 -39.92 17.10
CA GLU B 360 -2.70 -39.86 18.46
C GLU B 360 -4.02 -40.62 18.59
N HIS B 361 -4.21 -41.29 19.73
CA HIS B 361 -5.42 -42.07 19.97
C HIS B 361 -6.10 -41.60 21.26
N ASN B 362 -7.42 -41.63 21.27
CA ASN B 362 -8.18 -41.68 22.53
C ASN B 362 -8.56 -43.13 22.86
N PHE B 363 -8.41 -43.51 24.12
CA PHE B 363 -8.95 -44.77 24.57
C PHE B 363 -10.32 -44.49 25.19
N ALA B 364 -11.28 -45.39 24.95
CA ALA B 364 -12.57 -45.31 25.67
C ALA B 364 -12.31 -45.52 27.17
N ASN B 365 -12.11 -44.42 27.90
CA ASN B 365 -11.31 -44.40 29.10
C ASN B 365 -11.17 -42.96 29.56
N GLY B 366 -11.07 -42.04 28.60
CA GLY B 366 -10.66 -40.66 28.86
C GLY B 366 -9.15 -40.39 28.74
N TRP B 367 -8.37 -41.41 28.40
CA TRP B 367 -6.92 -41.31 28.24
C TRP B 367 -6.51 -40.95 26.81
N VAL B 368 -5.29 -40.44 26.65
CA VAL B 368 -4.71 -40.25 25.30
C VAL B 368 -3.20 -40.62 25.18
N GLY B 369 -2.89 -41.32 24.10
CA GLY B 369 -1.52 -41.58 23.69
C GLY B 369 -1.22 -40.73 22.48
N LYS B 370 0.01 -40.23 22.41
CA LYS B 370 0.48 -39.49 21.25
C LYS B 370 1.85 -40.03 20.92
N VAL B 371 2.06 -40.40 19.65
CA VAL B 371 3.38 -40.88 19.16
C VAL B 371 3.94 -39.91 18.10
N GLN B 372 5.19 -39.46 18.29
CA GLN B 372 5.83 -38.46 17.41
C GLN B 372 7.13 -38.93 16.82
N LEU B 373 7.27 -38.79 15.51
CA LEU B 373 8.50 -39.13 14.81
C LEU B 373 9.12 -37.90 14.13
N ASP B 374 10.40 -37.60 14.41
CA ASP B 374 11.08 -36.47 13.76
C ASP B 374 12.31 -36.83 12.95
N HIS B 375 12.46 -36.18 11.83
CA HIS B 375 13.71 -36.21 11.16
C HIS B 375 14.03 -34.75 10.92
N LYS B 376 14.91 -34.17 11.74
CA LYS B 376 15.19 -32.72 11.65
C LYS B 376 16.52 -32.52 11.00
N ILE B 377 16.71 -31.43 10.29
CA ILE B 377 18.02 -31.13 9.71
C ILE B 377 18.34 -29.67 9.92
N ASN B 378 19.50 -29.39 10.51
CA ASN B 378 19.98 -28.03 10.73
C ASN B 378 21.27 -28.04 10.01
N GLY B 379 21.48 -27.14 9.08
CA GLY B 379 22.74 -27.09 8.36
C GLY B 379 23.26 -25.67 8.23
N TYR B 380 24.55 -25.56 7.96
CA TYR B 380 25.15 -24.27 7.69
C TYR B 380 26.06 -24.40 6.51
N HIS B 381 26.34 -23.27 5.88
CA HIS B 381 27.29 -23.17 4.78
C HIS B 381 27.86 -21.77 4.86
N ALA B 382 29.04 -21.70 5.47
CA ALA B 382 29.58 -20.43 6.00
C ALA B 382 30.96 -20.14 5.45
N PRO B 383 31.03 -19.64 4.25
CA PRO B 383 32.36 -19.10 3.96
C PRO B 383 32.50 -17.68 4.57
N LEU B 384 33.06 -17.55 5.76
CA LEU B 384 33.02 -16.25 6.37
C LEU B 384 34.28 -15.48 6.04
N GLY B 385 34.21 -14.15 6.06
CA GLY B 385 35.41 -13.32 5.87
C GLY B 385 35.24 -11.89 6.33
N ALA B 386 35.93 -11.51 7.39
CA ALA B 386 35.58 -10.25 8.04
C ALA B 386 36.81 -9.59 8.63
N ILE B 387 36.76 -8.27 8.89
CA ILE B 387 37.86 -7.57 9.61
C ILE B 387 37.81 -7.80 11.13
N MET B 388 38.83 -8.49 11.66
CA MET B 388 39.04 -8.66 13.10
C MET B 388 40.49 -8.42 13.54
N GLY B 389 40.62 -8.09 14.84
CA GLY B 389 41.87 -7.66 15.47
C GLY B 389 41.94 -6.18 15.67
N ASP B 390 43.08 -5.71 16.18
CA ASP B 390 43.24 -4.26 16.40
C ASP B 390 43.58 -3.60 15.08
N TRP B 391 42.54 -3.08 14.41
CA TRP B 391 42.70 -2.27 13.19
C TRP B 391 41.91 -0.93 13.32
N PRO B 392 42.18 0.07 12.45
CA PRO B 392 43.26 0.12 11.44
C PRO B 392 44.63 0.27 12.08
N ALA B 393 45.66 0.21 11.25
CA ALA B 393 47.00 0.59 11.65
C ALA B 393 47.16 2.04 11.23
N PRO B 394 48.30 2.68 11.57
CA PRO B 394 48.31 4.14 11.41
C PRO B 394 48.01 4.60 10.00
N ASP B 395 48.33 3.79 8.99
CA ASP B 395 48.16 4.17 7.57
C ASP B 395 46.84 3.72 6.97
N ASN B 396 45.81 3.72 7.79
CA ASN B 396 44.47 3.28 7.41
C ASN B 396 44.35 1.86 6.86
N SER B 397 45.38 1.03 7.00
CA SER B 397 45.28 -0.33 6.45
C SER B 397 44.64 -1.30 7.46
N ALA B 398 44.35 -2.55 7.07
CA ALA B 398 43.86 -3.58 8.02
C ALA B 398 43.81 -4.99 7.44
N LYS B 399 43.55 -5.99 8.28
CA LYS B 399 43.54 -7.39 7.78
C LYS B 399 42.27 -8.13 8.04
N ILE B 400 41.93 -8.98 7.08
CA ILE B 400 40.74 -9.83 7.10
C ILE B 400 41.15 -11.17 7.66
N VAL B 401 40.27 -11.78 8.45
CA VAL B 401 40.37 -13.20 8.86
C VAL B 401 39.32 -13.92 8.03
N ALA B 402 39.75 -14.90 7.25
CA ALA B 402 38.77 -15.64 6.43
C ALA B 402 38.85 -17.16 6.64
N GLN B 403 37.67 -17.80 6.83
CA GLN B 403 37.56 -19.23 7.13
C GLN B 403 36.22 -19.74 6.63
N LYS B 404 36.15 -21.04 6.33
CA LYS B 404 34.90 -21.56 5.79
C LYS B 404 34.43 -22.77 6.55
N TYR B 405 33.19 -22.73 7.02
CA TYR B 405 32.60 -23.88 7.71
C TYR B 405 31.38 -24.28 6.97
N THR B 406 31.32 -25.57 6.68
CA THR B 406 30.12 -26.20 6.13
C THR B 406 29.89 -27.46 6.96
N GLY B 407 28.64 -27.82 7.20
CA GLY B 407 28.34 -29.10 7.79
C GLY B 407 26.87 -29.19 7.98
N GLU B 408 26.38 -30.36 8.36
CA GLU B 408 24.97 -30.53 8.61
C GLU B 408 24.77 -31.38 9.84
N THR B 409 23.67 -31.20 10.55
CA THR B 409 23.30 -32.10 11.67
C THR B 409 21.93 -32.71 11.40
N LYS B 410 21.81 -34.04 11.41
CA LYS B 410 20.52 -34.70 11.20
C LYS B 410 20.09 -35.22 12.57
N SER B 411 18.78 -35.21 12.89
CA SER B 411 18.22 -35.83 14.12
C SER B 411 16.97 -36.64 13.92
N ASN B 412 16.98 -37.88 14.43
CA ASN B 412 15.79 -38.75 14.44
C ASN B 412 15.23 -39.02 15.79
N SER B 413 13.99 -38.62 16.03
CA SER B 413 13.46 -38.69 17.38
C SER B 413 12.15 -39.42 17.53
N LEU B 414 11.99 -39.98 18.70
CA LEU B 414 10.84 -40.77 18.98
C LEU B 414 10.38 -40.27 20.34
N ASP B 415 9.13 -39.86 20.42
CA ASP B 415 8.57 -39.44 21.70
C ASP B 415 7.13 -39.90 21.79
N ILE B 416 6.89 -40.89 22.64
CA ILE B 416 5.55 -41.37 22.93
C ILE B 416 5.16 -40.97 24.36
N TYR B 417 3.89 -40.62 24.53
CA TYR B 417 3.39 -40.43 25.89
C TYR B 417 1.95 -40.88 26.13
N LEU B 418 1.65 -41.27 27.37
CA LEU B 418 0.24 -41.42 27.80
C LEU B 418 -0.11 -40.42 28.90
N THR B 419 -1.30 -39.86 28.79
CA THR B 419 -1.84 -38.93 29.76
C THR B 419 -3.33 -39.19 29.97
N GLY B 420 -3.75 -39.09 31.23
CA GLY B 420 -5.15 -39.23 31.57
C GLY B 420 -5.25 -39.25 33.09
N PRO B 421 -6.47 -39.49 33.61
CA PRO B 421 -6.85 -39.56 35.04
C PRO B 421 -6.87 -40.93 35.78
N PHE B 422 -6.98 -40.89 37.11
CA PHE B 422 -7.25 -42.05 37.98
C PHE B 422 -7.85 -41.62 39.32
N GLN B 423 -8.59 -42.49 39.99
CA GLN B 423 -9.04 -42.14 41.35
C GLN B 423 -7.94 -42.55 42.34
N PHE B 424 -7.71 -41.76 43.40
CA PHE B 424 -6.76 -42.21 44.45
C PHE B 424 -7.16 -42.16 45.94
N LEU B 425 -7.67 -41.05 46.43
CA LEU B 425 -8.28 -41.12 47.77
C LEU B 425 -9.73 -40.68 47.63
N GLY B 426 -10.49 -41.46 46.87
CA GLY B 426 -11.85 -41.09 46.45
C GLY B 426 -11.93 -39.80 45.63
N ARG B 427 -10.83 -39.45 44.96
CA ARG B 427 -10.70 -38.20 44.15
C ARG B 427 -10.03 -38.46 42.81
N GLU B 428 -10.36 -37.64 41.79
CA GLU B 428 -9.74 -37.74 40.43
C GLU B 428 -8.52 -36.78 40.23
N HIS B 429 -7.42 -37.38 39.77
CA HIS B 429 -6.17 -36.69 39.54
C HIS B 429 -5.77 -36.89 38.10
N GLU B 430 -4.57 -36.46 37.74
CA GLU B 430 -4.02 -36.86 36.44
C GLU B 430 -2.54 -37.23 36.39
N LEU B 431 -2.18 -37.96 35.32
CA LEU B 431 -0.84 -38.48 35.06
C LEU B 431 -0.32 -38.23 33.60
N VAL B 432 1.00 -37.99 33.50
CA VAL B 432 1.75 -38.13 32.26
C VAL B 432 2.87 -39.17 32.45
N VAL B 433 2.89 -40.21 31.63
CA VAL B 433 4.09 -41.06 31.49
C VAL B 433 4.57 -41.00 30.04
N GLY B 434 5.88 -40.77 29.86
CA GLY B 434 6.45 -40.72 28.52
C GLY B 434 7.85 -41.31 28.41
N THR B 435 8.29 -41.55 27.17
CA THR B 435 9.63 -42.01 26.90
C THR B 435 10.17 -41.46 25.57
N SER B 436 11.41 -41.01 25.59
CA SER B 436 11.96 -40.25 24.46
C SER B 436 13.33 -40.74 24.04
N ALA B 437 13.52 -40.78 22.72
CA ALA B 437 14.74 -41.30 22.11
C ALA B 437 15.21 -40.34 21.05
N SER B 438 16.50 -40.13 20.98
CA SER B 438 17.06 -39.09 20.17
C SER B 438 18.45 -39.48 19.72
N PHE B 439 18.60 -39.65 18.40
CA PHE B 439 19.87 -39.95 17.73
C PHE B 439 20.17 -38.85 16.72
N SER B 440 21.21 -38.09 17.00
CA SER B 440 21.73 -37.13 16.07
C SER B 440 23.20 -37.32 15.75
N HIS B 441 23.58 -36.66 14.67
CA HIS B 441 24.80 -36.92 13.92
C HIS B 441 25.18 -35.64 13.18
N TRP B 442 26.17 -34.93 13.73
CA TRP B 442 26.72 -33.73 13.13
C TRP B 442 28.01 -34.10 12.38
N GLU B 443 28.07 -33.79 11.09
CA GLU B 443 29.25 -33.99 10.29
C GLU B 443 29.56 -32.67 9.64
N GLY B 444 30.81 -32.32 9.44
CA GLY B 444 31.09 -31.00 8.89
C GLY B 444 32.53 -30.82 8.50
N LYS B 445 32.81 -29.79 7.71
CA LYS B 445 34.19 -29.58 7.25
C LYS B 445 34.58 -28.15 7.52
N SER B 446 35.84 -27.96 7.86
CA SER B 446 36.33 -26.64 8.18
C SER B 446 37.45 -26.39 7.24
N TYR B 447 37.67 -25.14 6.87
CA TYR B 447 38.69 -24.80 5.89
C TYR B 447 39.46 -23.64 6.43
N TRP B 448 40.77 -23.78 6.68
CA TRP B 448 41.53 -22.59 7.04
C TRP B 448 42.94 -22.44 6.53
N ASN B 449 43.33 -23.32 5.60
CA ASN B 449 44.63 -23.18 4.94
C ASN B 449 44.52 -22.68 3.50
N LEU B 450 44.85 -21.42 3.24
CA LEU B 450 44.47 -20.79 1.97
C LEU B 450 45.63 -20.63 1.00
N ARG B 451 45.46 -21.08 -0.25
CA ARG B 451 46.41 -20.78 -1.34
C ARG B 451 46.82 -19.28 -1.32
N ASN B 452 48.11 -18.96 -1.29
CA ASN B 452 48.51 -17.58 -0.91
C ASN B 452 47.49 -16.50 -1.29
N TYR B 453 46.84 -16.01 -0.25
CA TYR B 453 45.74 -15.12 -0.41
C TYR B 453 46.14 -13.81 0.24
N ASP B 454 46.12 -12.73 -0.53
CA ASP B 454 46.36 -11.40 0.03
C ASP B 454 45.17 -11.03 0.94
N ASN B 455 45.36 -11.07 2.27
CA ASN B 455 44.25 -10.70 3.18
C ASN B 455 44.27 -9.27 3.75
N THR B 456 45.06 -8.39 3.15
CA THR B 456 45.13 -7.00 3.61
C THR B 456 44.27 -6.08 2.74
N THR B 457 43.89 -4.94 3.32
CA THR B 457 43.18 -3.89 2.58
C THR B 457 43.86 -2.51 2.69
N ASP B 458 43.76 -1.71 1.62
CA ASP B 458 44.27 -0.33 1.58
C ASP B 458 43.44 0.68 2.44
N ASP B 459 42.19 0.38 2.73
CA ASP B 459 41.30 1.41 3.25
C ASP B 459 40.27 0.86 4.24
N PHE B 460 40.53 1.10 5.53
CA PHE B 460 39.55 0.83 6.57
C PHE B 460 38.43 1.90 6.58
N ILE B 461 38.79 3.17 6.78
CA ILE B 461 37.81 4.23 6.99
C ILE B 461 36.62 4.18 5.98
N ASN B 462 36.94 3.79 4.74
CA ASN B 462 36.02 3.75 3.60
C ASN B 462 35.74 2.32 3.14
N TRP B 463 35.92 1.32 4.01
CA TRP B 463 35.70 -0.08 3.65
C TRP B 463 34.25 -0.37 3.35
N ASP B 464 34.09 -1.05 2.23
CA ASP B 464 32.84 -1.35 1.58
C ASP B 464 32.75 -2.87 1.36
N GLY B 465 33.47 -3.65 2.16
CA GLY B 465 33.59 -5.08 1.92
C GLY B 465 34.37 -5.53 0.69
N ASP B 466 35.02 -4.61 0.00
CA ASP B 466 35.59 -4.97 -1.29
C ASP B 466 36.96 -5.64 -1.09
N ILE B 467 36.97 -6.96 -1.04
CA ILE B 467 38.23 -7.74 -1.00
C ILE B 467 38.06 -9.07 -1.75
N GLY B 468 39.08 -9.48 -2.50
CA GLY B 468 39.04 -10.75 -3.22
C GLY B 468 38.70 -11.92 -2.33
N LYS B 469 38.06 -12.93 -2.90
CA LYS B 469 37.69 -14.18 -2.22
C LYS B 469 38.90 -15.12 -2.25
N PRO B 470 39.05 -15.93 -1.23
CA PRO B 470 40.21 -16.82 -1.31
C PRO B 470 39.85 -18.15 -1.90
N ASP B 471 40.86 -18.86 -2.39
CA ASP B 471 40.70 -20.24 -2.75
C ASP B 471 40.88 -20.82 -1.38
N TRP B 472 39.91 -21.63 -0.98
CA TRP B 472 39.85 -22.23 0.34
C TRP B 472 40.76 -23.44 0.47
N GLY B 473 41.25 -23.96 -0.66
CA GLY B 473 41.97 -25.22 -0.64
C GLY B 473 41.16 -26.41 -0.13
N THR B 474 41.88 -27.40 0.45
CA THR B 474 41.35 -28.68 0.93
C THR B 474 40.90 -28.51 2.39
N PRO B 475 39.80 -29.17 2.79
CA PRO B 475 39.36 -29.18 4.20
C PRO B 475 40.48 -29.37 5.22
N SER B 476 40.40 -28.68 6.35
CA SER B 476 41.44 -28.69 7.37
C SER B 476 40.96 -29.43 8.57
N GLN B 477 39.71 -29.87 8.57
CA GLN B 477 39.14 -30.55 9.72
C GLN B 477 37.89 -31.24 9.30
N TYR B 478 37.63 -32.41 9.90
CA TYR B 478 36.43 -33.20 9.57
C TYR B 478 35.81 -33.59 10.87
N ILE B 479 34.64 -33.03 11.13
CA ILE B 479 33.88 -33.33 12.33
C ILE B 479 32.85 -34.41 12.05
N ASP B 480 32.73 -35.34 12.98
CA ASP B 480 31.85 -36.48 12.90
C ASP B 480 31.65 -36.68 14.38
N ASP B 481 30.43 -36.43 14.87
CA ASP B 481 30.15 -36.31 16.27
C ASP B 481 28.75 -36.84 16.39
N LYS B 482 28.51 -37.78 17.30
CA LYS B 482 27.16 -38.42 17.49
C LYS B 482 26.64 -38.19 18.90
N THR B 483 25.45 -37.62 19.01
CA THR B 483 24.81 -37.50 20.30
C THR B 483 23.59 -38.40 20.36
N ARG B 484 23.44 -39.12 21.48
CA ARG B 484 22.30 -39.99 21.72
C ARG B 484 21.71 -39.64 23.08
N GLN B 485 20.45 -39.21 23.08
CA GLN B 485 19.77 -38.96 24.34
C GLN B 485 18.50 -39.80 24.48
N LEU B 486 18.23 -40.30 25.68
CA LEU B 486 16.97 -41.00 25.94
C LEU B 486 16.37 -40.36 27.17
N GLY B 487 15.09 -40.66 27.44
CA GLY B 487 14.49 -40.18 28.66
C GLY B 487 13.15 -40.78 29.01
N SER B 488 12.89 -40.80 30.31
CA SER B 488 11.59 -41.21 30.81
C SER B 488 11.13 -40.32 31.97
N TYR B 489 9.85 -39.93 31.89
CA TYR B 489 9.21 -38.98 32.80
C TYR B 489 7.79 -39.42 33.21
N MET B 490 7.56 -39.67 34.52
CA MET B 490 6.20 -39.78 35.12
C MET B 490 5.89 -38.43 35.81
N THR B 491 4.73 -37.85 35.54
CA THR B 491 4.35 -36.61 36.24
C THR B 491 2.91 -36.64 36.64
N ALA B 492 2.67 -36.42 37.93
CA ALA B 492 1.35 -36.48 38.51
C ALA B 492 0.94 -35.13 39.06
N ARG B 493 -0.24 -34.66 38.69
CA ARG B 493 -0.86 -33.56 39.38
C ARG B 493 -1.93 -34.15 40.22
N PHE B 494 -1.70 -34.08 41.53
CA PHE B 494 -2.63 -34.55 42.53
C PHE B 494 -3.60 -33.45 42.81
N ASN B 495 -4.85 -33.81 42.67
CA ASN B 495 -5.93 -33.00 43.16
C ASN B 495 -6.10 -33.35 44.64
N VAL B 496 -5.39 -32.68 45.52
CA VAL B 496 -5.43 -32.99 46.94
C VAL B 496 -6.72 -32.50 47.53
N THR B 497 -6.97 -31.19 47.41
CA THR B 497 -8.18 -30.49 47.84
C THR B 497 -8.82 -29.84 46.61
N ASP B 498 -9.89 -29.06 46.81
CA ASP B 498 -10.47 -28.28 45.71
C ASP B 498 -9.70 -27.00 45.43
N ASP B 499 -8.79 -26.66 46.32
CA ASP B 499 -7.96 -25.47 46.15
C ASP B 499 -6.46 -25.79 46.09
N LEU B 500 -6.11 -27.01 46.51
CA LEU B 500 -4.74 -27.44 46.49
C LEU B 500 -4.53 -28.51 45.45
N ASN B 501 -3.62 -28.24 44.50
CA ASN B 501 -3.06 -29.26 43.62
C ASN B 501 -1.56 -29.35 43.81
N LEU B 502 -1.07 -30.57 44.00
CA LEU B 502 0.34 -30.87 44.22
C LEU B 502 0.90 -31.60 43.01
N PHE B 503 2.08 -31.19 42.54
CA PHE B 503 2.74 -31.76 41.36
C PHE B 503 4.01 -32.55 41.71
N LEU B 504 4.01 -33.86 41.45
CA LEU B 504 5.21 -34.70 41.63
C LEU B 504 5.56 -35.47 40.38
N GLY B 505 6.84 -35.52 40.06
CA GLY B 505 7.30 -36.19 38.85
C GLY B 505 8.77 -35.96 38.58
N GLY B 506 9.25 -36.50 37.48
CA GLY B 506 10.66 -36.46 37.24
C GLY B 506 11.06 -37.07 35.94
N ARG B 507 12.35 -36.94 35.60
CA ARG B 507 12.85 -37.38 34.31
C ARG B 507 14.11 -38.16 34.53
N VAL B 508 14.26 -39.28 33.85
CA VAL B 508 15.52 -40.01 33.90
C VAL B 508 16.24 -39.97 32.53
N VAL B 509 17.48 -39.46 32.58
CA VAL B 509 18.20 -39.05 31.41
C VAL B 509 19.42 -39.92 31.29
N ASP B 510 19.57 -40.60 30.16
CA ASP B 510 20.84 -41.18 29.75
C ASP B 510 21.33 -40.30 28.55
N TYR B 511 22.61 -39.93 28.54
CA TYR B 511 23.12 -39.00 27.49
C TYR B 511 24.53 -39.37 27.02
N ARG B 512 24.67 -39.73 25.74
CA ARG B 512 25.92 -40.30 25.20
C ARG B 512 26.34 -39.42 24.03
N VAL B 513 27.59 -38.99 24.03
CA VAL B 513 28.14 -38.31 22.88
C VAL B 513 29.56 -38.79 22.53
N THR B 514 29.68 -39.43 21.38
CA THR B 514 30.94 -39.91 20.86
C THR B 514 31.46 -39.01 19.73
N GLY B 515 32.76 -39.01 19.53
CA GLY B 515 33.36 -38.28 18.43
C GLY B 515 34.87 -38.26 18.55
N LEU B 516 35.42 -37.06 18.37
CA LEU B 516 36.85 -36.83 18.33
C LEU B 516 37.48 -36.97 19.68
N ASN B 517 36.92 -36.29 20.67
CA ASN B 517 37.42 -36.36 22.02
C ASN B 517 36.83 -37.56 22.71
N PRO B 518 37.31 -37.82 23.94
CA PRO B 518 36.73 -38.85 24.80
C PRO B 518 35.20 -38.75 24.90
N THR B 519 34.58 -39.91 24.69
CA THR B 519 33.18 -40.19 25.01
C THR B 519 32.65 -39.40 26.23
N ILE B 520 31.44 -38.91 26.12
CA ILE B 520 30.80 -38.25 27.23
C ILE B 520 29.62 -39.11 27.55
N ARG B 521 29.53 -39.55 28.80
CA ARG B 521 28.56 -40.54 29.16
C ARG B 521 27.90 -40.14 30.49
N GLU B 522 26.61 -39.82 30.46
CA GLU B 522 25.80 -39.67 31.70
C GLU B 522 24.64 -40.64 31.67
N SER B 523 24.57 -41.54 32.66
CA SER B 523 23.50 -42.57 32.75
C SER B 523 22.69 -42.42 34.01
N GLY B 524 21.38 -42.63 33.88
CA GLY B 524 20.44 -42.58 34.99
C GLY B 524 20.47 -41.36 35.88
N ARG B 525 20.74 -40.17 35.32
CA ARG B 525 20.74 -38.93 36.10
C ARG B 525 19.32 -38.46 36.30
N PHE B 526 18.95 -38.23 37.54
CA PHE B 526 17.57 -37.88 37.81
C PHE B 526 17.35 -36.37 37.79
N ILE B 527 16.33 -35.92 37.08
CA ILE B 527 15.83 -34.55 37.22
C ILE B 527 14.48 -34.62 37.93
N PRO B 528 14.36 -33.92 39.08
CA PRO B 528 13.12 -33.84 39.85
C PRO B 528 12.19 -32.71 39.43
N TYR B 529 10.89 -32.96 39.54
CA TYR B 529 9.87 -31.95 39.34
C TYR B 529 8.97 -31.94 40.54
N VAL B 530 9.07 -30.88 41.34
CA VAL B 530 8.16 -30.71 42.45
C VAL B 530 7.52 -29.35 42.46
N GLY B 531 6.20 -29.33 42.51
CA GLY B 531 5.43 -28.10 42.43
C GLY B 531 4.20 -28.20 43.29
N ALA B 532 3.58 -27.04 43.52
CA ALA B 532 2.32 -26.95 44.28
C ALA B 532 1.57 -25.67 43.90
N VAL B 533 0.27 -25.79 43.68
CA VAL B 533 -0.51 -24.60 43.40
C VAL B 533 -1.84 -24.62 44.11
N TYR B 534 -2.08 -23.53 44.85
CA TYR B 534 -3.19 -23.44 45.79
C TYR B 534 -4.02 -22.21 45.50
N ASP B 535 -5.36 -22.36 45.38
CA ASP B 535 -6.31 -21.24 45.10
C ASP B 535 -6.75 -20.39 46.30
N LEU B 536 -6.65 -19.07 46.21
CA LEU B 536 -7.04 -18.19 47.30
C LEU B 536 -8.50 -17.77 47.18
N ASN B 537 -9.04 -17.81 45.96
CA ASN B 537 -10.43 -17.46 45.61
C ASN B 537 -10.61 -17.71 44.11
N ASP B 538 -11.72 -17.21 43.55
CA ASP B 538 -12.00 -17.28 42.07
C ASP B 538 -11.03 -16.47 41.18
N THR B 539 -10.37 -15.47 41.77
CA THR B 539 -9.37 -14.69 41.07
C THR B 539 -7.93 -15.25 41.19
N TYR B 540 -7.37 -15.34 42.41
CA TYR B 540 -5.92 -15.63 42.59
C TYR B 540 -5.56 -17.06 42.97
N SER B 541 -4.26 -17.35 42.95
CA SER B 541 -3.69 -18.63 43.37
C SER B 541 -2.24 -18.37 43.74
N VAL B 542 -1.74 -19.09 44.72
CA VAL B 542 -0.34 -19.02 45.01
C VAL B 542 0.20 -20.27 44.41
N TYR B 543 1.43 -20.19 43.90
CA TYR B 543 2.11 -21.39 43.47
C TYR B 543 3.53 -21.38 43.91
N ALA B 544 4.10 -22.57 44.10
CA ALA B 544 5.52 -22.72 44.41
C ALA B 544 6.11 -23.91 43.65
N SER B 545 7.36 -23.79 43.24
CA SER B 545 7.98 -24.95 42.59
C SER B 545 9.48 -25.09 42.77
N TYR B 546 9.95 -26.29 42.46
CA TYR B 546 11.35 -26.63 42.48
C TYR B 546 11.57 -27.39 41.18
N THR B 547 12.45 -26.83 40.32
CA THR B 547 12.80 -27.42 39.03
C THR B 547 14.29 -27.49 38.84
N ASP B 548 14.70 -28.36 37.95
CA ASP B 548 16.09 -28.71 37.78
C ASP B 548 16.45 -28.84 36.29
N ILE B 549 17.74 -28.66 35.98
CA ILE B 549 18.31 -29.05 34.67
C ILE B 549 19.82 -29.20 34.79
N PHE B 550 20.40 -29.96 33.86
CA PHE B 550 21.84 -30.18 33.80
C PHE B 550 22.26 -30.32 32.35
N MET B 551 23.54 -30.21 32.09
CA MET B 551 24.07 -30.38 30.76
C MET B 551 25.50 -30.85 30.90
N PRO B 552 25.88 -31.93 30.21
CA PRO B 552 27.27 -32.37 30.19
C PRO B 552 28.15 -31.25 29.69
N GLN B 553 29.32 -31.09 30.28
CA GLN B 553 30.14 -29.92 29.93
C GLN B 553 30.73 -30.01 28.50
N ASP B 554 30.94 -28.85 27.86
CA ASP B 554 31.64 -28.76 26.56
C ASP B 554 32.96 -29.44 26.72
N SER B 555 33.41 -30.03 25.63
CA SER B 555 34.57 -30.90 25.64
C SER B 555 35.75 -30.42 26.45
N TRP B 556 36.13 -29.14 26.32
CA TRP B 556 37.46 -28.62 26.77
C TRP B 556 37.58 -28.28 28.27
N TYR B 557 36.43 -28.23 28.93
CA TYR B 557 36.32 -27.92 30.35
C TYR B 557 36.78 -29.06 31.29
N ARG B 558 38.10 -29.26 31.39
CA ARG B 558 38.66 -30.34 32.20
C ARG B 558 39.35 -29.76 33.42
N ASP B 559 39.49 -30.58 34.47
CA ASP B 559 40.06 -30.14 35.76
C ASP B 559 41.58 -30.38 35.87
N SER B 560 42.14 -30.00 37.04
CA SER B 560 43.53 -30.26 37.44
C SER B 560 43.99 -31.65 37.04
N SER B 561 43.22 -32.67 37.45
CA SER B 561 43.60 -34.04 37.14
C SER B 561 43.07 -34.50 35.78
N ASN B 562 42.93 -33.54 34.86
CA ASN B 562 42.57 -33.79 33.45
C ASN B 562 41.29 -34.63 33.21
N LYS B 563 40.32 -34.51 34.11
CA LYS B 563 38.99 -35.08 33.88
C LYS B 563 37.98 -33.97 33.54
N LEU B 564 37.00 -34.32 32.73
CA LEU B 564 35.93 -33.40 32.34
C LEU B 564 35.23 -32.89 33.59
N LEU B 565 34.96 -31.59 33.68
CA LEU B 565 34.18 -31.09 34.79
C LEU B 565 32.85 -31.81 34.74
N GLU B 566 32.33 -32.03 35.94
CA GLU B 566 31.00 -32.55 36.20
C GLU B 566 29.87 -31.64 35.59
N PRO B 567 28.85 -32.26 34.97
CA PRO B 567 27.77 -31.52 34.25
C PRO B 567 27.25 -30.19 34.85
N ASP B 568 27.31 -29.11 34.08
CA ASP B 568 26.72 -27.82 34.46
C ASP B 568 25.21 -28.02 34.77
N GLU B 569 24.66 -27.26 35.71
CA GLU B 569 23.50 -27.77 36.45
C GLU B 569 22.89 -26.70 37.31
N GLY B 570 21.59 -26.79 37.58
CA GLY B 570 20.95 -25.77 38.39
C GLY B 570 19.52 -26.04 38.77
N GLN B 571 19.10 -25.44 39.87
CA GLN B 571 17.76 -25.60 40.35
C GLN B 571 17.20 -24.23 40.40
N ASN B 572 15.95 -24.10 40.00
CA ASN B 572 15.25 -22.86 40.11
C ASN B 572 14.20 -22.99 41.24
N TYR B 573 14.33 -22.15 42.29
CA TYR B 573 13.35 -22.07 43.40
C TYR B 573 12.47 -20.84 43.23
N GLU B 574 11.15 -21.04 43.30
CA GLU B 574 10.22 -19.97 42.95
C GLU B 574 8.89 -20.12 43.63
N ILE B 575 8.43 -18.99 44.11
CA ILE B 575 7.18 -18.86 44.75
C ILE B 575 6.53 -17.64 44.12
N GLY B 576 5.22 -17.69 43.94
CA GLY B 576 4.49 -16.58 43.36
C GLY B 576 2.98 -16.66 43.44
N ILE B 577 2.36 -15.58 42.95
CA ILE B 577 0.92 -15.39 42.87
C ILE B 577 0.51 -15.04 41.41
N LYS B 578 -0.48 -15.75 40.89
CA LYS B 578 -1.05 -15.49 39.54
C LYS B 578 -2.55 -15.14 39.60
N GLY B 579 -2.98 -14.24 38.71
CA GLY B 579 -4.39 -13.79 38.61
C GLY B 579 -5.05 -14.10 37.27
N GLU B 580 -6.37 -14.30 37.30
CA GLU B 580 -7.14 -14.67 36.12
C GLU B 580 -8.51 -13.97 36.08
N TYR B 581 -8.85 -13.40 34.93
CA TYR B 581 -9.99 -12.52 34.84
C TYR B 581 -10.78 -12.76 33.54
N LEU B 582 -12.04 -12.32 33.55
CA LEU B 582 -12.92 -12.46 32.40
C LEU B 582 -12.79 -13.87 31.76
N ASP B 583 -12.78 -14.91 32.62
CA ASP B 583 -12.69 -16.35 32.22
C ASP B 583 -11.41 -16.62 31.46
N GLY B 584 -10.30 -16.07 31.92
CA GLY B 584 -9.01 -16.29 31.25
C GLY B 584 -8.73 -15.42 30.03
N ARG B 585 -9.55 -14.40 29.81
CA ARG B 585 -9.24 -13.40 28.81
C ARG B 585 -8.10 -12.48 29.28
N LEU B 586 -7.88 -12.35 30.59
CA LEU B 586 -6.76 -11.55 31.12
C LEU B 586 -5.98 -12.26 32.17
N ASN B 587 -4.66 -12.27 32.03
CA ASN B 587 -3.79 -12.93 32.99
C ASN B 587 -2.79 -11.96 33.60
N THR B 588 -2.63 -12.04 34.93
CA THR B 588 -1.55 -11.36 35.64
C THR B 588 -0.64 -12.38 36.38
N SER B 589 0.60 -11.95 36.71
CA SER B 589 1.53 -12.77 37.54
C SER B 589 2.60 -11.96 38.29
N LEU B 590 2.94 -12.40 39.51
CA LEU B 590 4.06 -11.84 40.25
C LEU B 590 4.87 -12.98 40.80
N ALA B 591 6.19 -12.94 40.64
CA ALA B 591 7.04 -14.03 41.15
C ALA B 591 8.37 -13.60 41.69
N TYR B 592 8.77 -14.27 42.77
CA TYR B 592 10.15 -14.23 43.24
C TYR B 592 10.85 -15.58 42.84
N PHE B 593 12.10 -15.55 42.39
CA PHE B 593 12.78 -16.78 41.96
C PHE B 593 14.27 -16.75 42.26
N GLU B 594 14.92 -17.87 42.01
CA GLU B 594 16.31 -17.97 42.41
C GLU B 594 16.99 -19.15 41.72
N ILE B 595 17.94 -18.88 40.84
CA ILE B 595 18.67 -19.99 40.23
C ILE B 595 20.00 -20.32 40.94
N HIS B 596 20.09 -21.55 41.43
CA HIS B 596 21.31 -22.08 42.04
C HIS B 596 22.06 -22.97 41.05
N GLU B 597 23.10 -22.42 40.44
CA GLU B 597 23.96 -23.13 39.49
C GLU B 597 25.13 -23.74 40.23
N GLU B 598 25.56 -24.90 39.76
CA GLU B 598 26.70 -25.62 40.35
C GLU B 598 27.50 -26.25 39.20
N ASN B 599 28.78 -26.59 39.44
CA ASN B 599 29.72 -26.92 38.34
C ASN B 599 29.73 -25.93 37.16
N ARG B 600 29.79 -24.64 37.47
CA ARG B 600 29.89 -23.60 36.43
C ARG B 600 31.36 -23.54 36.16
N ALA B 601 31.73 -23.65 34.90
CA ALA B 601 33.12 -23.79 34.54
C ALA B 601 33.91 -22.48 34.59
N GLU B 602 34.36 -22.08 35.79
CA GLU B 602 35.41 -21.06 35.92
C GLU B 602 36.81 -21.60 35.54
N GLU B 603 37.73 -20.70 35.22
CA GLU B 603 39.08 -21.04 34.67
C GLU B 603 40.11 -21.79 35.58
N ASP B 604 40.41 -21.31 36.78
CA ASP B 604 41.40 -21.99 37.70
C ASP B 604 42.82 -21.40 37.72
N ALA B 605 42.88 -20.16 38.21
CA ALA B 605 44.03 -19.27 38.06
C ALA B 605 45.23 -19.74 38.84
N LEU B 606 44.98 -20.43 39.96
CA LEU B 606 46.12 -20.92 40.74
C LEU B 606 46.76 -22.07 39.97
N TYR B 607 46.00 -23.11 39.61
CA TYR B 607 46.61 -24.21 38.87
C TYR B 607 47.36 -23.70 37.66
N ASN B 608 46.67 -22.91 36.85
CA ASN B 608 47.28 -22.28 35.68
C ASN B 608 48.50 -21.35 35.95
N SER B 609 48.68 -20.86 37.18
CA SER B 609 49.83 -19.95 37.46
C SER B 609 51.15 -20.69 37.48
N LYS B 610 51.10 -21.93 37.97
CA LYS B 610 52.14 -22.91 37.73
C LYS B 610 51.60 -24.34 37.80
N PRO B 611 51.25 -24.91 36.64
CA PRO B 611 50.78 -26.28 36.41
C PRO B 611 51.69 -27.32 37.00
N THR B 612 51.09 -28.44 37.42
CA THR B 612 51.79 -29.61 38.02
C THR B 612 51.59 -30.88 37.24
N ASN B 613 50.40 -31.03 36.64
CA ASN B 613 50.08 -32.21 35.81
C ASN B 613 50.30 -31.87 34.34
N PRO B 614 51.38 -32.41 33.73
CA PRO B 614 51.74 -32.12 32.32
C PRO B 614 50.67 -32.50 31.28
N ALA B 615 49.74 -33.38 31.68
CA ALA B 615 48.62 -33.77 30.81
C ALA B 615 47.72 -32.61 30.35
N ILE B 616 47.67 -31.55 31.16
CA ILE B 616 46.85 -30.33 30.90
C ILE B 616 47.59 -29.07 31.45
N THR B 617 47.90 -28.10 30.58
CA THR B 617 48.64 -26.94 31.05
C THR B 617 47.67 -25.83 31.46
N TYR B 618 46.42 -25.90 31.01
CA TYR B 618 45.42 -24.90 31.30
C TYR B 618 44.13 -25.60 31.70
N ALA B 619 43.79 -25.47 32.97
CA ALA B 619 42.72 -26.24 33.58
C ALA B 619 41.57 -25.36 33.97
N TYR B 620 40.41 -25.97 34.23
CA TYR B 620 39.22 -25.29 34.74
C TYR B 620 38.82 -25.89 36.04
N LYS B 621 38.19 -25.11 36.91
CA LYS B 621 37.40 -25.71 38.02
C LYS B 621 35.88 -25.43 37.90
N GLY B 622 35.10 -26.19 38.69
CA GLY B 622 33.67 -25.95 38.89
C GLY B 622 33.33 -25.04 40.06
N ILE B 623 32.52 -24.01 39.81
CA ILE B 623 31.91 -23.27 40.91
C ILE B 623 30.37 -23.10 40.81
N LYS B 624 29.77 -22.78 41.95
CA LYS B 624 28.39 -22.35 42.11
C LYS B 624 28.20 -20.91 41.63
N ALA B 625 26.97 -20.59 41.19
CA ALA B 625 26.52 -19.20 41.00
C ALA B 625 25.07 -19.10 41.39
N LYS B 626 24.60 -17.87 41.57
CA LYS B 626 23.26 -17.64 42.10
C LYS B 626 22.63 -16.51 41.34
N THR B 627 21.39 -16.73 40.92
CA THR B 627 20.55 -15.68 40.41
C THR B 627 19.50 -15.45 41.43
N LYS B 628 19.30 -14.20 41.79
CA LYS B 628 18.18 -13.81 42.64
C LYS B 628 17.36 -12.81 41.85
N GLY B 629 16.04 -12.96 41.84
CA GLY B 629 15.19 -11.98 41.16
C GLY B 629 13.69 -12.15 41.28
N TYR B 630 12.96 -11.17 40.77
CA TYR B 630 11.50 -11.26 40.66
C TYR B 630 10.98 -10.89 39.24
N GLU B 631 9.67 -11.01 39.03
CA GLU B 631 9.06 -10.72 37.72
C GLU B 631 7.54 -10.54 37.76
N ALA B 632 7.07 -9.36 37.38
CA ALA B 632 5.63 -9.13 37.14
C ALA B 632 5.29 -9.25 35.63
N GLU B 633 4.09 -9.73 35.33
CA GLU B 633 3.55 -9.59 33.96
C GLU B 633 2.05 -9.68 33.81
N ILE B 634 1.56 -8.90 32.87
CA ILE B 634 0.14 -8.79 32.56
C ILE B 634 0.03 -9.17 31.07
N SER B 635 -0.98 -9.98 30.74
CA SER B 635 -1.28 -10.31 29.34
C SER B 635 -2.77 -10.57 29.12
N GLY B 636 -3.34 -9.89 28.13
CA GLY B 636 -4.76 -10.14 27.72
C GLY B 636 -5.65 -8.93 27.50
N GLU B 637 -6.95 -9.09 27.72
CA GLU B 637 -7.93 -8.03 27.45
C GLU B 637 -8.11 -7.08 28.62
N LEU B 638 -7.74 -5.84 28.36
CA LEU B 638 -7.69 -4.78 29.34
C LEU B 638 -9.02 -3.95 29.29
N ALA B 639 -9.81 -4.21 28.26
CA ALA B 639 -11.14 -3.64 28.07
C ALA B 639 -11.58 -4.18 26.69
N PRO B 640 -12.90 -4.18 26.36
CA PRO B 640 -13.40 -5.02 25.22
C PRO B 640 -12.45 -5.20 24.01
N GLY B 641 -12.02 -4.12 23.36
CA GLY B 641 -11.08 -4.26 22.22
C GLY B 641 -9.61 -3.90 22.43
N TRP B 642 -9.11 -4.06 23.65
CA TRP B 642 -7.83 -3.48 24.02
C TRP B 642 -6.90 -4.52 24.64
N GLN B 643 -5.95 -5.03 23.89
CA GLN B 643 -5.02 -6.05 24.41
C GLN B 643 -3.70 -5.46 24.97
N VAL B 644 -3.09 -6.13 25.95
CA VAL B 644 -1.68 -5.88 26.40
C VAL B 644 -0.84 -7.15 26.52
N GLN B 645 0.46 -7.01 26.34
CA GLN B 645 1.36 -7.90 26.99
C GLN B 645 2.45 -7.02 27.47
N ALA B 646 2.76 -7.13 28.76
CA ALA B 646 3.73 -6.25 29.42
C ALA B 646 4.38 -7.02 30.54
N GLY B 647 5.66 -6.73 30.80
CA GLY B 647 6.35 -7.31 31.95
C GLY B 647 7.36 -6.43 32.69
N TYR B 648 7.73 -6.87 33.90
CA TYR B 648 8.88 -6.31 34.60
C TYR B 648 9.76 -7.44 35.14
N THR B 649 11.07 -7.37 34.93
CA THR B 649 11.94 -8.50 35.35
C THR B 649 13.21 -7.93 36.04
N HIS B 650 13.60 -8.46 37.20
CA HIS B 650 14.81 -8.00 37.83
C HIS B 650 15.79 -9.19 37.99
N LYS B 651 17.09 -9.00 37.73
CA LYS B 651 17.99 -10.10 37.96
C LYS B 651 19.27 -9.59 38.49
N ILE B 652 19.94 -10.44 39.29
CA ILE B 652 21.39 -10.42 39.55
C ILE B 652 21.87 -11.87 39.70
N ILE B 653 22.91 -12.24 38.92
CA ILE B 653 23.56 -13.54 39.03
C ILE B 653 25.03 -13.32 39.48
N ARG B 654 25.44 -14.00 40.55
CA ARG B 654 26.80 -13.78 41.07
C ARG B 654 27.48 -15.11 41.25
N ASP B 655 28.80 -15.14 41.04
CA ASP B 655 29.67 -16.16 41.60
C ASP B 655 29.42 -16.49 43.02
N ASP B 656 29.66 -17.77 43.30
CA ASP B 656 30.48 -18.21 44.40
C ASP B 656 31.19 -17.04 45.13
N SER B 657 32.07 -16.30 44.43
CA SER B 657 32.94 -15.32 45.09
C SER B 657 32.28 -13.94 45.16
N GLY B 658 31.08 -13.85 44.59
CA GLY B 658 30.26 -12.64 44.67
C GLY B 658 30.56 -11.63 43.57
N LYS B 659 31.38 -12.02 42.59
CA LYS B 659 31.60 -11.17 41.44
C LYS B 659 30.34 -11.27 40.55
N LYS B 660 29.96 -10.16 39.94
CA LYS B 660 28.83 -10.20 39.02
C LYS B 660 29.19 -10.88 37.68
N VAL B 661 28.13 -11.19 36.92
CA VAL B 661 28.21 -12.11 35.80
C VAL B 661 27.01 -11.93 34.84
N SER B 662 27.20 -12.17 33.54
CA SER B 662 26.21 -11.83 32.51
C SER B 662 25.83 -10.36 32.74
N THR B 663 26.85 -9.55 32.86
CA THR B 663 26.69 -8.15 33.26
C THR B 663 26.05 -7.38 32.16
N TRP B 664 26.28 -7.84 30.91
CA TRP B 664 25.68 -7.30 29.67
C TRP B 664 24.15 -7.44 29.57
N GLU B 665 23.59 -8.53 30.16
CA GLU B 665 22.16 -8.60 30.48
C GLU B 665 21.85 -7.61 31.62
N PRO B 666 20.90 -6.72 31.41
CA PRO B 666 20.73 -5.62 32.34
C PRO B 666 20.08 -6.13 33.62
N GLN B 667 20.39 -5.54 34.77
CA GLN B 667 19.73 -5.94 36.03
C GLN B 667 18.20 -5.69 36.10
N ASP B 668 17.72 -4.68 35.36
CA ASP B 668 16.28 -4.44 35.26
C ASP B 668 15.84 -4.18 33.83
N GLN B 669 14.72 -4.78 33.48
CA GLN B 669 14.06 -4.48 32.22
C GLN B 669 12.53 -4.40 32.34
N LEU B 670 11.92 -3.74 31.35
CA LEU B 670 10.50 -3.36 31.30
C LEU B 670 10.07 -3.62 29.87
N SER B 671 8.83 -4.07 29.69
CA SER B 671 8.17 -4.32 28.38
C SER B 671 6.69 -3.91 28.38
N LEU B 672 6.20 -3.24 27.34
CA LEU B 672 4.75 -3.00 27.26
C LEU B 672 4.34 -2.87 25.80
N TYR B 673 3.55 -3.83 25.34
CA TYR B 673 3.03 -3.83 23.98
C TYR B 673 1.52 -3.93 23.99
N THR B 674 0.87 -2.96 23.36
CA THR B 674 -0.60 -2.85 23.39
C THR B 674 -1.19 -2.49 21.99
N SER B 675 -2.31 -3.13 21.63
CA SER B 675 -3.10 -2.63 20.49
C SER B 675 -4.50 -2.22 20.95
N TYR B 676 -5.14 -1.30 20.23
CA TYR B 676 -6.56 -0.91 20.50
C TYR B 676 -7.43 -0.94 19.23
N LYS B 677 -8.58 -1.60 19.34
CA LYS B 677 -9.43 -1.75 18.20
C LYS B 677 -10.66 -0.90 18.43
N PHE B 678 -10.79 0.18 17.66
CA PHE B 678 -11.82 1.19 17.91
C PHE B 678 -13.22 0.63 17.69
N LYS B 679 -14.19 1.44 18.11
CA LYS B 679 -15.57 1.07 18.08
C LYS B 679 -16.36 2.05 17.20
N GLY B 680 -17.48 1.53 16.68
CA GLY B 680 -18.43 2.27 15.86
C GLY B 680 -17.89 2.96 14.62
N ALA B 681 -17.91 4.29 14.66
CA ALA B 681 -17.61 5.13 13.49
C ALA B 681 -16.22 4.85 12.88
N LEU B 682 -15.25 4.52 13.72
CA LEU B 682 -13.92 4.27 13.27
C LEU B 682 -13.59 2.82 13.52
N ASP B 683 -14.48 1.88 13.24
CA ASP B 683 -14.26 0.47 13.72
C ASP B 683 -13.38 -0.40 12.83
N LYS B 684 -13.06 0.14 11.67
CA LYS B 684 -12.08 -0.46 10.78
C LYS B 684 -10.58 -0.09 11.15
N LEU B 685 -10.39 0.74 12.18
CA LEU B 685 -9.07 1.19 12.59
C LEU B 685 -8.56 0.39 13.78
N THR B 686 -7.30 -0.04 13.71
CA THR B 686 -6.63 -0.61 14.87
C THR B 686 -5.35 0.14 15.12
N VAL B 687 -5.21 0.68 16.33
CA VAL B 687 -4.03 1.48 16.66
C VAL B 687 -3.19 0.73 17.67
N GLY B 688 -1.88 0.75 17.55
CA GLY B 688 -1.09 0.22 18.63
C GLY B 688 0.30 0.78 18.84
N GLY B 689 0.92 0.44 19.94
CA GLY B 689 2.31 0.81 20.12
C GLY B 689 2.88 0.07 21.29
N GLY B 690 4.13 0.34 21.59
CA GLY B 690 4.80 -0.34 22.67
C GLY B 690 6.11 0.30 22.96
N ALA B 691 6.59 0.10 24.17
CA ALA B 691 7.90 0.57 24.51
C ALA B 691 8.64 -0.50 25.29
N ARG B 692 9.96 -0.60 25.09
CA ARG B 692 10.79 -1.43 25.97
C ARG B 692 11.75 -0.52 26.72
N TRP B 693 11.93 -0.68 28.04
CA TRP B 693 13.03 0.01 28.73
C TRP B 693 14.00 -0.97 29.34
N GLN B 694 15.27 -0.58 29.40
CA GLN B 694 16.26 -1.28 30.29
C GLN B 694 17.30 -0.33 30.95
N GLY B 695 18.05 -0.86 31.90
CA GLY B 695 19.04 -0.08 32.63
C GLY B 695 20.47 -0.44 32.27
N LYS B 696 21.43 0.21 32.94
CA LYS B 696 22.85 -0.08 32.75
C LYS B 696 23.10 -1.56 32.46
N SER B 697 23.75 -1.83 31.32
CA SER B 697 24.50 -3.07 31.19
C SER B 697 25.85 -2.66 30.69
N TRP B 698 26.84 -3.54 30.91
CA TRP B 698 28.24 -3.21 30.68
C TRP B 698 29.09 -4.43 30.46
N GLN B 699 30.13 -4.25 29.66
CA GLN B 699 31.10 -5.33 29.44
C GLN B 699 32.45 -4.91 29.93
N MET B 700 33.18 -5.90 30.38
CA MET B 700 34.49 -5.70 30.85
C MET B 700 35.46 -6.21 29.76
N VAL B 701 36.03 -5.26 28.98
CA VAL B 701 36.93 -5.56 27.82
C VAL B 701 38.39 -5.17 27.98
N TYR B 702 39.25 -6.02 27.45
CA TYR B 702 40.71 -5.89 27.54
C TYR B 702 41.28 -5.26 26.29
N ASN B 703 41.71 -4.01 26.39
CA ASN B 703 42.51 -3.34 25.38
C ASN B 703 43.94 -3.91 25.26
N ASN B 704 44.23 -4.76 24.28
CA ASN B 704 45.51 -5.47 24.16
C ASN B 704 46.67 -4.48 23.86
N PRO B 705 46.51 -3.64 22.83
CA PRO B 705 47.69 -2.87 22.54
C PRO B 705 48.02 -1.86 23.68
N ARG B 706 47.08 -1.57 24.58
CA ARG B 706 47.36 -0.63 25.68
C ARG B 706 47.45 -1.39 26.99
N SER B 707 47.39 -2.71 26.87
CA SER B 707 47.55 -3.59 27.98
C SER B 707 46.80 -3.19 29.23
N ARG B 708 45.46 -3.13 29.13
CA ARG B 708 44.63 -2.67 30.25
C ARG B 708 43.12 -3.00 30.16
N TRP B 709 42.46 -3.27 31.29
CA TRP B 709 41.01 -3.40 31.20
C TRP B 709 40.33 -2.02 31.11
N GLU B 710 39.20 -1.98 30.42
CA GLU B 710 38.33 -0.80 30.41
C GLU B 710 36.91 -1.26 30.70
N LYS B 711 36.17 -0.49 31.46
CA LYS B 711 34.76 -0.85 31.57
C LYS B 711 33.99 -0.24 30.40
N PHE B 712 33.17 -1.01 29.69
CA PHE B 712 32.26 -0.42 28.69
C PHE B 712 30.84 -0.51 29.15
N SER B 713 30.19 0.65 29.21
CA SER B 713 28.81 0.77 29.71
C SER B 713 27.82 1.05 28.61
N GLN B 714 26.58 0.65 28.79
CA GLN B 714 25.51 1.08 27.90
C GLN B 714 24.48 1.65 28.86
N GLU B 715 24.27 2.97 28.78
CA GLU B 715 23.30 3.60 29.64
C GLU B 715 21.91 3.03 29.35
N ASP B 716 21.00 3.18 30.32
CA ASP B 716 19.61 2.73 30.19
C ASP B 716 19.00 3.41 28.97
N TYR B 717 17.99 2.81 28.36
CA TYR B 717 17.41 3.41 27.16
C TYR B 717 16.07 2.84 26.81
N TRP B 718 15.22 3.65 26.20
CA TRP B 718 13.95 3.18 25.67
C TRP B 718 14.05 2.81 24.18
N LEU B 719 13.28 1.81 23.78
CA LEU B 719 12.85 1.65 22.39
C LEU B 719 11.33 1.78 22.26
N VAL B 720 10.83 2.84 21.65
CA VAL B 720 9.41 2.95 21.49
C VAL B 720 9.12 2.40 20.10
N ASP B 721 8.03 1.67 19.91
CA ASP B 721 7.54 1.45 18.52
C ASP B 721 6.02 1.53 18.33
N LEU B 722 5.55 2.01 17.17
CA LEU B 722 4.13 2.38 16.96
C LEU B 722 3.53 1.56 15.81
N MET B 723 2.22 1.51 15.73
CA MET B 723 1.57 0.53 14.89
C MET B 723 0.20 1.02 14.41
N ALA B 724 -0.24 0.65 13.20
CA ALA B 724 -1.63 0.95 12.75
C ALA B 724 -2.09 0.03 11.62
N ARG B 725 -3.33 -0.47 11.70
CA ARG B 725 -3.92 -1.25 10.62
C ARG B 725 -5.24 -0.59 10.24
N TYR B 726 -5.63 -0.68 8.96
CA TYR B 726 -7.00 -0.30 8.60
C TYR B 726 -7.60 -1.34 7.66
N GLN B 727 -8.84 -1.71 7.93
CA GLN B 727 -9.48 -2.86 7.36
C GLN B 727 -10.33 -2.33 6.21
N ILE B 728 -9.64 -1.99 5.13
CA ILE B 728 -10.26 -1.28 3.98
C ILE B 728 -11.45 -1.99 3.39
N THR B 729 -11.26 -3.23 3.00
CA THR B 729 -12.26 -4.06 2.35
C THR B 729 -12.61 -5.15 3.34
N ASP B 730 -13.49 -6.09 2.99
CA ASP B 730 -13.83 -7.19 3.93
C ASP B 730 -12.62 -8.13 3.96
N LYS B 731 -11.95 -8.18 2.81
CA LYS B 731 -10.90 -9.15 2.49
C LYS B 731 -9.51 -8.50 2.60
N LEU B 732 -9.47 -7.17 2.49
CA LEU B 732 -8.22 -6.46 2.36
C LEU B 732 -7.99 -5.44 3.45
N SER B 733 -6.88 -5.59 4.17
CA SER B 733 -6.39 -4.63 5.16
C SER B 733 -4.97 -4.11 4.81
N ALA B 734 -4.66 -2.90 5.34
CA ALA B 734 -3.34 -2.25 5.22
C ALA B 734 -2.74 -1.81 6.61
N SER B 735 -1.50 -2.23 6.86
CA SER B 735 -0.79 -1.87 8.08
C SER B 735 0.43 -0.96 7.86
N VAL B 736 0.81 -0.27 8.95
CA VAL B 736 2.11 0.35 9.06
C VAL B 736 2.77 0.04 10.43
N ASN B 737 4.05 -0.36 10.37
CA ASN B 737 4.92 -0.39 11.57
C ASN B 737 6.08 0.60 11.53
N VAL B 738 6.12 1.50 12.51
CA VAL B 738 7.36 2.20 12.80
C VAL B 738 7.98 1.56 14.03
N ASN B 739 9.29 1.26 13.93
CA ASN B 739 10.09 0.64 15.04
C ASN B 739 11.28 1.49 15.41
N ASN B 740 11.51 1.62 16.72
CA ASN B 740 12.51 2.55 17.26
C ASN B 740 12.24 3.95 16.74
N VAL B 741 11.04 4.42 17.03
CA VAL B 741 10.56 5.75 16.58
C VAL B 741 11.52 6.91 16.89
N PHE B 742 12.12 6.93 18.06
CA PHE B 742 13.08 7.98 18.37
C PHE B 742 14.48 7.75 17.83
N ASP B 743 14.65 6.82 16.92
CA ASP B 743 16.01 6.60 16.34
C ASP B 743 17.17 6.41 17.35
N LYS B 744 16.89 5.74 18.47
CA LYS B 744 17.86 5.63 19.51
C LYS B 744 19.07 4.83 19.01
N THR B 745 20.28 5.41 19.07
CA THR B 745 21.42 4.57 18.70
C THR B 745 21.91 3.90 19.97
N TYR B 746 22.13 2.60 19.94
CA TYR B 746 22.51 1.87 21.14
C TYR B 746 23.36 0.70 20.74
N TYR B 747 23.75 -0.19 21.63
CA TYR B 747 24.59 -1.34 21.24
C TYR B 747 23.99 -2.67 21.64
N THR B 748 24.11 -3.65 20.76
CA THR B 748 23.61 -5.02 21.06
C THR B 748 24.78 -5.92 21.35
N ASN B 749 25.97 -5.42 21.05
CA ASN B 749 27.19 -6.08 21.44
C ASN B 749 28.30 -5.12 21.73
N ILE B 750 28.91 -5.32 22.88
CA ILE B 750 30.22 -4.77 23.18
C ILE B 750 30.99 -5.88 23.90
N GLY B 751 32.19 -6.19 23.44
CA GLY B 751 33.02 -7.08 24.17
C GLY B 751 33.27 -8.39 23.45
N PHE B 752 32.36 -8.74 22.54
CA PHE B 752 32.50 -10.07 21.93
C PHE B 752 33.74 -10.09 21.07
N TYR B 753 34.79 -10.83 21.53
CA TYR B 753 36.10 -10.81 20.87
C TYR B 753 36.46 -9.37 20.58
N THR B 754 36.21 -8.53 21.57
CA THR B 754 36.67 -7.18 21.58
C THR B 754 36.08 -6.48 20.41
N SER B 755 34.77 -6.52 20.26
CA SER B 755 34.11 -5.80 19.17
C SER B 755 32.81 -5.15 19.62
N ALA B 756 32.14 -4.54 18.66
CA ALA B 756 30.88 -3.92 18.94
C ALA B 756 29.92 -4.06 17.81
N SER B 757 28.67 -4.33 18.18
CA SER B 757 27.54 -4.33 17.25
C SER B 757 26.49 -3.26 17.62
N TYR B 758 26.03 -2.50 16.62
CA TYR B 758 24.91 -1.51 16.81
C TYR B 758 23.55 -2.17 16.73
N GLY B 759 22.57 -1.57 17.39
CA GLY B 759 21.14 -1.99 17.34
C GLY B 759 20.49 -1.35 16.13
N ASP B 760 19.28 -1.74 15.75
CA ASP B 760 18.66 -1.17 14.49
C ASP B 760 18.30 0.32 14.55
N PRO B 761 18.70 1.08 13.55
CA PRO B 761 18.12 2.43 13.53
C PRO B 761 16.59 2.41 13.37
N ARG B 762 15.92 3.51 13.67
CA ARG B 762 14.48 3.63 13.39
C ARG B 762 14.14 2.99 12.04
N ASN B 763 13.10 2.19 11.95
CA ASN B 763 12.75 1.56 10.66
C ASN B 763 11.24 1.38 10.49
N LEU B 764 10.78 1.29 9.24
CA LEU B 764 9.35 1.13 8.93
C LEU B 764 9.05 -0.16 8.19
N MET B 765 7.86 -0.70 8.42
CA MET B 765 7.36 -1.80 7.60
C MET B 765 5.95 -1.49 7.08
N PHE B 766 5.79 -1.42 5.77
CA PHE B 766 4.46 -1.29 5.12
C PHE B 766 3.93 -2.64 4.63
N SER B 767 2.64 -2.87 4.91
CA SER B 767 2.07 -4.21 4.84
C SER B 767 0.65 -4.27 4.28
N THR B 768 0.42 -5.17 3.31
CA THR B 768 -0.92 -5.50 2.76
C THR B 768 -1.29 -6.98 2.87
N ARG B 769 -2.40 -7.24 3.56
CA ARG B 769 -2.86 -8.59 3.75
C ARG B 769 -4.23 -8.74 3.12
N TRP B 770 -4.36 -9.68 2.19
CA TRP B 770 -5.65 -10.10 1.71
C TRP B 770 -6.01 -11.49 2.26
N ASP B 771 -7.12 -11.60 3.01
CA ASP B 771 -7.69 -12.90 3.50
C ASP B 771 -8.79 -13.42 2.59
N PHE B 772 -8.58 -14.54 1.92
CA PHE B 772 -9.68 -15.09 1.12
C PHE B 772 -10.58 -15.95 1.97
N DSN C 1 34.49 -20.96 22.42
CA DSN C 1 35.49 -22.03 22.13
C DSN C 1 35.90 -21.75 20.69
O DSN C 1 35.09 -21.95 19.78
CB DSN C 1 36.65 -21.96 23.16
OG DSN C 1 37.94 -22.00 22.56
N ALA C 2 37.16 -21.34 20.46
CA ALA C 2 37.50 -20.45 19.35
C ALA C 2 37.40 -20.81 17.81
C AHO C 3 38.42 -22.13 15.15
CA AHO C 3 37.14 -22.42 15.92
C3 AHO C 3 35.98 -21.72 15.15
C4 AHO C 3 34.69 -22.52 15.17
C5 AHO C 3 33.49 -21.80 14.54
C6 AHO C 3 32.75 -19.49 14.43
C7 AHO C 3 32.61 -19.78 12.96
N AHO C 3 37.20 -22.07 17.41
N2 AHO C 3 33.19 -20.52 15.18
O AHO C 3 38.52 -21.10 14.44
O2 AHO C 3 33.31 -20.38 16.40
O3 AHO C 3 32.45 -18.36 14.84
N ORN C 4 39.41 -23.03 15.24
CA ORN C 4 40.82 -22.69 14.89
CB ORN C 4 41.03 -22.28 13.41
CG ORN C 4 42.51 -22.09 13.01
CD ORN C 4 42.81 -21.04 11.89
NE ORN C 4 43.11 -19.69 12.39
C ORN C 4 41.25 -21.53 15.78
O ORN C 4 40.66 -21.32 16.86
N DAS C 5 42.28 -20.80 15.35
CA DAS C 5 42.73 -19.62 16.09
C DAS C 5 41.62 -18.61 16.43
O DAS C 5 41.51 -18.08 17.54
CB DAS C 5 43.79 -19.90 17.21
CG DAS C 5 43.26 -20.80 18.33
OD1 DAS C 5 42.22 -20.40 18.92
OD2 DAS C 5 43.88 -21.87 18.64
C AHO C 6 41.76 -16.72 14.40
CA AHO C 6 40.36 -17.17 14.84
C3 AHO C 6 39.48 -16.24 15.70
C4 AHO C 6 38.18 -16.91 16.15
C5 AHO C 6 37.01 -16.77 15.17
C6 AHO C 6 34.77 -16.11 15.96
C7 AHO C 6 35.15 -14.75 15.43
N AHO C 6 40.75 -18.47 15.43
N2 AHO C 6 35.71 -17.01 15.82
O AHO C 6 42.24 -15.63 14.75
O2 AHO C 6 35.35 -18.11 16.25
O3 AHO C 6 33.68 -16.37 16.48
N SER C 7 42.36 -17.62 13.62
CA SER C 7 43.83 -17.80 13.44
C SER C 7 44.12 -19.32 13.11
C01 N8E D . -4.25 0.93 -36.27
C02 N8E D . -4.23 0.93 -34.73
C03 N8E D . -3.06 1.75 -34.16
C04 N8E D . -2.76 1.37 -32.71
C05 N8E D . -1.37 1.77 -32.18
C06 N8E D . -1.15 1.13 -30.80
C07 N8E D . 0.31 0.80 -30.42
C08 N8E D . 0.48 -0.17 -29.22
O09 N8E D . 1.87 -0.50 -28.99
C10 N8E D . 2.28 -0.51 -27.61
C11 N8E D . 3.74 -0.10 -27.57
O12 N8E D . 4.22 0.20 -26.26
C13 N8E D . 5.64 0.10 -26.14
C14 N8E D . 5.95 -0.47 -24.77
O15 N8E D . 7.19 0.13 -24.38
C16 N8E D . 8.04 -0.68 -23.55
C17 N8E D . 9.55 -0.52 -23.86
O18 N8E D . 10.37 -1.62 -23.42
C19 N8E D . 10.85 -2.37 -24.53
C20 N8E D . 11.48 -3.71 -24.12
O21 N8E D . 12.62 -3.51 -23.28
C22 N8E D . 13.70 -4.43 -23.57
C23 N8E D . 14.88 -4.22 -22.61
O24 N8E D . 14.72 -2.95 -21.96
C01 N8E E . -17.51 6.68 8.01
C01 N8E E . 16.36 6.78 10.12
C02 N8E E . -16.26 5.81 8.17
C02 N8E E . 15.26 7.49 9.34
C03 N8E E . -14.94 6.45 7.70
C03 N8E E . 13.89 6.83 9.46
C04 N8E E . -13.68 6.02 8.51
C04 N8E E . 12.77 7.63 8.78
C05 N8E E . -12.67 7.12 8.85
C05 N8E E . 11.55 7.92 9.68
C06 N8E E . -11.20 6.64 8.93
C06 N8E E . 10.20 7.99 8.96
C07 N8E E . -10.14 7.76 8.97
C07 N8E E . 8.98 7.93 9.88
C08 N8E E . -8.82 7.41 9.70
C08 N8E E . 7.68 8.45 9.21
O09 N8E E . -7.97 6.47 8.99
O09 N8E E . 6.54 7.57 9.37
C10 N8E E . -6.55 6.63 9.20
C10 N8E E . 5.24 8.02 8.93
C11 N8E E . -5.70 5.75 8.26
C11 N8E E . 4.43 6.86 8.36
O12 N8E E . -4.46 5.28 8.88
O12 N8E E . 3.31 7.32 7.57
C13 N8E E . -4.09 3.90 8.64
C13 N8E E . 3.32 6.91 6.18
C14 N8E E . -2.62 3.76 8.22
C14 N8E E . 1.99 7.16 5.47
O15 N8E E . -2.39 2.58 7.42
O15 N8E E . 1.78 6.26 4.37
C16 N8E E . -1.23 2.79 6.58
C16 N8E E . 0.73 5.33 4.65
C17 N8E E . -1.39 2.33 5.14
C17 N8E E . 0.46 4.41 3.47
O18 N8E E . -0.22 1.67 4.61
O18 N8E E . 0.03 3.06 3.86
C19 N8E E . -0.30 1.20 3.24
C19 N8E E . 0.11 2.11 2.74
C20 N8E E . 0.18 -0.27 2.99
C20 N8E E . -1.16 1.29 2.39
O21 N8E E . 0.98 -0.48 1.79
O21 N8E E . -1.31 1.04 0.97
C22 N8E E . 1.45 -1.83 1.63
C22 N8E E . -1.60 -0.34 0.52
C23 N8E E . 2.73 -1.93 0.78
C23 N8E E . -2.84 -0.45 -0.40
O24 N8E E . 2.94 -3.27 0.24
O24 N8E E . -2.78 -1.42 -1.47
P PO4 F . -31.19 -5.51 -21.09
O1 PO4 F . -31.86 -5.21 -19.75
O2 PO4 F . -30.07 -4.53 -21.40
O3 PO4 F . -32.25 -5.43 -22.16
O4 PO4 F . -30.68 -6.94 -20.96
P PO4 G . -17.50 9.44 -9.97
O1 PO4 G . -16.08 9.60 -9.37
O2 PO4 G . -17.46 9.53 -11.50
O3 PO4 G . -18.33 10.63 -9.47
O4 PO4 G . -18.09 8.14 -9.39
P PO4 H . 2.95 9.73 -13.57
O1 PO4 H . 1.94 9.87 -12.48
O2 PO4 H . 3.68 11.05 -13.76
O3 PO4 H . 2.29 9.39 -14.89
O4 PO4 H . 3.86 8.60 -13.13
P PO4 I . -15.74 1.74 -36.68
O1 PO4 I . -14.53 2.27 -35.94
O2 PO4 I . -16.55 2.78 -37.43
O3 PO4 I . -16.71 1.12 -35.69
O4 PO4 I . -15.13 0.77 -37.67
P PO4 J . 7.11 8.68 -14.02
O1 PO4 J . 6.58 9.30 -12.76
O2 PO4 J . 6.97 9.59 -15.22
O3 PO4 J . 6.30 7.43 -14.31
O4 PO4 J . 8.58 8.36 -13.87
P PO4 K . -0.43 7.54 -12.93
O1 PO4 K . 0.12 6.82 -11.72
O2 PO4 K . -0.32 9.04 -12.82
O3 PO4 K . -1.90 7.18 -13.11
O4 PO4 K . 0.34 7.18 -14.16
P PO4 L . 32.49 -19.77 -1.84
O1 PO4 L . 32.54 -18.65 -0.82
O2 PO4 L . 33.85 -20.41 -2.00
O3 PO4 L . 32.16 -19.08 -3.18
O4 PO4 L . 31.46 -20.79 -1.31
P PO4 M . 17.11 -10.13 12.67
O1 PO4 M . 15.68 -9.56 12.61
O2 PO4 M . 17.09 -11.66 12.63
O3 PO4 M . 17.78 -9.69 13.95
O4 PO4 M . 18.00 -9.73 11.51
P PO4 N . -2.73 -15.83 10.96
O1 PO4 N . -2.92 -14.69 11.92
O2 PO4 N . -2.98 -17.15 11.70
O3 PO4 N . -1.35 -15.83 10.31
O4 PO4 N . -3.70 -15.61 9.82
P PO4 O . 18.05 -36.83 4.58
O1 PO4 O . 16.91 -35.86 4.76
O2 PO4 O . 19.33 -36.01 4.47
O3 PO4 O . 17.88 -37.59 3.28
O4 PO4 O . 18.13 -37.78 5.75
O23 PVE P . 26.74 -13.43 25.65
C22 PVE P . 27.59 -14.36 25.57
O24 PVE P . 28.79 -14.01 25.47
C21 PVE P . 27.12 -15.85 25.51
C20 PVE P . 27.79 -17.07 26.22
C18 PVE P . 27.97 -18.44 25.19
O19 PVE P . 27.75 -19.65 25.18
N17 PVE P . 28.86 -17.75 24.45
C3 PVE P . 29.86 -18.14 23.49
C4 PVE P . 29.70 -17.88 22.12
C10 PVE P . 30.73 -18.16 21.20
C5 PVE P . 30.56 -17.93 19.82
C6 PVE P . 31.60 -18.24 18.93
O25 PVE P . 31.57 -18.06 17.56
C7 PVE P . 32.77 -18.75 19.42
O26 PVE P . 33.72 -19.02 18.51
C8 PVE P . 32.95 -18.97 20.78
C9 PVE P . 31.93 -18.69 21.70
N1 PVE P . 32.09 -18.95 23.04
C14 PVE P . 33.34 -19.51 23.57
C15 PVE P . 33.51 -21.00 23.24
C2 PVE P . 31.09 -18.65 23.90
N11 PVE P . 31.26 -18.89 25.22
C12 PVE P . 32.21 -19.88 25.72
C13 PVE P . 33.49 -19.38 25.07
OXT PVE P . 32.59 -21.82 23.22
FE FE Q . 33.37 -18.37 16.63
#